data_9JR9
#
_entry.id   9JR9
#
_cell.length_a   1.00
_cell.length_b   1.00
_cell.length_c   1.00
_cell.angle_alpha   90.00
_cell.angle_beta   90.00
_cell.angle_gamma   90.00
#
_symmetry.space_group_name_H-M   'P 1'
#
loop_
_entity.id
_entity.type
_entity.pdbx_description
1 polymer 'Protein SLFN14'
2 non-polymer 'ZINC ION'
#
_entity_poly.entity_id   1
_entity_poly.type   'polypeptide(L)'
_entity_poly.pdbx_seq_one_letter_code
;MESLKTDTEMPYPEVIVDVGRVIFGEENRKKMTNSCLKRSENSRIIRAICALLNSGGGVIKAEIDDKTYSYQCHGLGQDL
ETSFQKLLPSGSQKYLDYMQQGHNLLIFVKSWSPDVFSLPLRICSLRSNLYRRDVTSAINLSASSALELLREKGFRAQRG
RPRVKKLHPQQVLNRCIQEEEDMRILASEFFKKDKLMYKEKLNFTESTHVAFKRFTTKKVIPRIKEMLPHYVSAFANTQG
GYVLIGVDDKSKEVVGCKWEKVNPDLLKKEIENCIEKLPTFHFCCEKPKVNFTTKILNVYQKDVLDGYVCVIQVEPFCCV
VFAEAPDSWIMKDNSVTRLTAEQWVVMMLDTQSAPPSLVTDYNSSLISSASSARKSPGYPIKVHKFKEALQRHLFPVTQE
EVQFKPESLCKKLFSDHKELEGLMKTLIHPCSQGIVIFSRSWAGDVGFRKEQNVLCDALLIAVNSPVVLYTILIDPNWPG
GLEYARNTAHQLKQKLQTVGGYTGKVCIIPRLIHLSSTQSRPGEIPLRYPRSYRLADEEEMEDLLQALVVVSLSSRSLLS
DQMGCEFFNLLIMEQSQLLSESLQKTRELFIYCFPGVRKTALAIKIMEKIKDLFHCKPKEILYVCESDSLKDFVTQQTTC
QAVTRKTFMQGEFLKIKHIVMDETENFCSKYGNWYMKAKNITHPKAKGTGSENLHHGILWLFLDPFQIHHADVNGLPPPS
AQFPRKTITSGIHCALEIAKVMKEEMKRIKENPPSNMSPDTLALFSETAYEEATSAQALPGVCETKTNLTTEQIANYVAR
KCHSLFQSGYLPKDIAILCRRGEDRGRYRLALLKAMELIETHRPSEVVFSPATGVWGSHIVLDSIQQFSGLERTVVFGLS
PECDQSEEFHKLCFASRAIKHLYLLYEKRAAY
;
_entity_poly.pdbx_strand_id   A,B
#
loop_
_chem_comp.id
_chem_comp.type
_chem_comp.name
_chem_comp.formula
ZN non-polymer 'ZINC ION' 'Zn 2'
#
# COMPACT_ATOMS: atom_id res chain seq x y z
N MET A 1 -15.48 -32.00 15.53
CA MET A 1 -14.49 -31.73 16.56
C MET A 1 -14.96 -30.63 17.51
N GLU A 2 -15.31 -31.01 18.73
CA GLU A 2 -15.64 -30.01 19.73
C GLU A 2 -14.39 -29.26 20.18
N SER A 3 -13.40 -29.99 20.70
CA SER A 3 -12.12 -29.42 21.07
C SER A 3 -11.00 -30.04 20.25
N LEU A 4 -10.83 -31.36 20.29
CA LEU A 4 -9.76 -32.07 19.60
C LEU A 4 -10.11 -33.55 19.58
N LYS A 5 -9.16 -34.38 19.16
CA LYS A 5 -9.32 -35.82 19.14
C LYS A 5 -8.25 -36.46 20.00
N THR A 6 -8.64 -37.51 20.73
CA THR A 6 -7.74 -38.13 21.70
C THR A 6 -6.65 -38.94 21.00
N ASP A 7 -5.41 -38.74 21.46
CA ASP A 7 -4.25 -39.50 20.97
C ASP A 7 -3.30 -39.67 22.14
N THR A 8 -3.40 -40.81 22.83
CA THR A 8 -2.60 -41.03 24.01
C THR A 8 -1.12 -41.15 23.67
N GLU A 9 -0.79 -41.84 22.57
CA GLU A 9 0.61 -42.09 22.24
C GLU A 9 1.34 -40.79 21.92
N MET A 10 0.72 -39.91 21.12
CA MET A 10 1.30 -38.63 20.73
C MET A 10 0.31 -37.53 21.06
N PRO A 11 0.23 -37.12 22.32
CA PRO A 11 -0.75 -36.09 22.72
C PRO A 11 -0.27 -34.68 22.41
N TYR A 12 -0.08 -34.41 21.13
CA TYR A 12 0.36 -33.09 20.72
C TYR A 12 -0.80 -32.11 20.73
N PRO A 13 -0.53 -30.83 21.00
CA PRO A 13 -1.58 -29.82 20.89
C PRO A 13 -2.19 -29.71 19.50
N GLU A 14 -1.40 -29.92 18.45
CA GLU A 14 -1.84 -29.65 17.10
C GLU A 14 -2.62 -30.83 16.53
N VAL A 15 -3.24 -30.60 15.39
CA VAL A 15 -4.00 -31.64 14.70
C VAL A 15 -3.02 -32.63 14.07
N ILE A 16 -3.37 -33.91 14.13
CA ILE A 16 -2.50 -35.00 13.69
C ILE A 16 -3.15 -35.71 12.53
N VAL A 17 -2.40 -35.89 11.45
CA VAL A 17 -2.85 -36.59 10.26
C VAL A 17 -2.09 -37.90 10.17
N ASP A 18 -2.82 -39.01 10.12
CA ASP A 18 -2.21 -40.33 10.03
C ASP A 18 -2.19 -40.77 8.58
N VAL A 19 -1.00 -40.84 7.99
CA VAL A 19 -0.84 -41.23 6.60
C VAL A 19 -0.49 -42.70 6.44
N GLY A 20 -0.67 -43.50 7.48
CA GLY A 20 -0.49 -44.94 7.37
C GLY A 20 0.97 -45.34 7.22
N ARG A 21 1.16 -46.57 6.77
CA ARG A 21 2.49 -47.10 6.58
C ARG A 21 3.10 -46.55 5.30
N VAL A 22 4.32 -46.01 5.41
CA VAL A 22 5.03 -45.45 4.27
C VAL A 22 6.45 -45.99 4.30
N ILE A 23 7.02 -46.17 3.11
CA ILE A 23 8.41 -46.59 2.96
C ILE A 23 9.26 -45.33 2.84
N PHE A 24 10.30 -45.24 3.67
CA PHE A 24 11.14 -44.06 3.73
C PHE A 24 12.60 -44.44 3.53
N GLY A 25 13.36 -43.55 2.93
CA GLY A 25 14.77 -43.79 2.69
C GLY A 25 15.10 -43.78 1.22
N GLU A 26 16.19 -43.09 0.85
CA GLU A 26 16.54 -42.95 -0.56
C GLU A 26 16.73 -44.32 -1.22
N GLU A 27 17.49 -45.20 -0.57
CA GLU A 27 17.72 -46.52 -1.14
C GLU A 27 16.42 -47.31 -1.24
N ASN A 28 15.58 -47.23 -0.21
CA ASN A 28 14.33 -47.98 -0.23
C ASN A 28 13.34 -47.40 -1.24
N ARG A 29 13.31 -46.07 -1.37
CA ARG A 29 12.43 -45.45 -2.36
C ARG A 29 12.85 -45.81 -3.78
N LYS A 30 14.16 -45.82 -4.06
CA LYS A 30 14.62 -46.14 -5.40
C LYS A 30 14.32 -47.57 -5.78
N LYS A 31 14.50 -48.50 -4.83
CA LYS A 31 14.41 -49.93 -5.11
C LYS A 31 12.99 -50.47 -5.03
N MET A 32 11.98 -49.60 -4.97
CA MET A 32 10.61 -50.07 -4.90
C MET A 32 10.14 -50.58 -6.26
N THR A 33 9.62 -51.80 -6.29
CA THR A 33 9.13 -52.37 -7.54
C THR A 33 7.75 -51.80 -7.90
N ASN A 34 6.93 -51.52 -6.91
CA ASN A 34 5.55 -51.09 -7.14
C ASN A 34 5.52 -49.58 -7.28
N SER A 35 5.28 -49.10 -8.49
CA SER A 35 5.22 -47.65 -8.73
C SER A 35 3.90 -47.07 -8.24
N CYS A 36 2.82 -47.86 -8.30
CA CYS A 36 1.53 -47.38 -7.83
C CYS A 36 1.56 -47.06 -6.35
N LEU A 37 2.19 -47.92 -5.54
CA LEU A 37 2.33 -47.63 -4.11
C LEU A 37 3.18 -46.39 -3.88
N LYS A 38 4.24 -46.23 -4.67
CA LYS A 38 5.08 -45.04 -4.57
C LYS A 38 4.26 -43.78 -4.78
N ARG A 39 3.51 -43.73 -5.88
CA ARG A 39 2.70 -42.57 -6.18
C ARG A 39 1.63 -42.34 -5.12
N SER A 40 1.00 -43.42 -4.63
CA SER A 40 -0.06 -43.27 -3.64
C SER A 40 0.49 -42.70 -2.34
N GLU A 41 1.63 -43.20 -1.87
CA GLU A 41 2.22 -42.69 -0.64
C GLU A 41 2.65 -41.24 -0.80
N ASN A 42 3.30 -40.91 -1.92
CA ASN A 42 3.70 -39.53 -2.15
C ASN A 42 2.50 -38.60 -2.20
N SER A 43 1.42 -39.03 -2.86
CA SER A 43 0.21 -38.22 -2.93
C SER A 43 -0.41 -38.03 -1.55
N ARG A 44 -0.48 -39.09 -0.75
CA ARG A 44 -1.02 -38.94 0.60
C ARG A 44 -0.23 -37.92 1.39
N ILE A 45 1.10 -38.03 1.37
CA ILE A 45 1.92 -37.11 2.17
C ILE A 45 1.76 -35.68 1.68
N ILE A 46 1.76 -35.46 0.37
CA ILE A 46 1.66 -34.09 -0.13
C ILE A 46 0.29 -33.49 0.13
N ARG A 47 -0.77 -34.30 -0.01
CA ARG A 47 -2.10 -33.80 0.31
C ARG A 47 -2.21 -33.42 1.77
N ALA A 48 -1.67 -34.26 2.66
CA ALA A 48 -1.70 -33.93 4.08
C ALA A 48 -0.92 -32.66 4.38
N ILE A 49 0.24 -32.48 3.73
CA ILE A 49 1.04 -31.28 3.94
C ILE A 49 0.29 -30.04 3.49
N CYS A 50 -0.34 -30.12 2.32
CA CYS A 50 -1.10 -28.97 1.83
C CYS A 50 -2.25 -28.63 2.76
N ALA A 51 -2.97 -29.65 3.24
CA ALA A 51 -4.08 -29.40 4.15
C ALA A 51 -3.59 -28.76 5.44
N LEU A 52 -2.49 -29.25 5.99
CA LEU A 52 -1.96 -28.67 7.22
C LEU A 52 -1.47 -27.25 7.00
N LEU A 53 -0.87 -26.98 5.85
CA LEU A 53 -0.43 -25.62 5.54
C LEU A 53 -1.60 -24.67 5.47
N ASN A 54 -2.69 -25.09 4.84
CA ASN A 54 -3.86 -24.23 4.68
C ASN A 54 -4.80 -24.25 5.89
N SER A 55 -4.51 -25.07 6.90
CA SER A 55 -5.42 -25.21 8.05
C SER A 55 -4.74 -24.88 9.37
N GLY A 56 -3.63 -24.14 9.33
CA GLY A 56 -3.01 -23.65 10.54
C GLY A 56 -1.82 -24.44 11.05
N GLY A 57 -1.44 -25.52 10.37
CA GLY A 57 -0.30 -26.30 10.80
C GLY A 57 -0.72 -27.54 11.57
N GLY A 58 0.22 -28.46 11.74
CA GLY A 58 -0.07 -29.71 12.41
C GLY A 58 1.10 -30.67 12.34
N VAL A 59 0.80 -31.94 12.59
CA VAL A 59 1.79 -33.01 12.62
C VAL A 59 1.29 -34.13 11.71
N ILE A 60 2.21 -34.72 10.95
CA ILE A 60 1.92 -35.87 10.11
C ILE A 60 2.63 -37.09 10.71
N LYS A 61 1.87 -38.16 10.93
CA LYS A 61 2.38 -39.37 11.55
C LYS A 61 2.42 -40.49 10.51
N ALA A 62 3.59 -41.05 10.29
CA ALA A 62 3.79 -42.13 9.34
C ALA A 62 4.49 -43.30 10.00
N GLU A 63 3.91 -44.49 9.87
CA GLU A 63 4.49 -45.70 10.41
C GLU A 63 5.56 -46.20 9.45
N ILE A 64 6.80 -46.29 9.93
CA ILE A 64 7.92 -46.61 9.06
C ILE A 64 7.94 -48.12 8.83
N ASP A 65 7.95 -48.52 7.56
CA ASP A 65 7.82 -49.94 7.22
C ASP A 65 9.04 -50.73 7.68
N ASP A 66 10.24 -50.26 7.36
CA ASP A 66 11.44 -50.98 7.72
C ASP A 66 11.77 -50.75 9.20
N LYS A 67 12.01 -51.85 9.91
CA LYS A 67 12.33 -51.77 11.33
C LYS A 67 13.78 -51.44 11.59
N THR A 68 14.60 -51.29 10.54
CA THR A 68 16.00 -50.95 10.67
C THR A 68 16.30 -49.56 10.10
N TYR A 69 15.28 -48.73 9.93
CA TYR A 69 15.43 -47.44 9.28
C TYR A 69 15.80 -46.37 10.29
N SER A 70 16.87 -45.64 10.01
CA SER A 70 17.28 -44.49 10.80
C SER A 70 17.37 -43.27 9.89
N TYR A 71 16.74 -42.18 10.31
CA TYR A 71 16.69 -40.99 9.47
C TYR A 71 18.07 -40.42 9.22
N GLN A 72 18.94 -40.44 10.23
CA GLN A 72 20.27 -39.88 10.06
C GLN A 72 21.09 -40.65 9.04
N CYS A 73 20.99 -41.99 9.07
CA CYS A 73 21.79 -42.79 8.17
C CYS A 73 21.21 -42.86 6.77
N HIS A 74 19.88 -43.00 6.66
CA HIS A 74 19.25 -43.31 5.39
C HIS A 74 18.76 -42.05 4.65
N GLY A 75 17.86 -41.31 5.25
CA GLY A 75 17.32 -40.11 4.64
C GLY A 75 15.81 -40.17 4.52
N LEU A 76 15.29 -39.34 3.62
CA LEU A 76 13.84 -39.22 3.44
C LEU A 76 13.34 -39.85 2.14
N GLY A 77 13.87 -39.44 0.99
CA GLY A 77 13.38 -39.92 -0.28
C GLY A 77 13.42 -38.84 -1.34
N GLN A 78 13.84 -39.20 -2.56
CA GLN A 78 14.05 -38.19 -3.59
C GLN A 78 12.72 -37.70 -4.17
N ASP A 79 11.78 -38.62 -4.42
CA ASP A 79 10.50 -38.23 -5.01
C ASP A 79 9.70 -37.36 -4.06
N LEU A 80 9.70 -37.72 -2.77
CA LEU A 80 9.05 -36.88 -1.78
C LEU A 80 9.66 -35.48 -1.75
N GLU A 81 10.97 -35.39 -1.92
CA GLU A 81 11.63 -34.10 -1.95
C GLU A 81 11.24 -33.28 -3.16
N THR A 82 11.20 -33.90 -4.34
CA THR A 82 10.75 -33.16 -5.50
C THR A 82 9.33 -32.65 -5.30
N SER A 83 8.46 -33.47 -4.69
CA SER A 83 7.11 -33.03 -4.39
C SER A 83 7.10 -31.86 -3.41
N PHE A 84 7.93 -31.93 -2.36
CA PHE A 84 8.00 -30.83 -1.40
C PHE A 84 8.44 -29.54 -2.08
N GLN A 85 9.45 -29.62 -2.93
CA GLN A 85 9.93 -28.43 -3.62
C GLN A 85 8.86 -27.88 -4.58
N LYS A 86 8.11 -28.78 -5.21
CA LYS A 86 7.01 -28.33 -6.07
C LYS A 86 5.94 -27.59 -5.27
N LEU A 87 5.62 -28.09 -4.08
CA LEU A 87 4.57 -27.47 -3.28
C LEU A 87 5.02 -26.15 -2.67
N LEU A 88 6.28 -26.07 -2.24
CA LEU A 88 6.82 -24.88 -1.57
C LEU A 88 8.01 -24.37 -2.36
N PRO A 89 7.80 -23.50 -3.36
CA PRO A 89 8.93 -22.98 -4.13
C PRO A 89 9.85 -22.09 -3.33
N SER A 90 9.33 -21.39 -2.32
CA SER A 90 10.16 -20.49 -1.53
C SER A 90 11.19 -21.26 -0.72
N GLY A 91 10.75 -22.31 -0.03
CA GLY A 91 11.65 -23.14 0.75
C GLY A 91 10.90 -24.06 1.69
N SER A 92 11.37 -25.30 1.83
CA SER A 92 10.67 -26.25 2.68
C SER A 92 11.20 -26.24 4.10
N GLN A 93 12.36 -25.63 4.35
CA GLN A 93 12.85 -25.55 5.73
C GLN A 93 11.96 -24.68 6.60
N LYS A 94 11.42 -23.59 6.04
CA LYS A 94 10.63 -22.67 6.83
C LYS A 94 9.30 -23.27 7.28
N TYR A 95 8.88 -24.38 6.68
CA TYR A 95 7.57 -24.94 6.99
C TYR A 95 7.60 -26.39 7.43
N LEU A 96 8.56 -27.19 6.98
CA LEU A 96 8.59 -28.62 7.25
C LEU A 96 9.81 -28.97 8.07
N ASP A 97 9.59 -29.65 9.19
CA ASP A 97 10.65 -30.19 10.02
C ASP A 97 10.37 -31.65 10.32
N TYR A 98 11.39 -32.48 10.18
CA TYR A 98 11.24 -33.93 10.26
C TYR A 98 11.80 -34.42 11.59
N MET A 99 11.25 -35.53 12.05
CA MET A 99 11.67 -36.13 13.32
C MET A 99 11.26 -37.58 13.32
N GLN A 100 12.14 -38.44 13.82
CA GLN A 100 11.87 -39.86 13.96
C GLN A 100 11.79 -40.19 15.45
N GLN A 101 10.60 -40.56 15.90
CA GLN A 101 10.40 -40.99 17.28
C GLN A 101 9.86 -42.41 17.23
N GLY A 102 10.59 -43.34 17.82
CA GLY A 102 10.20 -44.73 17.75
C GLY A 102 10.22 -45.23 16.32
N HIS A 103 9.13 -45.89 15.93
CA HIS A 103 8.96 -46.40 14.56
C HIS A 103 8.15 -45.45 13.70
N ASN A 104 7.88 -44.24 14.17
CA ASN A 104 7.05 -43.28 13.46
C ASN A 104 7.90 -42.10 13.03
N LEU A 105 7.71 -41.64 11.80
CA LEU A 105 8.33 -40.43 11.31
C LEU A 105 7.31 -39.31 11.35
N LEU A 106 7.64 -38.23 12.05
CA LEU A 106 6.74 -37.11 12.25
C LEU A 106 7.21 -35.93 11.42
N ILE A 107 6.33 -35.40 10.59
CA ILE A 107 6.61 -34.19 9.81
C ILE A 107 5.83 -33.04 10.41
N PHE A 108 6.52 -32.00 10.83
CA PHE A 108 5.92 -30.85 11.48
C PHE A 108 5.70 -29.76 10.43
N VAL A 109 4.46 -29.39 10.22
CA VAL A 109 4.08 -28.45 9.16
C VAL A 109 3.69 -27.13 9.82
N LYS A 110 4.35 -26.06 9.42
CA LYS A 110 4.02 -24.72 9.88
C LYS A 110 2.86 -24.16 9.05
N SER A 111 2.08 -23.29 9.69
CA SER A 111 0.98 -22.64 9.00
C SER A 111 1.51 -21.74 7.88
N TRP A 112 0.82 -21.77 6.75
CA TRP A 112 1.21 -20.96 5.60
C TRP A 112 0.86 -19.52 5.88
N SER A 113 1.84 -18.77 6.37
CA SER A 113 1.71 -17.33 6.49
C SER A 113 2.35 -16.69 5.27
N PRO A 114 1.62 -15.90 4.50
CA PRO A 114 2.22 -15.31 3.29
C PRO A 114 3.32 -14.34 3.68
N ASP A 115 4.51 -14.58 3.15
CA ASP A 115 5.65 -13.76 3.48
C ASP A 115 5.41 -12.31 3.07
N VAL A 116 5.75 -11.38 3.98
CA VAL A 116 5.47 -9.97 3.75
C VAL A 116 6.14 -9.48 2.48
N PHE A 117 7.37 -9.94 2.23
CA PHE A 117 8.08 -9.56 1.03
C PHE A 117 7.48 -10.21 -0.21
N SER A 118 6.85 -11.37 -0.05
CA SER A 118 6.35 -12.14 -1.17
C SER A 118 4.95 -11.69 -1.58
N LEU A 119 4.46 -12.26 -2.68
CA LEU A 119 3.12 -11.97 -3.14
C LEU A 119 2.10 -12.57 -2.18
N PRO A 120 0.97 -11.88 -1.96
CA PRO A 120 -0.01 -12.39 -0.99
C PRO A 120 -0.74 -13.65 -1.46
N LEU A 121 -0.01 -14.75 -1.40
CA LEU A 121 -0.58 -16.08 -1.69
C LEU A 121 -1.28 -16.56 -0.43
N ARG A 122 -2.61 -16.43 -0.40
CA ARG A 122 -3.34 -16.74 0.81
C ARG A 122 -3.24 -18.23 1.16
N ILE A 123 -3.32 -19.10 0.16
CA ILE A 123 -3.29 -20.54 0.40
C ILE A 123 -2.27 -21.18 -0.54
N CYS A 124 -1.86 -22.39 -0.18
CA CYS A 124 -0.89 -23.15 -0.94
C CYS A 124 -1.62 -24.21 -1.76
N SER A 125 -1.20 -24.39 -3.01
CA SER A 125 -1.82 -25.34 -3.92
C SER A 125 -0.75 -26.05 -4.73
N LEU A 126 -0.92 -27.36 -4.92
CA LEU A 126 -0.02 -28.11 -5.78
C LEU A 126 -0.10 -27.63 -7.22
N ARG A 127 -1.30 -27.58 -7.77
CA ARG A 127 -1.53 -27.22 -9.16
C ARG A 127 -2.81 -26.41 -9.24
N SER A 128 -2.77 -25.30 -9.97
CA SER A 128 -3.97 -24.48 -10.12
C SER A 128 -5.03 -25.18 -10.96
N ASN A 129 -4.59 -26.01 -11.90
CA ASN A 129 -5.42 -26.66 -12.92
C ASN A 129 -6.04 -25.62 -13.85
N LEU A 130 -5.63 -24.36 -13.73
CA LEU A 130 -5.94 -23.32 -14.69
C LEU A 130 -4.86 -23.33 -15.76
N TYR A 131 -5.23 -23.69 -16.98
CA TYR A 131 -4.29 -23.75 -18.07
C TYR A 131 -4.35 -22.49 -18.92
N ARG A 132 -3.17 -21.98 -19.26
CA ARG A 132 -3.05 -20.91 -20.22
C ARG A 132 -2.11 -21.41 -21.31
N ARG A 133 -2.40 -21.06 -22.56
CA ARG A 133 -1.68 -21.63 -23.68
C ARG A 133 -0.63 -20.65 -24.19
N ASP A 134 0.63 -21.01 -23.97
CA ASP A 134 1.72 -20.39 -24.71
C ASP A 134 1.82 -21.04 -26.08
N VAL A 135 2.79 -20.59 -26.86
CA VAL A 135 2.96 -21.10 -28.22
C VAL A 135 3.24 -22.60 -28.20
N THR A 136 2.32 -23.38 -28.76
CA THR A 136 2.43 -24.83 -28.89
C THR A 136 2.59 -25.55 -27.54
N SER A 137 2.01 -25.00 -26.47
CA SER A 137 2.03 -25.67 -25.18
C SER A 137 0.92 -25.13 -24.29
N ALA A 138 0.31 -26.02 -23.52
CA ALA A 138 -0.68 -25.65 -22.52
C ALA A 138 -0.06 -25.87 -21.14
N ILE A 139 0.11 -24.79 -20.39
CA ILE A 139 0.85 -24.80 -19.13
C ILE A 139 -0.13 -24.78 -17.97
N ASN A 140 0.00 -25.75 -17.08
CA ASN A 140 -0.71 -25.72 -15.80
C ASN A 140 -0.14 -24.60 -14.95
N LEU A 141 -0.90 -23.50 -14.83
CA LEU A 141 -0.38 -22.32 -14.16
C LEU A 141 -0.07 -22.60 -12.71
N SER A 142 1.01 -22.00 -12.22
CA SER A 142 1.34 -22.09 -10.81
C SER A 142 0.37 -21.24 -10.00
N ALA A 143 0.53 -21.30 -8.67
CA ALA A 143 -0.35 -20.53 -7.80
C ALA A 143 -0.21 -19.03 -8.05
N SER A 144 1.03 -18.54 -8.19
CA SER A 144 1.25 -17.12 -8.41
C SER A 144 0.63 -16.68 -9.74
N SER A 145 0.85 -17.46 -10.80
CA SER A 145 0.27 -17.11 -12.09
C SER A 145 -1.25 -17.26 -12.07
N ALA A 146 -1.76 -18.20 -11.28
CA ALA A 146 -3.21 -18.31 -11.12
C ALA A 146 -3.77 -17.05 -10.47
N LEU A 147 -3.09 -16.53 -9.47
CA LEU A 147 -3.53 -15.28 -8.86
C LEU A 147 -3.44 -14.13 -9.84
N GLU A 148 -2.38 -14.11 -10.66
CA GLU A 148 -2.30 -13.13 -11.75
C GLU A 148 -3.53 -13.17 -12.64
N LEU A 149 -3.87 -14.35 -13.14
CA LEU A 149 -4.99 -14.47 -14.07
C LEU A 149 -6.31 -14.12 -13.39
N LEU A 150 -6.50 -14.59 -12.15
CA LEU A 150 -7.73 -14.28 -11.43
C LEU A 150 -7.89 -12.78 -11.22
N ARG A 151 -6.82 -12.11 -10.81
CA ARG A 151 -6.90 -10.67 -10.59
C ARG A 151 -7.14 -9.91 -11.88
N GLU A 152 -6.49 -10.32 -12.97
CA GLU A 152 -6.70 -9.65 -14.25
C GLU A 152 -8.14 -9.81 -14.72
N LYS A 153 -8.68 -11.03 -14.63
CA LYS A 153 -10.07 -11.24 -15.05
C LYS A 153 -11.03 -10.48 -14.15
N GLY A 154 -10.73 -10.41 -12.85
CA GLY A 154 -11.58 -9.65 -11.95
C GLY A 154 -11.60 -8.18 -12.27
N PHE A 155 -10.43 -7.59 -12.55
CA PHE A 155 -10.39 -6.19 -12.93
C PHE A 155 -11.13 -5.96 -14.24
N ARG A 156 -10.97 -6.87 -15.20
CA ARG A 156 -11.67 -6.71 -16.48
C ARG A 156 -13.18 -6.77 -16.29
N ALA A 157 -13.67 -7.70 -15.46
CA ALA A 157 -15.10 -7.84 -15.26
C ALA A 157 -15.67 -6.67 -14.47
N GLN A 158 -14.95 -6.21 -13.44
CA GLN A 158 -15.43 -5.09 -12.64
C GLN A 158 -15.44 -3.80 -13.46
N ARG A 159 -14.44 -3.61 -14.33
CA ARG A 159 -14.42 -2.42 -15.17
C ARG A 159 -15.61 -2.38 -16.11
N GLY A 160 -15.96 -3.52 -16.71
CA GLY A 160 -17.10 -3.58 -17.60
C GLY A 160 -16.71 -3.86 -19.04
N GLN A 178 -0.64 -10.55 -39.09
CA GLN A 178 -0.25 -11.26 -37.88
C GLN A 178 -0.16 -12.76 -38.13
N GLU A 179 1.00 -13.34 -37.82
CA GLU A 179 1.19 -14.78 -38.05
C GLU A 179 0.33 -15.61 -37.10
N GLU A 180 0.10 -15.11 -35.88
CA GLU A 180 -0.89 -15.73 -35.01
C GLU A 180 -2.27 -15.67 -35.65
N GLU A 181 -2.64 -14.49 -36.16
CA GLU A 181 -3.91 -14.37 -36.87
C GLU A 181 -3.89 -15.16 -38.16
N ASP A 182 -2.72 -15.33 -38.77
CA ASP A 182 -2.63 -16.17 -39.96
C ASP A 182 -2.91 -17.64 -39.65
N MET A 183 -2.38 -18.13 -38.53
CA MET A 183 -2.72 -19.47 -38.07
C MET A 183 -4.22 -19.58 -37.80
N ARG A 184 -4.79 -18.56 -37.16
CA ARG A 184 -6.21 -18.58 -36.88
C ARG A 184 -7.04 -18.60 -38.17
N ILE A 185 -6.60 -17.83 -39.17
CA ILE A 185 -7.31 -17.80 -40.45
C ILE A 185 -7.24 -19.14 -41.15
N LEU A 186 -6.07 -19.76 -41.14
CA LEU A 186 -5.93 -21.07 -41.78
C LEU A 186 -6.76 -22.12 -41.06
N ALA A 187 -6.78 -22.07 -39.73
CA ALA A 187 -7.62 -23.00 -38.97
C ALA A 187 -9.10 -22.77 -39.24
N SER A 188 -9.50 -21.50 -39.37
CA SER A 188 -10.90 -21.20 -39.71
C SER A 188 -11.25 -21.72 -41.09
N GLU A 189 -10.35 -21.57 -42.05
CA GLU A 189 -10.59 -22.09 -43.39
C GLU A 189 -10.71 -23.61 -43.37
N PHE A 190 -9.89 -24.27 -42.55
CA PHE A 190 -10.03 -25.72 -42.38
C PHE A 190 -11.37 -26.07 -41.76
N PHE A 191 -11.82 -25.25 -40.80
CA PHE A 191 -13.11 -25.49 -40.16
C PHE A 191 -14.26 -25.38 -41.15
N LYS A 192 -14.19 -24.39 -42.05
CA LYS A 192 -15.30 -24.13 -42.95
C LYS A 192 -15.46 -25.24 -43.99
N LYS A 193 -14.38 -25.98 -44.28
CA LYS A 193 -14.42 -27.02 -45.28
C LYS A 193 -15.38 -28.13 -44.88
N ASP A 194 -16.05 -28.72 -45.88
CA ASP A 194 -17.05 -29.76 -45.63
C ASP A 194 -16.50 -31.17 -45.78
N LYS A 195 -15.47 -31.38 -46.58
CA LYS A 195 -14.93 -32.71 -46.78
C LYS A 195 -13.43 -32.62 -46.98
N LEU A 196 -12.75 -33.75 -46.77
CA LEU A 196 -11.30 -33.79 -46.76
C LEU A 196 -10.81 -34.95 -47.61
N MET A 197 -9.55 -34.90 -48.00
CA MET A 197 -8.92 -35.94 -48.80
C MET A 197 -7.87 -36.68 -47.99
N TYR A 198 -7.70 -37.95 -48.31
CA TYR A 198 -6.78 -38.81 -47.57
C TYR A 198 -5.35 -38.40 -47.90
N LYS A 199 -4.51 -38.29 -46.86
CA LYS A 199 -3.16 -37.72 -46.94
C LYS A 199 -3.16 -36.28 -47.44
N GLU A 200 -4.24 -35.53 -47.23
CA GLU A 200 -4.18 -34.10 -47.49
C GLU A 200 -3.27 -33.42 -46.48
N LYS A 201 -2.33 -32.62 -46.98
CA LYS A 201 -1.30 -32.03 -46.14
C LYS A 201 -1.81 -30.72 -45.55
N LEU A 202 -1.71 -30.60 -44.23
CA LEU A 202 -2.06 -29.35 -43.56
C LEU A 202 -1.06 -28.27 -43.95
N ASN A 203 -1.58 -27.06 -44.18
CA ASN A 203 -0.75 -25.90 -44.50
C ASN A 203 -0.44 -25.07 -43.27
N PHE A 204 -0.80 -25.55 -42.08
CA PHE A 204 -0.51 -24.84 -40.84
C PHE A 204 -0.03 -25.82 -39.78
N THR A 205 0.72 -25.30 -38.83
CA THR A 205 1.20 -26.06 -37.68
C THR A 205 0.53 -25.52 -36.42
N GLU A 206 0.93 -26.06 -35.27
CA GLU A 206 0.34 -25.62 -34.01
C GLU A 206 0.70 -24.17 -33.72
N SER A 207 -0.16 -23.51 -32.97
CA SER A 207 0.02 -22.12 -32.58
C SER A 207 -0.81 -21.88 -31.32
N THR A 208 -0.98 -20.61 -30.96
CA THR A 208 -1.80 -20.28 -29.81
C THR A 208 -3.26 -20.63 -30.07
N HIS A 209 -3.65 -20.77 -31.34
CA HIS A 209 -5.04 -20.98 -31.71
C HIS A 209 -5.29 -22.30 -32.43
N VAL A 210 -4.37 -23.26 -32.35
CA VAL A 210 -4.53 -24.55 -32.99
C VAL A 210 -3.64 -25.58 -32.31
N ALA A 211 -4.19 -26.77 -32.05
CA ALA A 211 -3.48 -27.84 -31.38
C ALA A 211 -4.01 -29.17 -31.88
N PHE A 212 -3.12 -30.04 -32.35
CA PHE A 212 -3.56 -31.33 -32.87
C PHE A 212 -2.64 -32.50 -32.53
N LYS A 213 -1.65 -32.32 -31.66
CA LYS A 213 -0.67 -33.35 -31.36
C LYS A 213 -1.18 -34.24 -30.23
N ARG A 214 -0.78 -35.50 -30.25
CA ARG A 214 -1.11 -36.52 -29.25
C ARG A 214 -2.61 -36.73 -29.17
N PHE A 215 -3.34 -36.50 -30.26
CA PHE A 215 -4.79 -36.60 -30.29
C PHE A 215 -5.31 -37.80 -31.07
N THR A 216 -4.46 -38.48 -31.83
CA THR A 216 -4.86 -39.62 -32.64
C THR A 216 -4.33 -40.89 -31.99
N THR A 217 -5.24 -41.80 -31.62
CA THR A 217 -4.85 -43.05 -30.98
C THR A 217 -5.69 -44.18 -31.57
N LYS A 218 -5.42 -45.39 -31.08
CA LYS A 218 -6.25 -46.53 -31.45
C LYS A 218 -7.67 -46.39 -30.91
N LYS A 219 -7.78 -46.00 -29.64
CA LYS A 219 -9.07 -45.74 -28.99
C LYS A 219 -9.11 -44.24 -28.68
N VAL A 220 -9.87 -43.50 -29.48
CA VAL A 220 -9.84 -42.04 -29.37
C VAL A 220 -10.53 -41.57 -28.11
N ILE A 221 -11.54 -42.31 -27.65
CA ILE A 221 -12.36 -41.83 -26.52
C ILE A 221 -11.54 -41.68 -25.24
N PRO A 222 -10.73 -42.65 -24.80
CA PRO A 222 -9.96 -42.44 -23.58
C PRO A 222 -9.00 -41.27 -23.65
N ARG A 223 -8.27 -41.15 -24.76
CA ARG A 223 -7.33 -40.04 -24.92
C ARG A 223 -8.05 -38.70 -24.92
N ILE A 224 -9.21 -38.63 -25.58
CA ILE A 224 -9.98 -37.40 -25.59
C ILE A 224 -10.42 -37.05 -24.17
N LYS A 225 -10.97 -38.02 -23.44
CA LYS A 225 -11.41 -37.75 -22.08
C LYS A 225 -10.25 -37.27 -21.21
N GLU A 226 -9.06 -37.83 -21.43
CA GLU A 226 -7.93 -37.50 -20.57
C GLU A 226 -7.32 -36.16 -20.91
N MET A 227 -7.32 -35.78 -22.19
CA MET A 227 -6.50 -34.66 -22.63
C MET A 227 -7.30 -33.42 -23.04
N LEU A 228 -8.53 -33.58 -23.49
CA LEU A 228 -9.35 -32.45 -23.95
C LEU A 228 -9.54 -31.35 -22.90
N PRO A 229 -9.78 -31.66 -21.62
CA PRO A 229 -9.97 -30.58 -20.65
C PRO A 229 -8.81 -29.61 -20.58
N HIS A 230 -7.57 -30.10 -20.69
CA HIS A 230 -6.41 -29.22 -20.63
C HIS A 230 -6.46 -28.19 -21.75
N TYR A 231 -6.66 -28.65 -22.99
CA TYR A 231 -6.64 -27.74 -24.12
C TYR A 231 -7.85 -26.83 -24.13
N VAL A 232 -8.99 -27.31 -23.65
CA VAL A 232 -10.17 -26.46 -23.60
C VAL A 232 -10.00 -25.35 -22.58
N SER A 233 -9.45 -25.67 -21.41
CA SER A 233 -9.15 -24.65 -20.42
C SER A 233 -8.12 -23.66 -20.95
N ALA A 234 -7.09 -24.16 -21.63
CA ALA A 234 -6.06 -23.28 -22.18
C ALA A 234 -6.64 -22.33 -23.22
N PHE A 235 -7.52 -22.83 -24.08
CA PHE A 235 -8.10 -22.00 -25.12
C PHE A 235 -9.10 -21.00 -24.55
N ALA A 236 -9.91 -21.41 -23.59
CA ALA A 236 -10.89 -20.51 -23.00
C ALA A 236 -10.20 -19.39 -22.20
N ASN A 237 -9.17 -19.75 -21.42
CA ASN A 237 -8.49 -18.75 -20.61
C ASN A 237 -7.76 -17.74 -21.48
N THR A 238 -7.09 -18.21 -22.52
CA THR A 238 -6.49 -17.33 -23.53
C THR A 238 -7.59 -16.97 -24.53
N GLN A 239 -7.22 -16.43 -25.69
CA GLN A 239 -8.18 -16.06 -26.71
C GLN A 239 -8.22 -17.15 -27.78
N GLY A 240 -9.42 -17.62 -28.10
CA GLY A 240 -9.65 -18.47 -29.25
C GLY A 240 -9.14 -19.88 -29.09
N GLY A 241 -9.21 -20.63 -30.19
CA GLY A 241 -8.65 -21.96 -30.24
C GLY A 241 -9.39 -22.97 -31.10
N TYR A 242 -8.63 -23.81 -31.79
CA TYR A 242 -9.15 -24.96 -32.52
C TYR A 242 -8.41 -26.22 -32.08
N VAL A 243 -9.17 -27.28 -31.78
CA VAL A 243 -8.62 -28.57 -31.44
C VAL A 243 -8.93 -29.52 -32.59
N LEU A 244 -7.90 -30.20 -33.09
CA LEU A 244 -8.04 -31.07 -34.25
C LEU A 244 -7.76 -32.51 -33.85
N ILE A 245 -8.64 -33.42 -34.24
CA ILE A 245 -8.50 -34.84 -33.97
C ILE A 245 -8.53 -35.58 -35.29
N GLY A 246 -7.50 -36.39 -35.55
CA GLY A 246 -7.39 -37.10 -36.80
C GLY A 246 -6.24 -36.67 -37.69
N VAL A 247 -5.25 -35.97 -37.16
CA VAL A 247 -4.10 -35.50 -37.93
C VAL A 247 -2.85 -36.15 -37.37
N ASP A 248 -2.06 -36.77 -38.25
CA ASP A 248 -0.85 -37.43 -37.80
C ASP A 248 0.18 -36.39 -37.33
N ASP A 249 0.88 -36.72 -36.25
CA ASP A 249 1.73 -35.73 -35.61
C ASP A 249 2.91 -35.32 -36.49
N LYS A 250 3.62 -36.31 -37.03
CA LYS A 250 4.88 -36.01 -37.72
C LYS A 250 4.63 -35.46 -39.12
N SER A 251 3.72 -36.07 -39.87
CA SER A 251 3.59 -35.76 -41.28
C SER A 251 2.56 -34.68 -41.58
N LYS A 252 1.77 -34.27 -40.58
CA LYS A 252 0.77 -33.21 -40.75
C LYS A 252 -0.20 -33.51 -41.90
N GLU A 253 -0.66 -34.75 -41.95
CA GLU A 253 -1.65 -35.17 -42.94
C GLU A 253 -2.92 -35.62 -42.25
N VAL A 254 -4.02 -35.63 -43.01
CA VAL A 254 -5.33 -35.96 -42.46
C VAL A 254 -5.47 -37.47 -42.55
N VAL A 255 -4.92 -38.15 -41.55
CA VAL A 255 -5.02 -39.61 -41.50
C VAL A 255 -6.45 -40.04 -41.20
N GLY A 256 -7.14 -39.33 -40.32
CA GLY A 256 -8.51 -39.62 -39.98
C GLY A 256 -8.63 -40.81 -39.03
N CYS A 257 -9.82 -40.93 -38.45
CA CYS A 257 -10.15 -42.01 -37.53
C CYS A 257 -11.07 -42.99 -38.23
N LYS A 258 -10.83 -44.28 -38.01
CA LYS A 258 -11.65 -45.32 -38.63
C LYS A 258 -13.12 -45.11 -38.27
N TRP A 259 -14.00 -45.25 -39.27
CA TRP A 259 -15.42 -45.09 -39.01
C TRP A 259 -15.95 -46.21 -38.13
N GLU A 260 -15.43 -47.43 -38.30
CA GLU A 260 -15.95 -48.57 -37.57
C GLU A 260 -15.58 -48.51 -36.09
N LYS A 261 -14.49 -47.81 -35.77
CA LYS A 261 -14.02 -47.76 -34.38
C LYS A 261 -15.01 -47.01 -33.49
N VAL A 262 -15.50 -45.87 -33.96
CA VAL A 262 -16.41 -45.04 -33.17
C VAL A 262 -17.20 -44.15 -34.11
N ASN A 263 -18.50 -44.08 -33.89
CA ASN A 263 -19.34 -43.24 -34.73
C ASN A 263 -19.20 -41.77 -34.34
N PRO A 264 -19.49 -40.85 -35.25
CA PRO A 264 -19.34 -39.42 -34.90
C PRO A 264 -20.24 -38.97 -33.77
N ASP A 265 -21.45 -39.52 -33.67
CA ASP A 265 -22.40 -39.05 -32.66
C ASP A 265 -21.91 -39.37 -31.25
N LEU A 266 -21.36 -40.57 -31.06
CA LEU A 266 -20.82 -40.92 -29.74
C LEU A 266 -19.67 -40.01 -29.35
N LEU A 267 -18.78 -39.71 -30.30
CA LEU A 267 -17.67 -38.81 -30.00
C LEU A 267 -18.18 -37.41 -29.66
N LYS A 268 -19.17 -36.93 -30.40
CA LYS A 268 -19.71 -35.61 -30.13
C LYS A 268 -20.37 -35.55 -28.74
N LYS A 269 -21.10 -36.61 -28.38
CA LYS A 269 -21.73 -36.62 -27.06
C LYS A 269 -20.70 -36.71 -25.95
N GLU A 270 -19.62 -37.48 -26.17
CA GLU A 270 -18.55 -37.53 -25.19
C GLU A 270 -17.89 -36.17 -25.02
N ILE A 271 -17.69 -35.45 -26.13
CA ILE A 271 -17.08 -34.13 -26.06
C ILE A 271 -17.96 -33.16 -25.28
N GLU A 272 -19.26 -33.16 -25.56
CA GLU A 272 -20.13 -32.23 -24.82
C GLU A 272 -20.20 -32.62 -23.35
N ASN A 273 -20.20 -33.92 -23.04
CA ASN A 273 -20.14 -34.34 -21.64
C ASN A 273 -18.87 -33.81 -20.97
N CYS A 274 -17.73 -33.98 -21.63
CA CYS A 274 -16.45 -33.54 -21.06
C CYS A 274 -16.46 -32.04 -20.80
N ILE A 275 -16.95 -31.26 -21.76
CA ILE A 275 -16.92 -29.81 -21.60
C ILE A 275 -17.92 -29.36 -20.54
N GLU A 276 -19.05 -30.07 -20.41
CA GLU A 276 -20.02 -29.69 -19.39
C GLU A 276 -19.51 -30.01 -18.00
N LYS A 277 -18.71 -31.07 -17.86
CA LYS A 277 -18.18 -31.40 -16.53
C LYS A 277 -17.11 -30.42 -16.07
N LEU A 278 -16.65 -29.53 -16.95
CA LEU A 278 -15.55 -28.65 -16.60
C LEU A 278 -15.98 -27.62 -15.56
N PRO A 279 -15.24 -27.47 -14.46
CA PRO A 279 -15.57 -26.43 -13.49
C PRO A 279 -15.30 -25.04 -14.04
N THR A 280 -16.05 -24.06 -13.55
CA THR A 280 -15.93 -22.68 -13.97
C THR A 280 -16.25 -21.77 -12.80
N PHE A 281 -15.65 -20.58 -12.81
CA PHE A 281 -15.93 -19.56 -11.79
C PHE A 281 -16.13 -18.25 -12.52
N HIS A 282 -17.18 -17.53 -12.15
CA HIS A 282 -17.62 -16.36 -12.92
C HIS A 282 -17.46 -15.09 -12.09
N PHE A 283 -16.86 -14.07 -12.71
CA PHE A 283 -16.71 -12.77 -12.09
C PHE A 283 -17.85 -11.84 -12.47
N CYS A 284 -18.48 -12.11 -13.61
CA CYS A 284 -19.51 -11.23 -14.15
C CYS A 284 -20.90 -11.70 -13.73
N CYS A 285 -21.91 -10.89 -14.07
CA CYS A 285 -23.27 -11.16 -13.62
C CYS A 285 -24.03 -12.04 -14.61
N GLU A 286 -23.71 -11.94 -15.90
CA GLU A 286 -24.42 -12.72 -16.90
C GLU A 286 -24.23 -14.22 -16.70
N LYS A 287 -23.01 -14.63 -16.34
CA LYS A 287 -22.64 -16.01 -16.12
C LYS A 287 -22.91 -16.90 -17.34
N PRO A 288 -22.34 -16.59 -18.50
CA PRO A 288 -22.53 -17.49 -19.65
C PRO A 288 -21.80 -18.80 -19.45
N LYS A 289 -22.35 -19.86 -20.04
CA LYS A 289 -21.62 -21.12 -20.09
C LYS A 289 -20.54 -21.04 -21.16
N VAL A 290 -19.57 -21.94 -21.07
CA VAL A 290 -18.55 -22.02 -22.09
C VAL A 290 -19.18 -22.51 -23.40
N ASN A 291 -18.85 -21.83 -24.49
CA ASN A 291 -19.44 -22.11 -25.79
C ASN A 291 -18.39 -22.74 -26.69
N PHE A 292 -18.81 -23.72 -27.49
CA PHE A 292 -17.92 -24.45 -28.38
C PHE A 292 -18.74 -25.04 -29.52
N THR A 293 -18.15 -25.08 -30.71
CA THR A 293 -18.77 -25.68 -31.88
C THR A 293 -17.97 -26.91 -32.28
N THR A 294 -18.63 -28.05 -32.34
CA THR A 294 -18.01 -29.29 -32.78
C THR A 294 -18.53 -29.64 -34.17
N LYS A 295 -17.63 -29.66 -35.15
CA LYS A 295 -17.98 -29.96 -36.53
C LYS A 295 -17.20 -31.20 -36.94
N ILE A 296 -17.90 -32.16 -37.56
CA ILE A 296 -17.33 -33.45 -37.89
C ILE A 296 -17.13 -33.51 -39.39
N LEU A 297 -15.90 -33.74 -39.83
CA LEU A 297 -15.53 -33.73 -41.24
C LEU A 297 -15.30 -35.15 -41.72
N ASN A 298 -15.62 -35.38 -42.99
CA ASN A 298 -15.52 -36.70 -43.60
C ASN A 298 -14.35 -36.71 -44.58
N VAL A 299 -13.55 -37.78 -44.54
CA VAL A 299 -12.41 -37.94 -45.43
C VAL A 299 -12.75 -39.02 -46.46
N TYR A 300 -12.42 -38.75 -47.72
CA TYR A 300 -12.76 -39.64 -48.83
C TYR A 300 -11.52 -39.91 -49.66
N GLN A 301 -11.12 -41.18 -49.73
CA GLN A 301 -10.09 -41.63 -50.67
C GLN A 301 -10.79 -42.20 -51.90
N LYS A 302 -10.68 -41.50 -53.03
CA LYS A 302 -11.35 -41.88 -54.27
C LYS A 302 -12.86 -42.00 -54.08
N ASP A 303 -13.45 -41.05 -53.37
CA ASP A 303 -14.90 -40.85 -53.22
C ASP A 303 -15.59 -41.95 -52.42
N VAL A 304 -14.84 -42.90 -51.85
CA VAL A 304 -15.43 -43.89 -50.95
C VAL A 304 -15.07 -43.49 -49.52
N LEU A 305 -16.04 -43.56 -48.62
CA LEU A 305 -15.83 -43.09 -47.26
C LEU A 305 -14.78 -43.94 -46.56
N ASP A 306 -13.83 -43.27 -45.93
CA ASP A 306 -12.82 -43.91 -45.11
C ASP A 306 -13.02 -43.66 -43.63
N GLY A 307 -13.11 -42.40 -43.21
CA GLY A 307 -13.19 -42.08 -41.81
C GLY A 307 -13.68 -40.66 -41.62
N TYR A 308 -13.25 -40.07 -40.51
CA TYR A 308 -13.78 -38.79 -40.08
C TYR A 308 -12.77 -38.06 -39.22
N VAL A 309 -12.86 -36.73 -39.22
CA VAL A 309 -11.97 -35.85 -38.47
C VAL A 309 -12.82 -34.86 -37.69
N CYS A 310 -12.53 -34.70 -36.41
CA CYS A 310 -13.29 -33.87 -35.50
C CYS A 310 -12.53 -32.58 -35.21
N VAL A 311 -13.23 -31.45 -35.30
CA VAL A 311 -12.65 -30.14 -35.00
C VAL A 311 -13.51 -29.49 -33.92
N ILE A 312 -12.86 -29.05 -32.84
CA ILE A 312 -13.53 -28.41 -31.73
C ILE A 312 -13.05 -26.96 -31.65
N GLN A 313 -13.98 -26.03 -31.68
CA GLN A 313 -13.68 -24.61 -31.65
C GLN A 313 -14.14 -24.01 -30.32
N VAL A 314 -13.23 -23.36 -29.62
CA VAL A 314 -13.51 -22.72 -28.34
C VAL A 314 -13.29 -21.23 -28.47
N GLU A 315 -14.31 -20.44 -28.10
CA GLU A 315 -14.20 -19.00 -28.12
C GLU A 315 -13.64 -18.48 -26.80
N PRO A 316 -13.04 -17.28 -26.82
CA PRO A 316 -12.57 -16.68 -25.57
C PRO A 316 -13.68 -16.57 -24.54
N PHE A 317 -13.35 -16.82 -23.29
CA PHE A 317 -14.35 -16.94 -22.25
C PHE A 317 -14.14 -15.81 -21.23
N CYS A 318 -15.27 -15.25 -20.78
CA CYS A 318 -15.24 -14.03 -19.99
C CYS A 318 -14.43 -14.20 -18.71
N CYS A 319 -14.50 -15.39 -18.11
CA CYS A 319 -13.87 -15.65 -16.83
C CYS A 319 -12.96 -16.86 -16.92
N VAL A 320 -12.55 -17.41 -15.78
CA VAL A 320 -11.60 -18.52 -15.71
C VAL A 320 -12.35 -19.83 -15.85
N VAL A 321 -11.75 -20.77 -16.58
CA VAL A 321 -12.31 -22.11 -16.77
C VAL A 321 -11.28 -23.12 -16.30
N PHE A 322 -11.70 -24.04 -15.43
CA PHE A 322 -10.82 -25.02 -14.82
C PHE A 322 -10.85 -26.33 -15.59
N ALA A 323 -9.67 -26.91 -15.79
CA ALA A 323 -9.61 -28.26 -16.37
C ALA A 323 -10.24 -29.28 -15.44
N GLU A 324 -9.96 -29.16 -14.14
CA GLU A 324 -10.63 -29.94 -13.12
C GLU A 324 -10.54 -29.18 -11.81
N ALA A 325 -11.06 -29.77 -10.75
CA ALA A 325 -11.04 -29.10 -9.46
C ALA A 325 -9.59 -28.85 -9.04
N PRO A 326 -9.24 -27.61 -8.68
CA PRO A 326 -7.86 -27.32 -8.32
C PRO A 326 -7.43 -28.12 -7.10
N ASP A 327 -6.34 -28.87 -7.26
CA ASP A 327 -5.90 -29.80 -6.21
C ASP A 327 -5.16 -29.02 -5.13
N SER A 328 -5.95 -28.27 -4.36
CA SER A 328 -5.52 -27.67 -3.11
C SER A 328 -6.44 -28.20 -2.03
N TRP A 329 -5.87 -28.61 -0.91
CA TRP A 329 -6.61 -29.28 0.14
C TRP A 329 -6.66 -28.42 1.40
N ILE A 330 -7.74 -28.59 2.16
CA ILE A 330 -7.88 -28.00 3.49
C ILE A 330 -8.30 -29.11 4.45
N MET A 331 -8.47 -28.73 5.71
CA MET A 331 -8.92 -29.65 6.75
C MET A 331 -10.37 -29.32 7.08
N LYS A 332 -11.22 -30.33 7.05
CA LYS A 332 -12.63 -30.18 7.38
C LYS A 332 -13.13 -31.48 8.00
N ASP A 333 -13.54 -31.41 9.27
CA ASP A 333 -14.09 -32.56 10.00
C ASP A 333 -13.07 -33.69 10.10
N ASN A 334 -11.89 -33.37 10.63
CA ASN A 334 -10.82 -34.35 10.85
C ASN A 334 -10.43 -35.08 9.57
N SER A 335 -10.56 -34.42 8.42
CA SER A 335 -10.31 -35.09 7.15
C SER A 335 -9.67 -34.12 6.17
N VAL A 336 -8.87 -34.67 5.27
CA VAL A 336 -8.28 -33.90 4.18
C VAL A 336 -9.30 -33.76 3.08
N THR A 337 -9.68 -32.52 2.76
CA THR A 337 -10.75 -32.25 1.81
C THR A 337 -10.21 -31.40 0.67
N ARG A 338 -10.54 -31.79 -0.55
CA ARG A 338 -10.17 -31.00 -1.72
C ARG A 338 -11.01 -29.73 -1.79
N LEU A 339 -10.43 -28.71 -2.40
CA LEU A 339 -11.09 -27.42 -2.58
C LEU A 339 -11.74 -27.36 -3.95
N THR A 340 -13.02 -27.02 -3.97
CA THR A 340 -13.70 -26.76 -5.23
C THR A 340 -13.22 -25.43 -5.81
N ALA A 341 -13.56 -25.19 -7.08
CA ALA A 341 -13.12 -23.97 -7.74
C ALA A 341 -13.67 -22.73 -7.04
N GLU A 342 -14.95 -22.77 -6.66
CA GLU A 342 -15.54 -21.64 -5.93
C GLU A 342 -14.79 -21.37 -4.64
N GLN A 343 -14.60 -22.40 -3.81
CA GLN A 343 -13.88 -22.25 -2.56
C GLN A 343 -12.46 -21.78 -2.80
N TRP A 344 -11.79 -22.35 -3.80
CA TRP A 344 -10.41 -21.99 -4.08
C TRP A 344 -10.29 -20.51 -4.44
N VAL A 345 -11.14 -20.02 -5.33
CA VAL A 345 -11.02 -18.64 -5.77
C VAL A 345 -11.40 -17.68 -4.65
N VAL A 346 -12.42 -18.03 -3.85
CA VAL A 346 -12.78 -17.17 -2.72
C VAL A 346 -11.64 -17.11 -1.70
N MET A 347 -11.04 -18.27 -1.40
CA MET A 347 -9.97 -18.30 -0.40
C MET A 347 -8.72 -17.62 -0.93
N MET A 348 -8.53 -17.61 -2.25
CA MET A 348 -7.29 -17.11 -2.81
C MET A 348 -7.35 -15.60 -3.07
N LEU A 349 -8.51 -15.11 -3.50
CA LEU A 349 -8.67 -13.67 -3.71
C LEU A 349 -9.13 -12.93 -2.47
N ASP A 350 -9.48 -13.66 -1.40
CA ASP A 350 -9.97 -13.06 -0.16
C ASP A 350 -11.17 -12.15 -0.42
N THR A 351 -12.08 -12.61 -1.27
CA THR A 351 -13.27 -11.85 -1.62
C THR A 351 -14.53 -12.51 -1.05
N GLY A 378 -11.90 -7.93 12.20
CA GLY A 378 -11.30 -6.66 11.90
C GLY A 378 -10.88 -5.89 13.14
N TYR A 379 -9.87 -6.39 13.84
CA TYR A 379 -9.38 -5.73 15.03
C TYR A 379 -8.69 -4.43 14.66
N PRO A 380 -8.72 -3.42 15.54
CA PRO A 380 -8.21 -2.10 15.17
C PRO A 380 -6.77 -2.13 14.69
N ILE A 381 -6.49 -1.36 13.64
CA ILE A 381 -5.14 -1.23 13.11
C ILE A 381 -4.23 -0.56 14.14
N LYS A 382 -4.81 0.27 15.01
CA LYS A 382 -4.01 0.94 16.02
C LYS A 382 -3.35 -0.05 16.97
N VAL A 383 -3.96 -1.21 17.16
CA VAL A 383 -3.34 -2.26 17.97
C VAL A 383 -2.04 -2.72 17.32
N HIS A 384 -2.06 -2.94 16.00
CA HIS A 384 -0.85 -3.38 15.32
C HIS A 384 0.15 -2.25 15.20
N LYS A 385 -0.31 -1.01 15.31
CA LYS A 385 0.61 0.12 15.32
C LYS A 385 1.32 0.26 16.66
N PHE A 386 0.61 -0.02 17.76
CA PHE A 386 1.11 0.24 19.11
C PHE A 386 1.57 -1.00 19.85
N LYS A 387 1.52 -2.18 19.21
CA LYS A 387 1.88 -3.40 19.92
C LYS A 387 3.35 -3.42 20.32
N GLU A 388 4.23 -2.81 19.51
CA GLU A 388 5.64 -2.80 19.87
C GLU A 388 5.88 -2.00 21.14
N ALA A 389 5.31 -0.80 21.21
CA ALA A 389 5.45 0.01 22.41
C ALA A 389 4.79 -0.66 23.61
N LEU A 390 3.64 -1.30 23.39
CA LEU A 390 2.97 -1.98 24.48
C LEU A 390 3.80 -3.14 25.02
N GLN A 391 4.40 -3.92 24.13
CA GLN A 391 5.28 -5.00 24.58
C GLN A 391 6.50 -4.46 25.32
N ARG A 392 7.09 -3.37 24.80
CA ARG A 392 8.27 -2.83 25.45
C ARG A 392 7.93 -2.27 26.83
N HIS A 393 6.71 -1.76 27.00
CA HIS A 393 6.33 -1.19 28.29
C HIS A 393 5.92 -2.27 29.28
N LEU A 394 5.14 -3.25 28.85
CA LEU A 394 4.56 -4.21 29.79
C LEU A 394 5.33 -5.52 29.85
N PHE A 395 5.90 -5.99 28.74
CA PHE A 395 6.61 -7.27 28.70
C PHE A 395 8.00 -7.05 28.13
N PRO A 396 8.91 -6.46 28.90
CA PRO A 396 10.26 -6.20 28.40
C PRO A 396 11.14 -7.45 28.44
N VAL A 397 11.95 -7.60 27.39
CA VAL A 397 12.88 -8.72 27.29
C VAL A 397 14.21 -8.27 27.86
N THR A 398 14.48 -8.62 29.12
CA THR A 398 15.68 -8.21 29.81
C THR A 398 16.41 -9.45 30.32
N GLN A 399 17.70 -9.28 30.61
CA GLN A 399 18.54 -10.34 31.13
C GLN A 399 18.31 -10.58 32.62
N GLU A 400 17.39 -9.85 33.24
CA GLU A 400 17.11 -10.01 34.65
C GLU A 400 16.45 -11.35 34.93
N GLU A 401 16.10 -11.55 36.20
CA GLU A 401 15.45 -12.79 36.61
C GLU A 401 14.08 -12.92 35.96
N VAL A 402 13.47 -14.09 36.13
CA VAL A 402 12.14 -14.32 35.59
C VAL A 402 11.15 -13.40 36.26
N GLN A 403 10.23 -12.85 35.47
CA GLN A 403 9.23 -11.91 35.95
C GLN A 403 7.87 -12.56 35.92
N PHE A 404 7.09 -12.35 36.97
CA PHE A 404 5.74 -12.91 37.09
C PHE A 404 4.74 -11.79 36.82
N LYS A 405 3.91 -11.98 35.81
CA LYS A 405 2.94 -10.99 35.38
C LYS A 405 1.57 -11.64 35.21
N PRO A 406 0.48 -10.86 35.37
CA PRO A 406 0.39 -9.48 35.81
C PRO A 406 0.55 -9.38 37.33
N GLU A 407 0.92 -8.21 37.86
CA GLU A 407 1.24 -8.11 39.27
C GLU A 407 0.02 -8.38 40.16
N SER A 408 -1.15 -7.90 39.75
CA SER A 408 -2.33 -8.01 40.61
C SER A 408 -2.71 -9.47 40.84
N LEU A 409 -2.87 -10.22 39.75
CA LEU A 409 -3.24 -11.63 39.87
C LEU A 409 -2.15 -12.43 40.57
N CYS A 410 -0.89 -12.09 40.31
CA CYS A 410 0.21 -12.78 40.99
C CYS A 410 0.13 -12.56 42.49
N LYS A 411 -0.12 -11.33 42.92
CA LYS A 411 -0.26 -11.06 44.35
C LYS A 411 -1.43 -11.84 44.95
N LYS A 412 -2.57 -11.83 44.27
CA LYS A 412 -3.73 -12.54 44.79
C LYS A 412 -3.45 -14.04 44.92
N LEU A 413 -2.89 -14.64 43.86
CA LEU A 413 -2.62 -16.07 43.85
C LEU A 413 -1.58 -16.45 44.89
N PHE A 414 -0.54 -15.64 45.03
CA PHE A 414 0.55 -15.99 45.94
C PHE A 414 0.14 -15.75 47.39
N SER A 415 -0.74 -14.80 47.64
CA SER A 415 -1.25 -14.59 48.99
C SER A 415 -2.23 -15.70 49.36
N ASP A 416 -3.03 -16.14 48.41
CA ASP A 416 -3.99 -17.21 48.71
C ASP A 416 -3.29 -18.56 48.83
N HIS A 417 -2.22 -18.77 48.07
CA HIS A 417 -1.47 -20.03 48.07
C HIS A 417 0.01 -19.70 48.23
N LYS A 418 0.57 -20.07 49.39
CA LYS A 418 1.93 -19.68 49.72
C LYS A 418 2.96 -20.49 48.94
N GLU A 419 2.59 -21.70 48.50
CA GLU A 419 3.55 -22.59 47.86
C GLU A 419 3.72 -22.32 46.37
N LEU A 420 2.89 -21.44 45.80
CA LEU A 420 2.93 -21.20 44.36
C LEU A 420 4.26 -20.59 43.93
N GLU A 421 4.76 -19.61 44.69
CA GLU A 421 6.04 -19.00 44.37
C GLU A 421 7.15 -20.04 44.30
N GLY A 422 7.27 -20.86 45.34
CA GLY A 422 8.30 -21.87 45.35
C GLY A 422 8.14 -22.90 44.26
N LEU A 423 6.90 -23.37 44.04
CA LEU A 423 6.66 -24.38 43.03
C LEU A 423 7.02 -23.86 41.64
N MET A 424 6.62 -22.63 41.33
CA MET A 424 6.93 -22.07 40.02
C MET A 424 8.43 -21.81 39.87
N LYS A 425 9.08 -21.31 40.93
CA LYS A 425 10.52 -21.08 40.85
C LYS A 425 11.27 -22.39 40.61
N THR A 426 10.83 -23.47 41.25
CA THR A 426 11.48 -24.76 41.03
C THR A 426 11.22 -25.27 39.62
N LEU A 427 9.99 -25.18 39.13
CA LEU A 427 9.68 -25.70 37.81
C LEU A 427 10.41 -24.93 36.71
N ILE A 428 10.48 -23.61 36.84
CA ILE A 428 11.11 -22.80 35.80
C ILE A 428 12.60 -23.11 35.71
N HIS A 429 13.23 -23.39 36.85
CA HIS A 429 14.67 -23.62 36.87
C HIS A 429 15.03 -24.84 36.03
N PRO A 430 16.10 -24.77 35.23
CA PRO A 430 17.04 -23.66 35.08
C PRO A 430 16.65 -22.68 33.99
N CYS A 431 16.27 -21.46 34.38
CA CYS A 431 15.93 -20.39 33.44
C CYS A 431 16.12 -19.07 34.16
N SER A 432 16.94 -18.19 33.59
CA SER A 432 17.16 -16.87 34.16
C SER A 432 16.33 -15.80 33.46
N GLN A 433 16.28 -15.84 32.13
CA GLN A 433 15.57 -14.85 31.34
C GLN A 433 14.21 -15.41 30.94
N GLY A 434 13.16 -14.63 31.15
CA GLY A 434 11.84 -15.05 30.72
C GLY A 434 10.75 -14.35 31.50
N ILE A 435 9.53 -14.50 30.99
CA ILE A 435 8.34 -13.93 31.59
C ILE A 435 7.32 -15.04 31.80
N VAL A 436 6.69 -15.07 32.96
CA VAL A 436 5.62 -16.01 33.27
C VAL A 436 4.34 -15.20 33.41
N ILE A 437 3.41 -15.38 32.47
CA ILE A 437 2.16 -14.64 32.45
C ILE A 437 1.08 -15.51 33.05
N PHE A 438 0.56 -15.10 34.20
CA PHE A 438 -0.45 -15.85 34.94
C PHE A 438 -1.84 -15.43 34.51
N SER A 439 -2.74 -16.40 34.44
CA SER A 439 -4.14 -16.11 34.17
C SER A 439 -4.99 -17.11 34.94
N ARG A 440 -6.14 -16.65 35.43
CA ARG A 440 -7.03 -17.56 36.12
C ARG A 440 -7.58 -18.62 35.16
N SER A 441 -7.77 -18.26 33.90
CA SER A 441 -8.16 -19.20 32.86
C SER A 441 -7.69 -18.64 31.53
N TRP A 442 -6.60 -19.19 31.00
CA TRP A 442 -6.17 -18.77 29.66
C TRP A 442 -7.20 -19.17 28.61
N ALA A 443 -7.87 -20.31 28.80
CA ALA A 443 -8.92 -20.72 27.89
C ALA A 443 -10.04 -19.68 27.85
N GLY A 444 -10.44 -19.18 29.02
CA GLY A 444 -11.38 -18.08 29.06
C GLY A 444 -10.80 -16.80 28.46
N ASP A 445 -9.50 -16.60 28.63
CA ASP A 445 -8.85 -15.42 28.10
C ASP A 445 -8.82 -15.39 26.57
N VAL A 446 -8.88 -16.55 25.93
CA VAL A 446 -8.93 -16.60 24.47
C VAL A 446 -10.35 -16.85 23.95
N GLY A 447 -11.35 -16.78 24.83
CA GLY A 447 -12.74 -16.82 24.41
C GLY A 447 -13.43 -18.15 24.59
N PHE A 448 -12.76 -19.15 25.18
CA PHE A 448 -13.33 -20.48 25.31
C PHE A 448 -13.78 -20.72 26.76
N ARG A 449 -14.15 -21.95 27.06
CA ARG A 449 -14.76 -22.25 28.35
C ARG A 449 -13.77 -22.10 29.49
N LYS A 450 -14.29 -21.73 30.65
CA LYS A 450 -13.52 -21.63 31.89
C LYS A 450 -13.86 -22.82 32.76
N GLU A 451 -12.84 -23.47 33.31
CA GLU A 451 -13.01 -24.63 34.15
C GLU A 451 -12.76 -24.28 35.60
N GLN A 452 -13.66 -24.70 36.48
CA GLN A 452 -13.54 -24.38 37.90
C GLN A 452 -12.38 -25.14 38.54
N ASN A 453 -12.13 -26.37 38.07
CA ASN A 453 -11.10 -27.21 38.68
C ASN A 453 -9.69 -26.73 38.37
N VAL A 454 -9.53 -25.76 37.48
CA VAL A 454 -8.23 -25.23 37.12
C VAL A 454 -7.97 -24.01 37.98
N LEU A 455 -6.98 -24.11 38.87
CA LEU A 455 -6.69 -23.01 39.79
C LEU A 455 -6.14 -21.80 39.04
N CYS A 456 -5.13 -22.00 38.21
CA CYS A 456 -4.57 -20.93 37.40
C CYS A 456 -3.74 -21.56 36.29
N ASP A 457 -3.43 -20.73 35.29
CA ASP A 457 -2.56 -21.13 34.19
C ASP A 457 -1.38 -20.18 34.08
N ALA A 458 -0.20 -20.76 33.90
CA ALA A 458 1.02 -19.99 33.77
C ALA A 458 1.62 -20.24 32.39
N LEU A 459 1.97 -19.15 31.71
CA LEU A 459 2.56 -19.21 30.39
C LEU A 459 4.00 -18.73 30.48
N LEU A 460 4.94 -19.66 30.28
CA LEU A 460 6.36 -19.36 30.39
C LEU A 460 6.91 -19.10 29.00
N ILE A 461 7.43 -17.88 28.79
CA ILE A 461 8.09 -17.50 27.55
C ILE A 461 9.54 -17.19 27.90
N ALA A 462 10.47 -17.85 27.21
CA ALA A 462 11.88 -17.68 27.49
C ALA A 462 12.69 -17.88 26.21
N VAL A 463 13.90 -17.32 26.20
CA VAL A 463 14.79 -17.49 25.07
C VAL A 463 15.50 -18.83 25.19
N ASN A 464 15.64 -19.52 24.05
CA ASN A 464 16.24 -20.86 24.00
C ASN A 464 15.45 -21.85 24.84
N SER A 465 14.13 -21.68 24.86
CA SER A 465 13.23 -22.56 25.57
C SER A 465 11.91 -22.61 24.82
N PRO A 466 11.22 -23.74 24.83
CA PRO A 466 9.86 -23.78 24.29
C PRO A 466 8.90 -23.03 25.20
N VAL A 467 7.81 -22.57 24.61
CA VAL A 467 6.73 -21.97 25.37
C VAL A 467 6.01 -23.08 26.09
N VAL A 468 5.84 -22.94 27.40
CA VAL A 468 5.26 -23.97 28.25
C VAL A 468 4.03 -23.38 28.94
N LEU A 469 2.93 -24.13 28.93
CA LEU A 469 1.69 -23.71 29.57
C LEU A 469 1.45 -24.61 30.77
N TYR A 470 1.58 -24.05 31.96
CA TYR A 470 1.40 -24.79 33.21
C TYR A 470 -0.03 -24.62 33.68
N THR A 471 -0.71 -25.74 33.89
CA THR A 471 -2.07 -25.74 34.42
C THR A 471 -2.04 -26.31 35.82
N ILE A 472 -2.45 -25.52 36.79
CA ILE A 472 -2.47 -25.92 38.19
C ILE A 472 -3.87 -26.38 38.55
N LEU A 473 -3.96 -27.55 39.17
CA LEU A 473 -5.23 -28.18 39.52
C LEU A 473 -5.44 -28.17 41.02
N ILE A 474 -6.67 -27.89 41.44
CA ILE A 474 -6.99 -27.95 42.86
C ILE A 474 -6.94 -29.39 43.36
N ASP A 475 -7.58 -30.31 42.64
CA ASP A 475 -7.54 -31.72 42.95
C ASP A 475 -6.81 -32.45 41.84
N PRO A 476 -5.68 -33.10 42.11
CA PRO A 476 -4.95 -33.78 41.03
C PRO A 476 -5.72 -34.95 40.41
N ASN A 477 -6.75 -35.45 41.08
CA ASN A 477 -7.51 -36.58 40.58
C ASN A 477 -8.57 -36.20 39.56
N TRP A 478 -8.58 -34.96 39.09
CA TRP A 478 -9.56 -34.55 38.10
C TRP A 478 -9.25 -35.18 36.75
N PRO A 479 -10.18 -35.94 36.17
CA PRO A 479 -9.85 -36.67 34.93
C PRO A 479 -9.51 -35.79 33.75
N GLY A 480 -10.11 -34.61 33.63
CA GLY A 480 -10.02 -33.86 32.39
C GLY A 480 -8.92 -32.82 32.31
N GLY A 481 -7.90 -32.96 33.16
CA GLY A 481 -6.82 -31.99 33.15
C GLY A 481 -6.01 -32.01 31.86
N LEU A 482 -5.66 -33.21 31.39
CA LEU A 482 -4.83 -33.32 30.19
C LEU A 482 -5.55 -32.77 28.97
N GLU A 483 -6.83 -33.10 28.82
CA GLU A 483 -7.60 -32.56 27.70
C GLU A 483 -7.69 -31.05 27.77
N TYR A 484 -7.92 -30.51 28.97
CA TYR A 484 -7.97 -29.06 29.13
C TYR A 484 -6.65 -28.42 28.71
N ALA A 485 -5.52 -28.98 29.17
CA ALA A 485 -4.23 -28.40 28.84
C ALA A 485 -3.96 -28.46 27.35
N ARG A 486 -4.23 -29.60 26.73
CA ARG A 486 -3.96 -29.76 25.31
C ARG A 486 -4.82 -28.82 24.48
N ASN A 487 -6.12 -28.75 24.78
CA ASN A 487 -7.00 -27.86 24.04
C ASN A 487 -6.61 -26.39 24.25
N THR A 488 -6.25 -26.02 25.47
CA THR A 488 -5.86 -24.64 25.73
C THR A 488 -4.61 -24.27 24.95
N ALA A 489 -3.62 -25.16 24.92
CA ALA A 489 -2.41 -24.87 24.16
C ALA A 489 -2.72 -24.74 22.67
N HIS A 490 -3.53 -25.65 22.14
CA HIS A 490 -3.91 -25.57 20.73
C HIS A 490 -4.61 -24.26 20.40
N GLN A 491 -5.59 -23.90 21.23
CA GLN A 491 -6.37 -22.69 21.00
C GLN A 491 -5.50 -21.45 21.11
N LEU A 492 -4.57 -21.43 22.07
CA LEU A 492 -3.70 -20.28 22.23
C LEU A 492 -2.77 -20.13 21.02
N LYS A 493 -2.20 -21.23 20.53
CA LYS A 493 -1.34 -21.15 19.36
C LYS A 493 -2.13 -20.68 18.14
N GLN A 494 -3.33 -21.22 17.95
CA GLN A 494 -4.14 -20.82 16.81
C GLN A 494 -4.51 -19.34 16.90
N LYS A 495 -4.86 -18.87 18.10
CA LYS A 495 -5.14 -17.44 18.27
C LYS A 495 -3.92 -16.59 17.96
N LEU A 496 -2.75 -17.01 18.45
CA LEU A 496 -1.53 -16.26 18.15
C LEU A 496 -1.34 -16.14 16.65
N GLN A 497 -1.39 -17.26 15.93
CA GLN A 497 -1.15 -17.23 14.49
C GLN A 497 -2.21 -16.43 13.75
N THR A 498 -3.49 -16.59 14.10
CA THR A 498 -4.56 -15.94 13.37
C THR A 498 -4.72 -14.48 13.75
N VAL A 499 -5.05 -14.20 15.01
CA VAL A 499 -5.28 -12.83 15.46
C VAL A 499 -3.96 -12.09 15.58
N GLY A 500 -2.99 -12.69 16.27
CA GLY A 500 -1.76 -11.97 16.58
C GLY A 500 -0.93 -11.65 15.35
N GLY A 501 -0.95 -12.55 14.37
CA GLY A 501 -0.11 -12.40 13.21
C GLY A 501 1.27 -13.00 13.33
N TYR A 502 1.47 -13.95 14.23
CA TYR A 502 2.77 -14.57 14.40
C TYR A 502 3.12 -15.40 13.17
N THR A 503 4.31 -15.17 12.63
CA THR A 503 4.81 -15.90 11.48
C THR A 503 6.14 -16.54 11.89
N GLY A 504 6.04 -17.69 12.54
CA GLY A 504 7.22 -18.37 13.04
C GLY A 504 6.83 -19.66 13.71
N LYS A 505 7.85 -20.46 14.02
CA LYS A 505 7.63 -21.76 14.64
C LYS A 505 7.62 -21.61 16.15
N VAL A 506 6.48 -21.94 16.75
CA VAL A 506 6.29 -21.86 18.19
C VAL A 506 5.60 -23.13 18.65
N CYS A 507 6.08 -23.67 19.77
CA CYS A 507 5.48 -24.86 20.38
C CYS A 507 5.04 -24.50 21.79
N ILE A 508 3.78 -24.73 22.09
CA ILE A 508 3.23 -24.54 23.43
C ILE A 508 3.03 -25.93 24.02
N ILE A 509 3.82 -26.25 25.03
CA ILE A 509 3.88 -27.59 25.58
C ILE A 509 2.97 -27.66 26.79
N PRO A 510 1.91 -28.46 26.77
CA PRO A 510 1.01 -28.57 27.94
C PRO A 510 1.69 -29.36 29.04
N ARG A 511 1.87 -28.72 30.19
CA ARG A 511 2.43 -29.38 31.37
C ARG A 511 1.47 -29.19 32.53
N LEU A 512 1.09 -30.29 33.17
CA LEU A 512 0.06 -30.31 34.19
C LEU A 512 0.71 -30.47 35.55
N ILE A 513 0.43 -29.55 36.46
CA ILE A 513 1.06 -29.54 37.78
C ILE A 513 -0.01 -29.40 38.85
N HIS A 514 0.35 -29.77 40.08
CA HIS A 514 -0.56 -29.77 41.20
C HIS A 514 0.14 -29.18 42.42
N LEU A 515 -0.60 -28.42 43.22
CA LEU A 515 -0.01 -27.83 44.42
C LEU A 515 0.19 -28.86 45.51
N SER A 516 -0.76 -29.79 45.66
CA SER A 516 -0.71 -30.74 46.76
C SER A 516 0.51 -31.66 46.67
N SER A 517 1.03 -31.86 45.46
CA SER A 517 2.18 -32.72 45.28
C SER A 517 3.42 -32.11 45.95
N THR A 518 4.06 -32.90 46.82
CA THR A 518 5.24 -32.40 47.51
C THR A 518 6.44 -32.33 46.56
N GLN A 519 6.57 -33.29 45.66
CA GLN A 519 7.68 -33.35 44.72
C GLN A 519 7.19 -32.92 43.34
N SER A 520 7.96 -32.06 42.68
CA SER A 520 7.59 -31.54 41.38
C SER A 520 7.86 -32.57 40.29
N ARG A 521 7.49 -32.20 39.06
CA ARG A 521 7.65 -32.96 37.81
C ARG A 521 7.48 -34.47 38.00
N PRO A 522 6.29 -34.93 38.42
CA PRO A 522 6.08 -36.38 38.56
C PRO A 522 5.98 -37.05 37.21
N GLY A 523 6.58 -38.24 37.09
CA GLY A 523 6.52 -38.98 35.84
C GLY A 523 7.45 -38.39 34.78
N GLU A 524 7.09 -38.61 33.52
CA GLU A 524 7.88 -38.16 32.39
C GLU A 524 6.98 -37.44 31.38
N ILE A 525 7.55 -36.46 30.70
CA ILE A 525 6.86 -35.70 29.66
C ILE A 525 7.46 -36.10 28.32
N PRO A 526 6.73 -36.82 27.46
CA PRO A 526 7.29 -37.28 26.19
C PRO A 526 7.08 -36.35 25.00
N LEU A 527 6.65 -35.10 25.22
CA LEU A 527 6.39 -34.19 24.11
C LEU A 527 7.71 -33.63 23.58
N ARG A 528 8.04 -34.01 22.36
CA ARG A 528 9.27 -33.60 21.70
C ARG A 528 8.93 -32.81 20.45
N TYR A 529 9.56 -31.66 20.30
CA TYR A 529 9.46 -30.80 19.13
C TYR A 529 10.85 -30.58 18.58
N PRO A 530 10.97 -30.22 17.30
CA PRO A 530 12.28 -29.88 16.76
C PRO A 530 12.88 -28.67 17.46
N ARG A 531 14.20 -28.59 17.40
CA ARG A 531 14.91 -27.46 18.01
C ARG A 531 14.55 -26.15 17.34
N SER A 532 13.95 -26.19 16.15
CA SER A 532 13.54 -24.98 15.46
C SER A 532 12.27 -24.39 16.04
N TYR A 533 11.61 -25.09 16.97
CA TYR A 533 10.32 -24.64 17.45
C TYR A 533 10.45 -23.82 18.73
N ARG A 534 11.59 -23.90 19.39
CA ARG A 534 11.84 -23.03 20.53
C ARG A 534 12.33 -21.67 20.07
N LEU A 535 12.04 -20.64 20.87
CA LEU A 535 12.49 -19.30 20.55
C LEU A 535 14.01 -19.22 20.62
N ALA A 536 14.61 -18.59 19.63
CA ALA A 536 16.06 -18.60 19.51
C ALA A 536 16.72 -17.30 19.97
N ASP A 537 16.16 -16.15 19.62
CA ASP A 537 16.76 -14.87 19.93
C ASP A 537 15.82 -14.08 20.81
N GLU A 538 16.25 -12.86 21.17
CA GLU A 538 15.36 -11.95 21.87
C GLU A 538 14.32 -11.36 20.92
N GLU A 539 14.65 -11.24 19.63
CA GLU A 539 13.70 -10.72 18.66
C GLU A 539 12.49 -11.65 18.50
N GLU A 540 12.73 -12.96 18.52
CA GLU A 540 11.61 -13.90 18.44
C GLU A 540 10.72 -13.80 19.67
N MET A 541 11.33 -13.64 20.85
CA MET A 541 10.56 -13.43 22.07
C MET A 541 9.73 -12.15 21.97
N GLU A 542 10.33 -11.08 21.45
CA GLU A 542 9.59 -9.84 21.26
C GLU A 542 8.41 -10.02 20.32
N ASP A 543 8.63 -10.75 19.22
CA ASP A 543 7.54 -10.96 18.26
C ASP A 543 6.41 -11.77 18.87
N LEU A 544 6.73 -12.83 19.61
CA LEU A 544 5.70 -13.60 20.26
C LEU A 544 4.95 -12.79 21.30
N LEU A 545 5.68 -11.92 22.02
CA LEU A 545 5.04 -11.09 23.03
C LEU A 545 4.13 -10.05 22.39
N GLN A 546 4.51 -9.51 21.23
CA GLN A 546 3.65 -8.58 20.53
C GLN A 546 2.39 -9.26 20.00
N ALA A 547 2.54 -10.50 19.52
CA ALA A 547 1.36 -11.28 19.13
C ALA A 547 0.45 -11.52 20.34
N LEU A 548 1.05 -11.80 21.49
CA LEU A 548 0.26 -11.96 22.72
C LEU A 548 -0.43 -10.66 23.09
N VAL A 549 0.23 -9.53 22.86
CA VAL A 549 -0.38 -8.23 23.10
C VAL A 549 -1.63 -8.07 22.26
N VAL A 550 -1.53 -8.40 20.96
CA VAL A 550 -2.67 -8.27 20.07
C VAL A 550 -3.80 -9.20 20.51
N VAL A 551 -3.46 -10.45 20.84
CA VAL A 551 -4.48 -11.41 21.26
C VAL A 551 -5.18 -10.94 22.53
N SER A 552 -4.41 -10.44 23.50
CA SER A 552 -5.02 -9.96 24.74
C SER A 552 -5.91 -8.75 24.49
N LEU A 553 -5.46 -7.81 23.68
CA LEU A 553 -6.29 -6.64 23.38
C LEU A 553 -7.50 -6.98 22.54
N SER A 554 -7.53 -8.15 21.91
CA SER A 554 -8.69 -8.60 21.15
C SER A 554 -9.60 -9.54 21.93
N SER A 555 -9.55 -9.50 23.27
CA SER A 555 -10.34 -10.40 24.09
C SER A 555 -10.76 -9.68 25.37
N ARG A 556 -11.45 -10.42 26.23
CA ARG A 556 -11.96 -9.89 27.49
C ARG A 556 -11.28 -10.62 28.64
N SER A 557 -10.46 -9.91 29.40
CA SER A 557 -9.73 -10.48 30.52
C SER A 557 -9.14 -9.33 31.34
N LEU A 558 -8.58 -9.68 32.49
CA LEU A 558 -7.90 -8.67 33.30
C LEU A 558 -6.71 -8.09 32.58
N LEU A 559 -5.89 -8.96 31.99
CA LEU A 559 -4.76 -8.49 31.20
C LEU A 559 -5.24 -7.66 30.02
N SER A 560 -6.35 -8.08 29.39
CA SER A 560 -6.95 -7.28 28.33
C SER A 560 -7.28 -5.89 28.83
N ASP A 561 -7.85 -5.79 30.04
CA ASP A 561 -8.22 -4.49 30.58
C ASP A 561 -7.01 -3.62 30.85
N GLN A 562 -5.95 -4.18 31.44
CA GLN A 562 -4.78 -3.38 31.76
C GLN A 562 -4.07 -2.89 30.50
N MET A 563 -3.86 -3.79 29.54
CA MET A 563 -3.27 -3.35 28.28
C MET A 563 -4.19 -2.42 27.52
N GLY A 564 -5.51 -2.53 27.72
CA GLY A 564 -6.41 -1.55 27.14
C GLY A 564 -6.22 -0.17 27.72
N CYS A 565 -5.99 -0.10 29.04
CA CYS A 565 -5.70 1.19 29.66
C CYS A 565 -4.41 1.79 29.09
N GLU A 566 -3.36 0.98 28.94
CA GLU A 566 -2.12 1.52 28.36
C GLU A 566 -2.34 1.94 26.90
N PHE A 567 -3.09 1.15 26.14
CA PHE A 567 -3.43 1.48 24.76
C PHE A 567 -4.17 2.80 24.69
N PHE A 568 -5.11 3.02 25.61
CA PHE A 568 -5.86 4.26 25.65
C PHE A 568 -4.97 5.43 25.99
N ASN A 569 -3.99 5.21 26.87
CA ASN A 569 -3.02 6.27 27.16
C ASN A 569 -2.25 6.67 25.90
N LEU A 570 -1.81 5.69 25.13
CA LEU A 570 -1.09 6.00 23.89
C LEU A 570 -1.98 6.72 22.90
N LEU A 571 -3.24 6.27 22.77
CA LEU A 571 -4.18 6.94 21.88
C LEU A 571 -4.45 8.37 22.31
N ILE A 572 -4.56 8.61 23.61
CA ILE A 572 -4.79 9.96 24.12
C ILE A 572 -3.59 10.84 23.84
N MET A 573 -2.39 10.27 23.94
CA MET A 573 -1.20 11.03 23.56
C MET A 573 -1.25 11.44 22.09
N GLU A 574 -1.65 10.51 21.22
CA GLU A 574 -1.73 10.83 19.79
C GLU A 574 -2.79 11.89 19.51
N GLN A 575 -3.98 11.75 20.10
CA GLN A 575 -5.02 12.77 19.93
C GLN A 575 -4.59 14.12 20.48
N SER A 576 -3.94 14.14 21.64
CA SER A 576 -3.50 15.42 22.20
C SER A 576 -2.50 16.08 21.29
N GLN A 577 -1.56 15.31 20.73
CA GLN A 577 -0.62 15.89 19.78
C GLN A 577 -1.32 16.44 18.55
N LEU A 578 -2.31 15.72 18.03
CA LEU A 578 -3.04 16.21 16.86
C LEU A 578 -3.84 17.47 17.18
N LEU A 579 -4.49 17.51 18.34
CA LEU A 579 -5.33 18.65 18.70
C LEU A 579 -4.49 19.86 19.08
N SER A 580 -3.25 19.64 19.52
CA SER A 580 -2.41 20.75 19.95
C SER A 580 -2.07 21.68 18.80
N GLU A 581 -2.20 21.22 17.56
CA GLU A 581 -1.92 22.07 16.41
C GLU A 581 -2.88 23.25 16.33
N SER A 582 -4.03 23.18 17.01
CA SER A 582 -4.96 24.30 16.99
C SER A 582 -4.52 25.42 17.92
N LEU A 583 -3.55 25.16 18.78
CA LEU A 583 -3.08 26.20 19.70
C LEU A 583 -2.42 27.33 18.94
N GLN A 584 -1.80 27.02 17.81
CA GLN A 584 -1.15 28.05 17.00
C GLN A 584 -2.09 28.72 16.01
N LYS A 585 -3.31 28.21 15.85
CA LYS A 585 -4.24 28.72 14.86
C LYS A 585 -5.47 29.37 15.47
N THR A 586 -5.78 29.07 16.73
CA THR A 586 -6.95 29.64 17.38
C THR A 586 -6.58 30.11 18.77
N ARG A 587 -7.36 31.05 19.29
CA ARG A 587 -7.22 31.53 20.65
C ARG A 587 -8.46 31.27 21.49
N GLU A 588 -9.64 31.47 20.92
CA GLU A 588 -10.90 31.08 21.55
C GLU A 588 -11.52 29.97 20.73
N LEU A 589 -11.80 28.83 21.37
CA LEU A 589 -12.31 27.67 20.67
C LEU A 589 -13.43 27.03 21.48
N PHE A 590 -14.47 26.59 20.79
CA PHE A 590 -15.57 25.84 21.39
C PHE A 590 -15.48 24.40 20.90
N ILE A 591 -15.03 23.50 21.77
CA ILE A 591 -14.83 22.12 21.40
C ILE A 591 -16.09 21.34 21.74
N TYR A 592 -16.71 20.75 20.71
CA TYR A 592 -17.89 19.92 20.89
C TYR A 592 -17.46 18.46 20.92
N CYS A 593 -17.93 17.74 21.92
CA CYS A 593 -17.49 16.38 22.17
C CYS A 593 -18.68 15.43 22.16
N PHE A 594 -18.51 14.29 21.51
CA PHE A 594 -19.48 13.22 21.58
C PHE A 594 -19.45 12.61 22.97
N PRO A 595 -20.48 11.85 23.35
CA PRO A 595 -20.40 11.07 24.59
C PRO A 595 -19.24 10.09 24.53
N GLY A 596 -18.50 10.01 25.65
CA GLY A 596 -17.38 9.09 25.75
C GLY A 596 -16.08 9.58 25.18
N VAL A 597 -15.88 10.89 25.05
CA VAL A 597 -14.68 11.42 24.43
C VAL A 597 -13.50 11.54 25.39
N ARG A 598 -13.75 11.51 26.70
CA ARG A 598 -12.70 11.68 27.72
C ARG A 598 -12.04 13.05 27.59
N LYS A 599 -12.86 14.08 27.87
CA LYS A 599 -12.42 15.46 27.70
C LYS A 599 -11.28 15.81 28.65
N THR A 600 -11.26 15.19 29.83
CA THR A 600 -10.34 15.65 30.88
C THR A 600 -8.89 15.31 30.56
N ALA A 601 -8.63 14.11 30.02
CA ALA A 601 -7.27 13.76 29.65
C ALA A 601 -6.76 14.66 28.53
N LEU A 602 -7.61 14.92 27.54
CA LEU A 602 -7.25 15.84 26.48
C LEU A 602 -6.98 17.23 27.03
N ALA A 603 -7.78 17.67 28.00
CA ALA A 603 -7.56 18.98 28.60
C ALA A 603 -6.23 19.05 29.33
N ILE A 604 -5.89 18.00 30.09
CA ILE A 604 -4.63 17.99 30.83
C ILE A 604 -3.45 18.06 29.86
N LYS A 605 -3.48 17.24 28.81
CA LYS A 605 -2.35 17.24 27.89
C LYS A 605 -2.30 18.52 27.08
N ILE A 606 -3.45 19.12 26.79
CA ILE A 606 -3.47 20.40 26.10
C ILE A 606 -2.89 21.49 26.99
N MET A 607 -3.16 21.41 28.30
CA MET A 607 -2.59 22.38 29.23
C MET A 607 -1.07 22.25 29.26
N GLU A 608 -0.57 21.03 29.26
CA GLU A 608 0.87 20.83 29.18
C GLU A 608 1.42 21.42 27.87
N LYS A 609 0.71 21.22 26.77
CA LYS A 609 1.17 21.74 25.48
C LYS A 609 1.16 23.27 25.46
N ILE A 610 0.16 23.89 26.11
CA ILE A 610 0.17 25.35 26.24
C ILE A 610 1.39 25.81 27.01
N LYS A 611 1.70 25.14 28.12
CA LYS A 611 2.87 25.52 28.91
C LYS A 611 4.14 25.40 28.07
N ASP A 612 4.24 24.36 27.26
CA ASP A 612 5.41 24.20 26.40
C ASP A 612 5.48 25.29 25.32
N LEU A 613 4.35 25.55 24.65
CA LEU A 613 4.36 26.41 23.47
C LEU A 613 4.50 27.87 23.83
N PHE A 614 3.77 28.33 24.85
CA PHE A 614 3.77 29.74 25.22
C PHE A 614 4.85 30.09 26.24
N HIS A 615 5.63 29.11 26.69
CA HIS A 615 6.72 29.33 27.64
C HIS A 615 6.23 30.06 28.89
N CYS A 616 5.05 29.67 29.37
CA CYS A 616 4.46 30.29 30.54
C CYS A 616 4.66 29.43 31.77
N LYS A 617 4.60 30.09 32.92
CA LYS A 617 4.65 29.37 34.19
C LYS A 617 3.40 28.52 34.34
N PRO A 618 3.52 27.35 35.00
CA PRO A 618 2.34 26.48 35.13
C PRO A 618 1.17 27.13 35.86
N LYS A 619 1.43 28.04 36.80
CA LYS A 619 0.37 28.68 37.55
C LYS A 619 -0.33 29.77 36.76
N GLU A 620 0.12 30.08 35.55
CA GLU A 620 -0.55 31.03 34.69
C GLU A 620 -1.64 30.40 33.82
N ILE A 621 -1.78 29.08 33.86
CA ILE A 621 -2.84 28.38 33.13
C ILE A 621 -3.87 27.92 34.13
N LEU A 622 -5.13 28.24 33.86
CA LEU A 622 -6.24 27.95 34.76
C LEU A 622 -7.18 26.94 34.13
N TYR A 623 -7.60 25.95 34.91
CA TYR A 623 -8.61 24.98 34.51
C TYR A 623 -9.84 25.20 35.38
N VAL A 624 -10.98 25.42 34.76
CA VAL A 624 -12.23 25.70 35.45
C VAL A 624 -13.20 24.56 35.16
N CYS A 625 -13.71 23.93 36.22
CA CYS A 625 -14.70 22.87 36.10
C CYS A 625 -15.87 23.21 36.99
N GLU A 626 -16.86 22.33 37.02
CA GLU A 626 -18.05 22.54 37.82
C GLU A 626 -18.08 21.71 39.09
N SER A 627 -17.51 20.50 39.07
CA SER A 627 -17.59 19.58 40.19
C SER A 627 -16.28 19.60 40.97
N ASP A 628 -16.39 19.50 42.29
CA ASP A 628 -15.19 19.48 43.13
C ASP A 628 -14.36 18.24 42.86
N SER A 629 -15.00 17.08 42.72
CA SER A 629 -14.25 15.82 42.56
C SER A 629 -13.33 15.88 41.35
N LEU A 630 -13.83 16.37 40.22
CA LEU A 630 -12.96 16.57 39.06
C LEU A 630 -11.86 17.58 39.37
N LYS A 631 -12.15 18.56 40.23
CA LYS A 631 -11.12 19.54 40.57
C LYS A 631 -9.95 18.88 41.29
N ASP A 632 -10.23 18.03 42.29
CA ASP A 632 -9.13 17.32 42.96
C ASP A 632 -8.42 16.38 42.00
N PHE A 633 -9.18 15.68 41.15
CA PHE A 633 -8.55 14.79 40.17
C PHE A 633 -7.54 15.54 39.32
N VAL A 634 -7.98 16.64 38.71
CA VAL A 634 -7.09 17.40 37.83
C VAL A 634 -5.96 18.04 38.63
N THR A 635 -6.24 18.46 39.87
CA THR A 635 -5.19 19.04 40.70
C THR A 635 -4.06 18.06 40.91
N GLN A 636 -4.38 16.78 41.14
CA GLN A 636 -3.31 15.80 41.25
C GLN A 636 -2.66 15.52 39.89
N GLN A 637 -3.44 15.48 38.81
CA GLN A 637 -2.85 15.10 37.53
C GLN A 637 -2.01 16.21 36.89
N THR A 638 -2.25 17.48 37.22
CA THR A 638 -1.53 18.56 36.54
C THR A 638 -0.96 19.52 37.57
N THR A 639 0.14 20.17 37.18
CA THR A 639 0.76 21.16 38.05
C THR A 639 0.11 22.53 37.90
N CYS A 640 -0.61 22.74 36.81
CA CYS A 640 -1.26 24.02 36.58
C CYS A 640 -2.46 24.19 37.52
N GLN A 641 -2.91 25.42 37.66
CA GLN A 641 -3.97 25.73 38.60
C GLN A 641 -5.30 25.16 38.14
N ALA A 642 -6.07 24.65 39.09
CA ALA A 642 -7.39 24.10 38.84
C ALA A 642 -8.37 24.61 39.87
N VAL A 643 -9.47 25.21 39.42
CA VAL A 643 -10.49 25.73 40.31
C VAL A 643 -11.85 25.32 39.80
N THR A 644 -12.84 25.35 40.69
CA THR A 644 -14.22 25.16 40.30
C THR A 644 -14.84 26.51 39.94
N ARG A 645 -16.03 26.46 39.37
CA ARG A 645 -16.66 27.69 38.87
C ARG A 645 -16.98 28.65 40.01
N LYS A 646 -17.40 28.12 41.15
CA LYS A 646 -17.68 28.99 42.30
C LYS A 646 -16.42 29.71 42.76
N THR A 647 -15.30 28.99 42.84
CA THR A 647 -14.03 29.63 43.19
C THR A 647 -13.62 30.64 42.13
N PHE A 648 -13.83 30.31 40.85
CA PHE A 648 -13.46 31.20 39.76
C PHE A 648 -14.23 32.51 39.84
N MET A 649 -15.53 32.43 40.11
CA MET A 649 -16.35 33.63 40.16
C MET A 649 -16.08 34.43 41.43
N GLN A 650 -15.94 33.76 42.57
CA GLN A 650 -15.65 34.48 43.80
C GLN A 650 -14.26 35.11 43.77
N GLY A 651 -13.28 34.38 43.26
CA GLY A 651 -11.90 34.86 43.30
C GLY A 651 -11.57 35.81 42.18
N GLU A 652 -10.37 36.38 42.27
CA GLU A 652 -9.83 37.28 41.27
C GLU A 652 -8.49 36.75 40.80
N PHE A 653 -8.31 36.67 39.48
CA PHE A 653 -7.17 35.98 38.87
C PHE A 653 -6.39 36.97 38.02
N LEU A 654 -5.44 37.67 38.65
CA LEU A 654 -4.66 38.68 37.94
C LEU A 654 -3.59 38.05 37.06
N LYS A 655 -2.98 36.96 37.53
CA LYS A 655 -1.84 36.38 36.85
C LYS A 655 -2.20 35.28 35.87
N ILE A 656 -3.48 35.00 35.66
CA ILE A 656 -3.91 33.94 34.76
C ILE A 656 -3.82 34.46 33.32
N LYS A 657 -3.12 33.71 32.48
CA LYS A 657 -2.95 34.09 31.08
C LYS A 657 -3.74 33.21 30.12
N HIS A 658 -4.02 31.97 30.47
CA HIS A 658 -4.79 31.06 29.63
C HIS A 658 -5.81 30.34 30.50
N ILE A 659 -6.98 30.06 29.91
CA ILE A 659 -8.06 29.39 30.62
C ILE A 659 -8.57 28.23 29.78
N VAL A 660 -8.66 27.05 30.39
CA VAL A 660 -9.27 25.88 29.79
C VAL A 660 -10.43 25.46 30.67
N MET A 661 -11.61 25.39 30.08
CA MET A 661 -12.84 25.13 30.83
C MET A 661 -13.44 23.80 30.40
N ASP A 662 -13.78 22.96 31.37
CA ASP A 662 -14.41 21.68 31.14
C ASP A 662 -15.76 21.67 31.84
N GLU A 663 -16.63 20.74 31.42
CA GLU A 663 -17.98 20.64 31.96
C GLU A 663 -18.76 21.94 31.78
N THR A 664 -18.56 22.58 30.62
CA THR A 664 -19.12 23.91 30.41
C THR A 664 -20.63 23.88 30.29
N GLU A 665 -21.21 22.72 29.98
CA GLU A 665 -22.65 22.64 29.80
C GLU A 665 -23.40 22.88 31.10
N ASN A 666 -22.82 22.46 32.23
CA ASN A 666 -23.51 22.51 33.51
C ASN A 666 -23.29 23.83 34.25
N PHE A 667 -22.59 24.78 33.65
CA PHE A 667 -22.34 26.05 34.33
C PHE A 667 -23.63 26.83 34.51
N CYS A 668 -23.76 27.47 35.67
CA CYS A 668 -24.93 28.27 35.99
C CYS A 668 -24.52 29.74 36.08
N SER A 669 -25.37 30.62 35.54
CA SER A 669 -25.09 32.04 35.49
C SER A 669 -25.70 32.83 36.64
N LYS A 670 -26.29 32.16 37.63
CA LYS A 670 -26.93 32.88 38.73
C LYS A 670 -25.91 33.62 39.57
N TYR A 671 -24.75 33.00 39.85
CA TYR A 671 -23.71 33.68 40.60
C TYR A 671 -23.17 34.88 39.85
N GLY A 672 -22.98 34.73 38.55
CA GLY A 672 -22.44 35.80 37.72
C GLY A 672 -22.28 35.26 36.31
N ASN A 673 -21.82 36.14 35.43
CA ASN A 673 -21.64 35.76 34.04
C ASN A 673 -20.16 35.44 33.84
N TRP A 674 -19.84 34.15 33.87
CA TRP A 674 -18.44 33.71 33.89
C TRP A 674 -17.77 33.91 32.54
N TYR A 675 -18.55 33.92 31.46
CA TYR A 675 -17.95 34.02 30.14
C TYR A 675 -17.23 35.36 29.96
N MET A 676 -17.82 36.45 30.44
CA MET A 676 -17.15 37.74 30.30
C MET A 676 -15.92 37.80 31.18
N LYS A 677 -15.94 37.16 32.35
CA LYS A 677 -14.75 37.10 33.17
C LYS A 677 -13.61 36.38 32.46
N ALA A 678 -13.92 35.20 31.88
CA ALA A 678 -12.91 34.47 31.14
C ALA A 678 -12.41 35.27 29.94
N LYS A 679 -13.31 35.95 29.25
CA LYS A 679 -12.93 36.78 28.12
C LYS A 679 -12.02 37.92 28.54
N ASN A 680 -12.34 38.57 29.66
CA ASN A 680 -11.52 39.69 30.13
C ASN A 680 -10.14 39.22 30.56
N ILE A 681 -10.05 38.07 31.23
CA ILE A 681 -8.75 37.54 31.60
C ILE A 681 -7.96 37.15 30.36
N THR A 682 -8.66 36.63 29.34
CA THR A 682 -7.98 36.17 28.14
C THR A 682 -7.80 37.29 27.12
N HIS A 683 -8.86 38.06 26.87
CA HIS A 683 -8.82 39.16 25.90
C HIS A 683 -8.85 40.48 26.64
N PRO A 684 -7.71 41.10 26.91
CA PRO A 684 -7.72 42.37 27.63
C PRO A 684 -7.81 43.58 26.71
N LYS A 685 -8.72 44.50 27.01
CA LYS A 685 -8.86 45.71 26.21
C LYS A 685 -7.62 46.58 26.37
N ALA A 686 -7.22 47.22 25.27
CA ALA A 686 -6.04 48.08 25.28
C ALA A 686 -6.29 49.31 26.15
N LYS A 687 -5.28 49.67 26.94
CA LYS A 687 -5.35 50.83 27.83
C LYS A 687 -4.31 51.85 27.35
N GLY A 688 -4.71 52.69 26.41
CA GLY A 688 -3.81 53.70 25.87
C GLY A 688 -2.58 53.08 25.23
N THR A 689 -1.42 53.66 25.53
CA THR A 689 -0.15 53.19 24.99
C THR A 689 0.66 52.39 25.99
N GLY A 690 0.05 51.98 27.11
CA GLY A 690 0.80 51.23 28.12
C GLY A 690 1.29 49.88 27.61
N SER A 691 0.44 49.17 26.88
CA SER A 691 0.77 47.85 26.35
C SER A 691 1.25 48.00 24.91
N GLU A 692 2.56 47.85 24.69
CA GLU A 692 3.09 47.95 23.34
C GLU A 692 2.59 46.81 22.46
N ASN A 693 2.54 45.59 23.00
CA ASN A 693 2.08 44.41 22.27
C ASN A 693 1.12 43.64 23.17
N LEU A 694 -0.17 43.97 23.09
CA LEU A 694 -1.17 43.28 23.88
C LEU A 694 -1.27 41.82 23.46
N HIS A 695 -1.41 40.94 24.43
CA HIS A 695 -1.45 39.51 24.18
C HIS A 695 -2.88 38.99 24.29
N HIS A 696 -3.17 37.96 23.50
CA HIS A 696 -4.42 37.22 23.57
C HIS A 696 -4.11 35.83 24.09
N GLY A 697 -4.85 35.41 25.11
CA GLY A 697 -4.67 34.10 25.70
C GLY A 697 -5.51 33.04 25.01
N ILE A 698 -5.54 31.87 25.65
CA ILE A 698 -6.27 30.72 25.15
C ILE A 698 -7.52 30.56 25.99
N LEU A 699 -8.68 30.60 25.35
CA LEU A 699 -9.96 30.36 26.00
C LEU A 699 -10.61 29.18 25.30
N TRP A 700 -10.28 27.98 25.76
CA TRP A 700 -10.78 26.74 25.18
C TRP A 700 -11.89 26.20 26.06
N LEU A 701 -13.06 26.02 25.49
CA LEU A 701 -14.24 25.53 26.19
C LEU A 701 -14.58 24.14 25.66
N PHE A 702 -14.69 23.17 26.55
CA PHE A 702 -15.06 21.81 26.19
C PHE A 702 -16.53 21.61 26.53
N LEU A 703 -17.33 21.30 25.51
CA LEU A 703 -18.76 21.19 25.64
C LEU A 703 -19.22 19.79 25.26
N ASP A 704 -20.13 19.23 26.05
CA ASP A 704 -20.84 18.02 25.71
C ASP A 704 -22.33 18.36 25.62
N PRO A 705 -22.86 18.61 24.43
CA PRO A 705 -24.27 19.02 24.33
C PRO A 705 -25.24 17.99 24.88
N PHE A 706 -24.92 16.70 24.74
CA PHE A 706 -25.88 15.66 25.09
C PHE A 706 -26.10 15.57 26.59
N GLN A 707 -25.03 15.70 27.38
CA GLN A 707 -25.12 15.53 28.82
C GLN A 707 -25.27 16.89 29.51
N ILE A 708 -26.45 17.46 29.35
CA ILE A 708 -26.84 18.68 30.04
C ILE A 708 -27.80 18.30 31.15
N HIS A 709 -27.44 18.62 32.38
CA HIS A 709 -28.28 18.33 33.53
C HIS A 709 -28.75 19.59 34.24
N HIS A 710 -28.50 20.76 33.69
CA HIS A 710 -28.96 22.02 34.27
C HIS A 710 -29.93 22.68 33.29
N ALA A 711 -31.19 22.78 33.70
CA ALA A 711 -32.21 23.33 32.82
C ALA A 711 -32.04 24.82 32.60
N ASP A 712 -31.40 25.50 33.55
CA ASP A 712 -31.22 26.95 33.44
C ASP A 712 -30.26 27.29 32.30
N VAL A 713 -30.25 28.57 31.93
CA VAL A 713 -29.35 29.03 30.87
C VAL A 713 -27.91 28.87 31.32
N ASN A 714 -27.05 28.47 30.39
CA ASN A 714 -25.67 28.16 30.74
C ASN A 714 -24.85 29.41 30.99
N GLY A 715 -25.21 30.52 30.33
CA GLY A 715 -24.40 31.71 30.33
C GLY A 715 -23.47 31.81 29.14
N LEU A 716 -23.47 30.80 28.28
CA LEU A 716 -22.67 30.81 27.07
C LEU A 716 -23.24 31.81 26.07
N PRO A 717 -22.45 32.24 25.11
CA PRO A 717 -23.01 32.96 23.97
C PRO A 717 -23.94 32.06 23.18
N PRO A 718 -24.90 32.62 22.47
CA PRO A 718 -25.86 31.79 21.74
C PRO A 718 -25.14 30.91 20.73
N PRO A 719 -25.75 29.80 20.33
CA PRO A 719 -25.07 28.86 19.41
C PRO A 719 -24.63 29.50 18.11
N SER A 720 -25.22 30.62 17.71
CA SER A 720 -24.77 31.32 16.52
C SER A 720 -23.47 32.07 16.74
N ALA A 721 -23.10 32.35 17.99
CA ALA A 721 -21.86 33.05 18.32
C ALA A 721 -20.80 32.12 18.87
N GLN A 722 -21.03 30.81 18.83
CA GLN A 722 -20.08 29.84 19.37
C GLN A 722 -19.09 29.41 18.28
N PHE A 723 -18.28 30.37 17.85
CA PHE A 723 -17.31 30.16 16.79
C PHE A 723 -15.99 30.80 17.18
N PRO A 724 -14.87 30.24 16.72
CA PRO A 724 -14.71 29.02 15.91
C PRO A 724 -14.93 27.76 16.73
N ARG A 725 -15.30 26.67 16.08
CA ARG A 725 -15.69 25.45 16.79
C ARG A 725 -14.97 24.25 16.19
N LYS A 726 -14.72 23.27 17.04
CA LYS A 726 -14.16 21.99 16.64
C LYS A 726 -14.99 20.87 17.25
N THR A 727 -15.26 19.84 16.48
CA THR A 727 -15.97 18.66 16.95
C THR A 727 -14.97 17.51 17.06
N ILE A 728 -14.85 16.94 18.25
CA ILE A 728 -13.91 15.85 18.51
C ILE A 728 -14.72 14.57 18.63
N THR A 729 -14.41 13.60 17.77
CA THR A 729 -15.04 12.30 17.79
C THR A 729 -14.06 11.16 18.05
N SER A 730 -12.77 11.42 17.95
CA SER A 730 -11.76 10.38 18.04
C SER A 730 -11.25 10.15 19.44
N GLY A 731 -11.92 10.67 20.46
CA GLY A 731 -11.56 10.42 21.83
C GLY A 731 -12.27 9.25 22.49
N ILE A 732 -13.04 8.49 21.74
CA ILE A 732 -13.86 7.43 22.32
C ILE A 732 -12.95 6.31 22.80
N HIS A 733 -12.87 6.14 24.11
CA HIS A 733 -12.00 5.13 24.74
C HIS A 733 -12.88 4.31 25.68
N CYS A 734 -13.52 3.29 25.13
CA CYS A 734 -14.38 2.41 25.91
C CYS A 734 -14.61 1.12 25.13
N ALA A 735 -15.48 0.28 25.66
CA ALA A 735 -15.80 -0.98 25.00
C ALA A 735 -16.76 -0.74 23.83
N LEU A 736 -16.81 -1.71 22.91
CA LEU A 736 -17.80 -1.66 21.85
C LEU A 736 -19.22 -1.67 22.41
N GLU A 737 -19.43 -2.44 23.48
CA GLU A 737 -20.77 -2.52 24.05
C GLU A 737 -21.23 -1.20 24.64
N ILE A 738 -20.34 -0.54 25.40
CA ILE A 738 -20.68 0.75 25.99
C ILE A 738 -20.87 1.79 24.91
N ALA A 739 -20.02 1.76 23.87
CA ALA A 739 -20.18 2.70 22.76
C ALA A 739 -21.50 2.47 22.03
N LYS A 740 -21.92 1.21 21.90
CA LYS A 740 -23.20 0.90 21.26
C LYS A 740 -24.36 1.44 22.09
N VAL A 741 -24.29 1.26 23.42
CA VAL A 741 -25.33 1.80 24.28
C VAL A 741 -25.40 3.32 24.15
N MET A 742 -24.24 3.97 24.15
CA MET A 742 -24.20 5.43 24.05
C MET A 742 -24.73 5.90 22.70
N LYS A 743 -24.44 5.16 21.63
CA LYS A 743 -24.99 5.52 20.32
C LYS A 743 -26.51 5.35 20.27
N GLU A 744 -27.02 4.28 20.87
CA GLU A 744 -28.47 4.11 20.91
C GLU A 744 -29.14 5.26 21.65
N GLU A 745 -28.57 5.66 22.78
CA GLU A 745 -29.11 6.81 23.50
C GLU A 745 -28.97 8.09 22.68
N MET A 746 -27.89 8.22 21.93
CA MET A 746 -27.69 9.39 21.07
C MET A 746 -28.79 9.48 20.01
N LYS A 747 -29.09 8.35 19.37
CA LYS A 747 -30.17 8.32 18.38
C LYS A 747 -31.50 8.64 19.01
N ARG A 748 -31.77 8.07 20.19
CA ARG A 748 -33.03 8.34 20.88
C ARG A 748 -33.17 9.83 21.21
N ILE A 749 -32.08 10.46 21.64
CA ILE A 749 -32.12 11.88 21.96
C ILE A 749 -32.33 12.71 20.70
N LYS A 750 -31.62 12.38 19.61
CA LYS A 750 -31.77 13.15 18.39
C LYS A 750 -33.18 13.04 17.83
N GLU A 751 -33.81 11.87 17.94
CA GLU A 751 -35.16 11.72 17.43
C GLU A 751 -36.15 12.59 18.20
N ASN A 752 -36.04 12.62 19.53
CA ASN A 752 -36.93 13.41 20.39
C ASN A 752 -36.10 14.30 21.31
N PRO A 753 -35.58 15.40 20.78
CA PRO A 753 -34.73 16.28 21.59
C PRO A 753 -35.51 16.88 22.75
N PRO A 754 -34.87 17.05 23.91
CA PRO A 754 -35.55 17.67 25.04
C PRO A 754 -35.61 19.18 24.89
N SER A 755 -36.17 19.83 25.92
CA SER A 755 -36.38 21.26 25.86
C SER A 755 -35.07 22.04 25.87
N ASN A 756 -34.15 21.67 26.78
CA ASN A 756 -32.95 22.47 26.97
C ASN A 756 -32.05 22.46 25.74
N MET A 757 -31.87 21.29 25.12
CA MET A 757 -31.01 21.20 23.95
C MET A 757 -31.66 21.85 22.74
N SER A 758 -30.84 22.17 21.75
CA SER A 758 -31.26 22.88 20.56
C SER A 758 -30.94 22.08 19.31
N PRO A 759 -31.75 22.22 18.25
CA PRO A 759 -31.49 21.46 17.02
C PRO A 759 -30.13 21.72 16.41
N ASP A 760 -29.65 22.97 16.46
CA ASP A 760 -28.37 23.29 15.83
C ASP A 760 -27.22 22.54 16.48
N THR A 761 -27.22 22.46 17.82
CA THR A 761 -26.18 21.72 18.52
C THR A 761 -26.30 20.23 18.25
N LEU A 762 -27.53 19.72 18.12
CA LEU A 762 -27.71 18.30 17.85
C LEU A 762 -27.31 17.95 16.42
N ALA A 763 -27.28 18.95 15.53
CA ALA A 763 -27.05 18.66 14.12
C ALA A 763 -25.61 18.26 13.83
N LEU A 764 -24.66 18.66 14.67
CA LEU A 764 -23.25 18.41 14.35
C LEU A 764 -22.86 16.95 14.58
N PHE A 765 -23.67 16.17 15.28
CA PHE A 765 -23.31 14.82 15.67
C PHE A 765 -24.00 13.81 14.75
N SER A 766 -23.20 13.04 14.03
CA SER A 766 -23.69 12.06 13.08
C SER A 766 -23.32 10.65 13.54
N GLU A 767 -24.18 9.68 13.21
CA GLU A 767 -23.94 8.31 13.62
C GLU A 767 -22.80 7.66 12.85
N THR A 768 -22.59 8.07 11.59
CA THR A 768 -21.54 7.47 10.78
C THR A 768 -20.16 7.76 11.36
N ALA A 769 -19.92 9.01 11.75
CA ALA A 769 -18.65 9.36 12.38
C ALA A 769 -18.48 8.60 13.70
N TYR A 770 -19.57 8.42 14.44
CA TYR A 770 -19.49 7.70 15.70
C TYR A 770 -19.11 6.25 15.49
N GLU A 771 -19.71 5.58 14.49
CA GLU A 771 -19.27 4.23 14.13
C GLU A 771 -17.82 4.18 13.69
N GLU A 772 -17.39 5.14 12.86
CA GLU A 772 -16.00 5.11 12.44
C GLU A 772 -15.06 5.23 13.62
N ALA A 773 -15.34 6.17 14.53
CA ALA A 773 -14.49 6.34 15.71
C ALA A 773 -14.52 5.12 16.62
N THR A 774 -15.71 4.55 16.85
CA THR A 774 -15.81 3.38 17.72
C THR A 774 -15.06 2.20 17.14
N SER A 775 -15.20 1.96 15.84
CA SER A 775 -14.46 0.87 15.22
C SER A 775 -12.96 1.13 15.26
N ALA A 776 -12.55 2.40 15.20
CA ALA A 776 -11.13 2.70 15.18
C ALA A 776 -10.50 2.57 16.56
N GLN A 777 -11.26 2.83 17.63
CA GLN A 777 -10.65 3.11 18.93
C GLN A 777 -11.20 2.31 20.09
N ALA A 778 -12.19 1.45 19.88
CA ALA A 778 -12.80 0.75 20.99
C ALA A 778 -12.32 -0.69 21.04
N LEU A 779 -12.42 -1.29 22.22
CA LEU A 779 -11.88 -2.60 22.52
C LEU A 779 -12.97 -3.47 23.12
N PRO A 780 -12.87 -4.79 22.98
CA PRO A 780 -13.93 -5.66 23.50
C PRO A 780 -14.14 -5.50 25.00
N GLY A 781 -15.40 -5.57 25.41
CA GLY A 781 -15.76 -5.37 26.79
C GLY A 781 -17.09 -6.02 27.11
N VAL A 782 -17.69 -5.57 28.21
CA VAL A 782 -18.90 -6.18 28.76
C VAL A 782 -19.89 -5.08 29.11
N CYS A 783 -21.14 -5.26 28.69
CA CYS A 783 -22.26 -4.41 29.10
C CYS A 783 -23.47 -5.28 29.34
N GLU A 784 -24.08 -5.17 30.51
CA GLU A 784 -25.21 -6.01 30.88
C GLU A 784 -26.29 -5.16 31.55
N THR A 785 -27.53 -5.62 31.43
CA THR A 785 -28.67 -4.94 32.01
C THR A 785 -29.55 -5.96 32.71
N LYS A 786 -29.93 -5.66 33.94
CA LYS A 786 -30.83 -6.50 34.71
C LYS A 786 -31.97 -5.63 35.21
N THR A 787 -33.18 -6.19 35.19
CA THR A 787 -34.38 -5.45 35.52
C THR A 787 -35.23 -6.27 36.48
N ASN A 788 -36.08 -5.56 37.24
CA ASN A 788 -37.03 -6.18 38.16
C ASN A 788 -36.31 -6.96 39.27
N LEU A 789 -35.46 -6.26 40.00
CA LEU A 789 -34.72 -6.83 41.12
C LEU A 789 -35.01 -6.04 42.38
N THR A 790 -35.04 -6.74 43.52
CA THR A 790 -35.14 -6.06 44.79
C THR A 790 -33.77 -5.56 45.24
N THR A 791 -33.75 -4.87 46.38
CA THR A 791 -32.48 -4.33 46.88
C THR A 791 -31.52 -5.45 47.24
N GLU A 792 -32.01 -6.51 47.89
CA GLU A 792 -31.14 -7.61 48.27
C GLU A 792 -30.59 -8.33 47.05
N GLN A 793 -31.39 -8.48 46.00
CA GLN A 793 -30.89 -9.12 44.79
C GLN A 793 -29.81 -8.28 44.11
N ILE A 794 -30.00 -6.95 44.09
CA ILE A 794 -28.97 -6.08 43.52
C ILE A 794 -27.69 -6.18 44.35
N ALA A 795 -27.82 -6.17 45.67
CA ALA A 795 -26.64 -6.28 46.53
C ALA A 795 -25.92 -7.60 46.32
N ASN A 796 -26.67 -8.70 46.23
CA ASN A 796 -26.05 -10.01 46.00
C ASN A 796 -25.38 -10.07 44.64
N TYR A 797 -26.01 -9.51 43.61
CA TYR A 797 -25.40 -9.49 42.29
C TYR A 797 -24.08 -8.72 42.30
N VAL A 798 -24.09 -7.54 42.92
CA VAL A 798 -22.87 -6.74 42.97
C VAL A 798 -21.79 -7.45 43.76
N ALA A 799 -22.15 -8.06 44.89
CA ALA A 799 -21.16 -8.77 45.71
C ALA A 799 -20.57 -9.95 44.96
N ARG A 800 -21.41 -10.74 44.29
CA ARG A 800 -20.92 -11.89 43.55
C ARG A 800 -20.03 -11.47 42.39
N LYS A 801 -20.43 -10.43 41.66
CA LYS A 801 -19.61 -9.99 40.53
C LYS A 801 -18.29 -9.42 41.02
N CYS A 802 -18.30 -8.67 42.12
CA CYS A 802 -17.07 -8.13 42.65
C CYS A 802 -16.15 -9.25 43.12
N HIS A 803 -16.70 -10.28 43.77
CA HIS A 803 -15.88 -11.41 44.19
C HIS A 803 -15.27 -12.11 42.98
N SER A 804 -16.05 -12.33 41.93
CA SER A 804 -15.53 -12.97 40.73
C SER A 804 -14.43 -12.14 40.09
N LEU A 805 -14.61 -10.83 40.03
CA LEU A 805 -13.60 -9.96 39.44
C LEU A 805 -12.33 -9.93 40.28
N PHE A 806 -12.48 -9.92 41.61
CA PHE A 806 -11.31 -9.93 42.48
C PHE A 806 -10.54 -11.24 42.35
N GLN A 807 -11.25 -12.36 42.21
CA GLN A 807 -10.57 -13.64 42.03
C GLN A 807 -9.77 -13.66 40.73
N SER A 808 -10.21 -12.92 39.72
CA SER A 808 -9.52 -12.86 38.44
C SER A 808 -8.40 -11.83 38.43
N GLY A 809 -8.20 -11.11 39.53
CA GLY A 809 -7.11 -10.16 39.64
C GLY A 809 -7.50 -8.70 39.57
N TYR A 810 -8.79 -8.38 39.49
CA TYR A 810 -9.22 -6.99 39.51
C TYR A 810 -9.03 -6.41 40.91
N LEU A 811 -8.46 -5.24 40.98
CA LEU A 811 -8.28 -4.53 42.23
C LEU A 811 -9.54 -3.76 42.59
N PRO A 812 -9.76 -3.47 43.87
CA PRO A 812 -10.95 -2.69 44.24
C PRO A 812 -10.97 -1.28 43.66
N LYS A 813 -9.82 -0.75 43.23
CA LYS A 813 -9.78 0.58 42.66
C LYS A 813 -10.38 0.63 41.26
N ASP A 814 -10.74 -0.51 40.68
CA ASP A 814 -11.36 -0.56 39.35
C ASP A 814 -12.87 -0.70 39.41
N ILE A 815 -13.46 -0.69 40.60
CA ILE A 815 -14.89 -0.89 40.78
C ILE A 815 -15.52 0.42 41.23
N ALA A 816 -16.59 0.83 40.55
CA ALA A 816 -17.34 2.02 40.89
C ALA A 816 -18.81 1.69 40.92
N ILE A 817 -19.43 1.81 42.08
CA ILE A 817 -20.86 1.55 42.24
C ILE A 817 -21.57 2.89 42.32
N LEU A 818 -22.37 3.19 41.32
CA LEU A 818 -22.99 4.50 41.18
C LEU A 818 -24.51 4.35 41.23
N CYS A 819 -25.15 5.20 42.02
CA CYS A 819 -26.60 5.22 42.15
C CYS A 819 -27.15 6.54 41.65
N ARG A 820 -28.21 6.46 40.83
CA ARG A 820 -28.81 7.68 40.28
C ARG A 820 -29.32 8.60 41.37
N ARG A 821 -30.15 8.09 42.27
CA ARG A 821 -30.73 8.88 43.34
C ARG A 821 -29.78 8.89 44.54
N GLY A 822 -29.37 10.09 44.95
CA GLY A 822 -28.40 10.21 46.02
C GLY A 822 -28.93 9.81 47.38
N GLU A 823 -30.25 9.83 47.57
CA GLU A 823 -30.82 9.49 48.87
C GLU A 823 -30.82 7.99 49.11
N ASP A 824 -30.47 7.17 48.12
CA ASP A 824 -30.39 5.73 48.29
C ASP A 824 -28.97 5.27 48.64
N ARG A 825 -28.05 6.20 48.85
CA ARG A 825 -26.66 5.80 49.11
C ARG A 825 -26.54 4.99 50.38
N GLY A 826 -27.23 5.40 51.45
CA GLY A 826 -27.12 4.66 52.71
C GLY A 826 -27.74 3.29 52.63
N ARG A 827 -28.92 3.19 52.00
CA ARG A 827 -29.58 1.90 51.84
C ARG A 827 -28.72 0.94 51.03
N TYR A 828 -28.17 1.42 49.92
CA TYR A 828 -27.31 0.57 49.10
C TYR A 828 -26.04 0.20 49.85
N ARG A 829 -25.50 1.12 50.64
CA ARG A 829 -24.30 0.82 51.41
C ARG A 829 -24.56 -0.29 52.43
N LEU A 830 -25.68 -0.21 53.14
CA LEU A 830 -26.01 -1.26 54.10
C LEU A 830 -26.21 -2.60 53.39
N ALA A 831 -26.95 -2.60 52.28
CA ALA A 831 -27.18 -3.85 51.56
C ALA A 831 -25.88 -4.45 51.05
N LEU A 832 -24.97 -3.61 50.54
CA LEU A 832 -23.70 -4.11 50.03
C LEU A 832 -22.81 -4.62 51.15
N LEU A 833 -22.78 -3.94 52.29
CA LEU A 833 -22.06 -4.48 53.44
C LEU A 833 -22.56 -5.87 53.79
N LYS A 834 -23.88 -6.03 53.88
CA LYS A 834 -24.46 -7.33 54.23
C LYS A 834 -24.06 -8.39 53.19
N ALA A 835 -24.18 -8.04 51.91
CA ALA A 835 -23.91 -9.01 50.86
C ALA A 835 -22.44 -9.43 50.83
N MET A 836 -21.53 -8.47 50.91
CA MET A 836 -20.11 -8.80 50.86
C MET A 836 -19.66 -9.52 52.13
N GLU A 837 -20.29 -9.23 53.27
CA GLU A 837 -19.98 -9.98 54.48
C GLU A 837 -20.43 -11.43 54.32
N LEU A 838 -21.60 -11.65 53.73
CA LEU A 838 -22.07 -13.01 53.52
C LEU A 838 -21.18 -13.77 52.54
N ILE A 839 -20.80 -13.12 51.43
CA ILE A 839 -20.02 -13.80 50.40
C ILE A 839 -18.61 -14.11 50.90
N GLU A 840 -17.93 -13.13 51.48
CA GLU A 840 -16.55 -13.30 51.93
C GLU A 840 -16.56 -13.97 53.32
N THR A 841 -16.73 -15.30 53.29
CA THR A 841 -16.72 -16.07 54.53
C THR A 841 -15.35 -16.00 55.21
N HIS A 842 -14.28 -16.08 54.42
CA HIS A 842 -12.94 -15.98 54.98
C HIS A 842 -12.69 -14.63 55.63
N ARG A 843 -13.15 -13.55 54.99
CA ARG A 843 -13.10 -12.20 55.53
C ARG A 843 -11.67 -11.79 55.90
N PRO A 844 -10.80 -11.57 54.91
CA PRO A 844 -9.43 -11.17 55.25
C PRO A 844 -9.32 -9.74 55.74
N SER A 845 -10.03 -8.80 55.11
CA SER A 845 -9.98 -7.40 55.48
C SER A 845 -11.38 -6.82 55.40
N GLU A 846 -11.57 -5.70 56.10
CA GLU A 846 -12.86 -5.03 56.11
C GLU A 846 -13.17 -4.43 54.73
N VAL A 847 -14.46 -4.40 54.39
CA VAL A 847 -14.90 -3.83 53.13
C VAL A 847 -15.11 -2.33 53.34
N VAL A 848 -14.38 -1.53 52.58
CA VAL A 848 -14.42 -0.07 52.72
C VAL A 848 -14.84 0.53 51.40
N PHE A 849 -15.91 1.31 51.41
CA PHE A 849 -16.32 2.12 50.28
C PHE A 849 -15.94 3.57 50.53
N SER A 850 -15.44 4.22 49.48
CA SER A 850 -15.01 5.60 49.57
C SER A 850 -15.92 6.50 48.75
N PRO A 851 -16.09 7.76 49.15
CA PRO A 851 -16.87 8.70 48.34
C PRO A 851 -16.18 8.98 47.02
N ALA A 852 -16.90 9.67 46.14
CA ALA A 852 -16.37 9.97 44.81
C ALA A 852 -15.15 10.88 44.88
N THR A 853 -14.91 11.53 46.01
CA THR A 853 -13.68 12.29 46.17
C THR A 853 -12.46 11.38 46.09
N GLY A 854 -12.54 10.21 46.73
CA GLY A 854 -11.41 9.29 46.74
C GLY A 854 -11.37 8.34 45.56
N VAL A 855 -11.35 8.89 44.35
CA VAL A 855 -11.20 8.06 43.17
C VAL A 855 -9.79 7.49 43.09
N TRP A 856 -8.79 8.33 43.36
CA TRP A 856 -7.39 7.90 43.29
C TRP A 856 -7.03 6.86 44.34
N GLY A 857 -7.83 6.72 45.39
CA GLY A 857 -7.53 5.77 46.43
C GLY A 857 -7.82 4.34 46.02
N SER A 858 -7.41 3.41 46.89
CA SER A 858 -7.58 1.98 46.64
C SER A 858 -8.80 1.45 47.39
N HIS A 859 -9.97 1.93 47.00
CA HIS A 859 -11.22 1.46 47.58
C HIS A 859 -12.32 1.54 46.53
N ILE A 860 -13.39 0.77 46.76
CA ILE A 860 -14.55 0.85 45.89
C ILE A 860 -15.26 2.17 46.11
N VAL A 861 -15.80 2.74 45.03
CA VAL A 861 -16.47 4.03 45.08
C VAL A 861 -17.98 3.77 45.08
N LEU A 862 -18.65 4.27 46.11
CA LEU A 862 -20.10 4.21 46.21
C LEU A 862 -20.62 5.63 46.38
N ASP A 863 -21.11 6.22 45.28
CA ASP A 863 -21.56 7.59 45.30
C ASP A 863 -22.52 7.81 44.15
N SER A 864 -23.18 8.97 44.17
CA SER A 864 -24.14 9.31 43.13
C SER A 864 -23.44 9.63 41.82
N ILE A 865 -24.23 9.62 40.74
CA ILE A 865 -23.68 9.94 39.42
C ILE A 865 -23.24 11.40 39.37
N GLN A 866 -23.98 12.28 40.05
CA GLN A 866 -23.63 13.70 40.05
C GLN A 866 -22.26 13.92 40.69
N GLN A 867 -21.96 13.18 41.76
CA GLN A 867 -20.68 13.30 42.42
C GLN A 867 -19.54 12.66 41.64
N PHE A 868 -19.84 11.80 40.67
CA PHE A 868 -18.82 11.10 39.89
C PHE A 868 -18.62 11.73 38.52
N SER A 869 -19.06 12.97 38.33
CA SER A 869 -18.99 13.59 37.02
C SER A 869 -17.55 13.83 36.60
N GLY A 870 -17.23 13.45 35.35
CA GLY A 870 -15.91 13.62 34.82
C GLY A 870 -14.92 12.55 35.21
N LEU A 871 -15.31 11.59 36.05
CA LEU A 871 -14.44 10.54 36.52
C LEU A 871 -14.88 9.20 35.97
N GLU A 872 -13.92 8.32 35.72
CA GLU A 872 -14.18 7.02 35.10
C GLU A 872 -13.44 5.93 35.83
N ARG A 873 -14.01 4.72 35.78
CA ARG A 873 -13.36 3.52 36.29
C ARG A 873 -13.71 2.36 35.38
N THR A 874 -12.91 1.29 35.47
CA THR A 874 -13.03 0.18 34.54
C THR A 874 -14.38 -0.51 34.65
N VAL A 875 -14.86 -0.72 35.87
CA VAL A 875 -16.12 -1.41 36.12
C VAL A 875 -17.07 -0.45 36.80
N VAL A 876 -18.28 -0.32 36.25
CA VAL A 876 -19.30 0.58 36.79
C VAL A 876 -20.57 -0.22 37.02
N PHE A 877 -21.09 -0.14 38.24
CA PHE A 877 -22.38 -0.72 38.60
C PHE A 877 -23.39 0.43 38.71
N GLY A 878 -24.40 0.41 37.86
CA GLY A 878 -25.41 1.44 37.89
C GLY A 878 -26.69 1.01 38.57
N LEU A 879 -26.88 1.46 39.81
CA LEU A 879 -28.07 1.11 40.59
C LEU A 879 -29.08 2.25 40.48
N SER A 880 -30.14 2.03 39.71
CA SER A 880 -31.15 3.04 39.49
C SER A 880 -32.53 2.44 39.63
N PRO A 881 -33.53 3.25 39.99
CA PRO A 881 -34.90 2.73 40.09
C PRO A 881 -35.49 2.48 38.71
N GLU A 882 -36.65 1.82 38.72
CA GLU A 882 -37.32 1.48 37.46
C GLU A 882 -37.59 2.72 36.64
N CYS A 883 -37.15 2.70 35.39
CA CYS A 883 -37.19 3.88 34.53
C CYS A 883 -38.07 3.61 33.32
N ASP A 884 -38.95 4.55 33.01
CA ASP A 884 -39.77 4.48 31.81
C ASP A 884 -38.98 4.99 30.62
N GLN A 885 -39.67 5.12 29.48
CA GLN A 885 -39.00 5.56 28.25
C GLN A 885 -38.45 6.98 28.39
N SER A 886 -39.17 7.84 29.14
CA SER A 886 -38.73 9.22 29.30
C SER A 886 -37.42 9.31 30.06
N GLU A 887 -37.25 8.50 31.09
CA GLU A 887 -36.10 8.59 31.98
C GLU A 887 -34.96 7.67 31.57
N GLU A 888 -35.06 6.98 30.43
CA GLU A 888 -34.01 6.08 29.99
C GLU A 888 -32.75 6.82 29.53
N PHE A 889 -32.81 8.15 29.43
CA PHE A 889 -31.68 8.90 28.88
C PHE A 889 -30.44 8.81 29.77
N HIS A 890 -30.59 8.34 31.01
CA HIS A 890 -29.45 8.30 31.93
C HIS A 890 -28.54 7.11 31.70
N LYS A 891 -28.88 6.20 30.78
CA LYS A 891 -27.91 5.21 30.35
C LYS A 891 -26.67 5.89 29.80
N LEU A 892 -26.83 7.02 29.13
CA LEU A 892 -25.68 7.77 28.63
C LEU A 892 -24.81 8.27 29.78
N CYS A 893 -25.44 8.80 30.82
CA CYS A 893 -24.69 9.30 31.97
C CYS A 893 -23.93 8.17 32.65
N PHE A 894 -24.57 7.02 32.80
CA PHE A 894 -23.92 5.87 33.42
C PHE A 894 -22.79 5.34 32.56
N ALA A 895 -22.98 5.29 31.24
CA ALA A 895 -22.00 4.68 30.35
C ALA A 895 -20.79 5.57 30.16
N SER A 896 -20.96 6.89 30.26
CA SER A 896 -19.82 7.78 30.11
C SER A 896 -18.83 7.62 31.25
N ARG A 897 -19.23 6.95 32.33
CA ARG A 897 -18.34 6.74 33.47
C ARG A 897 -17.62 5.40 33.44
N ALA A 898 -17.99 4.51 32.52
CA ALA A 898 -17.43 3.17 32.47
C ALA A 898 -16.44 3.05 31.31
N ILE A 899 -15.34 2.36 31.55
CA ILE A 899 -14.33 2.16 30.52
C ILE A 899 -14.52 0.83 29.81
N LYS A 900 -14.65 -0.27 30.55
CA LYS A 900 -14.78 -1.58 29.94
C LYS A 900 -15.91 -2.44 30.46
N HIS A 901 -16.40 -2.21 31.67
CA HIS A 901 -17.51 -2.99 32.21
C HIS A 901 -18.62 -2.05 32.63
N LEU A 902 -19.86 -2.41 32.32
CA LEU A 902 -21.02 -1.63 32.70
C LEU A 902 -22.17 -2.57 33.02
N TYR A 903 -22.57 -2.59 34.29
CA TYR A 903 -23.64 -3.47 34.78
C TYR A 903 -24.78 -2.58 35.28
N LEU A 904 -25.74 -2.32 34.42
CA LEU A 904 -26.89 -1.52 34.81
C LEU A 904 -27.95 -2.39 35.47
N LEU A 905 -28.30 -2.04 36.70
CA LEU A 905 -29.26 -2.80 37.50
C LEU A 905 -30.42 -1.90 37.85
N TYR A 906 -31.63 -2.39 37.66
CA TYR A 906 -32.84 -1.60 37.85
C TYR A 906 -33.69 -2.21 38.95
N GLU A 907 -34.10 -1.39 39.90
CA GLU A 907 -34.87 -1.84 41.05
C GLU A 907 -36.33 -2.05 40.68
N LYS A 908 -37.01 -2.85 41.50
CA LYS A 908 -38.43 -3.08 41.32
C LYS A 908 -39.24 -1.86 41.72
N ARG A 909 -40.43 -1.72 41.16
CA ARG A 909 -41.29 -0.60 41.50
C ARG A 909 -41.75 -0.70 42.95
N ALA A 910 -41.69 0.43 43.65
CA ALA A 910 -42.10 0.47 45.04
C ALA A 910 -43.60 0.25 45.18
N ALA A 911 -43.99 -0.46 46.22
CA ALA A 911 -45.39 -0.77 46.50
C ALA A 911 -45.87 0.09 47.66
N TYR A 912 -46.99 0.78 47.46
CA TYR A 912 -47.55 1.65 48.49
C TYR A 912 -48.89 1.12 48.98
N MET B 1 25.57 5.70 -28.93
CA MET B 1 24.33 6.04 -29.61
C MET B 1 23.91 7.47 -29.30
N GLU B 2 23.99 8.35 -30.31
CA GLU B 2 23.46 9.70 -30.13
C GLU B 2 21.94 9.69 -30.21
N SER B 3 21.39 9.23 -31.33
CA SER B 3 19.95 9.04 -31.49
C SER B 3 19.62 7.58 -31.74
N LEU B 4 20.19 6.98 -32.78
CA LEU B 4 19.95 5.58 -33.13
C LEU B 4 21.06 5.13 -34.07
N LYS B 5 20.90 3.95 -34.66
CA LYS B 5 21.84 3.42 -35.63
C LYS B 5 21.12 3.16 -36.96
N THR B 6 21.79 3.49 -38.05
CA THR B 6 21.16 3.44 -39.37
C THR B 6 20.93 2.00 -39.81
N ASP B 7 19.72 1.71 -40.28
CA ASP B 7 19.35 0.41 -40.84
C ASP B 7 18.41 0.68 -42.01
N THR B 8 18.98 0.78 -43.22
CA THR B 8 18.20 1.10 -44.40
C THR B 8 17.19 0.00 -44.72
N GLU B 9 17.60 -1.26 -44.61
CA GLU B 9 16.71 -2.36 -44.96
C GLU B 9 15.52 -2.44 -44.02
N MET B 10 15.75 -2.23 -42.72
CA MET B 10 14.72 -2.40 -41.69
C MET B 10 14.70 -1.16 -40.82
N PRO B 11 14.12 -0.06 -41.32
CA PRO B 11 14.17 1.21 -40.56
C PRO B 11 13.09 1.30 -39.50
N TYR B 12 13.13 0.37 -38.55
CA TYR B 12 12.17 0.40 -37.47
C TYR B 12 12.55 1.46 -36.45
N PRO B 13 11.56 2.06 -35.78
CA PRO B 13 11.86 2.99 -34.68
C PRO B 13 12.63 2.35 -33.54
N GLU B 14 12.38 1.08 -33.25
CA GLU B 14 12.93 0.44 -32.07
C GLU B 14 14.38 -0.01 -32.32
N VAL B 15 15.03 -0.43 -31.24
CA VAL B 15 16.40 -0.93 -31.33
C VAL B 15 16.36 -2.36 -31.88
N ILE B 16 17.30 -2.67 -32.76
CA ILE B 16 17.31 -3.92 -33.50
C ILE B 16 18.59 -4.67 -33.14
N VAL B 17 18.46 -5.95 -32.82
CA VAL B 17 19.59 -6.81 -32.54
C VAL B 17 19.71 -7.80 -33.70
N ASP B 18 20.94 -8.12 -34.08
CA ASP B 18 21.20 -9.08 -35.13
C ASP B 18 21.78 -10.34 -34.52
N VAL B 19 20.98 -11.41 -34.49
CA VAL B 19 21.42 -12.67 -33.91
C VAL B 19 21.96 -13.63 -34.97
N GLY B 20 22.27 -13.13 -36.16
CA GLY B 20 22.91 -13.92 -37.18
C GLY B 20 22.02 -15.00 -37.76
N ARG B 21 22.68 -15.99 -38.37
CA ARG B 21 21.97 -17.10 -38.98
C ARG B 21 21.49 -18.08 -37.92
N VAL B 22 20.21 -18.39 -37.94
CA VAL B 22 19.60 -19.32 -36.99
C VAL B 22 18.73 -20.31 -37.75
N ILE B 23 18.78 -21.56 -37.33
CA ILE B 23 17.95 -22.62 -37.89
C ILE B 23 16.62 -22.62 -37.15
N PHE B 24 15.53 -22.59 -37.90
CA PHE B 24 14.19 -22.49 -37.33
C PHE B 24 13.31 -23.61 -37.84
N GLY B 25 12.41 -24.08 -36.99
CA GLY B 25 11.46 -25.11 -37.38
C GLY B 25 11.60 -26.37 -36.54
N GLU B 26 10.47 -26.92 -36.10
CA GLU B 26 10.51 -28.09 -35.22
C GLU B 26 11.27 -29.24 -35.85
N GLU B 27 10.96 -29.56 -37.11
CA GLU B 27 11.66 -30.63 -37.80
C GLU B 27 13.15 -30.32 -37.94
N ASN B 28 13.47 -29.07 -38.30
CA ASN B 28 14.87 -28.69 -38.46
C ASN B 28 15.59 -28.66 -37.12
N ARG B 29 14.94 -28.15 -36.07
CA ARG B 29 15.57 -28.09 -34.76
C ARG B 29 15.85 -29.49 -34.21
N LYS B 30 14.90 -30.41 -34.36
CA LYS B 30 15.09 -31.76 -33.85
C LYS B 30 16.21 -32.49 -34.58
N LYS B 31 16.31 -32.31 -35.88
CA LYS B 31 17.24 -33.06 -36.71
C LYS B 31 18.64 -32.46 -36.74
N MET B 32 18.94 -31.49 -35.87
CA MET B 32 20.28 -30.91 -35.86
C MET B 32 21.27 -31.89 -35.25
N THR B 33 22.36 -32.16 -35.98
CA THR B 33 23.40 -33.03 -35.45
C THR B 33 24.27 -32.30 -34.43
N ASN B 34 24.53 -31.01 -34.66
CA ASN B 34 25.44 -30.23 -33.83
C ASN B 34 24.68 -29.66 -32.64
N SER B 35 24.91 -30.20 -31.46
CA SER B 35 24.23 -29.70 -30.27
C SER B 35 24.82 -28.38 -29.80
N CYS B 36 26.12 -28.17 -30.02
CA CYS B 36 26.75 -26.92 -29.63
C CYS B 36 26.15 -25.73 -30.36
N LEU B 37 25.92 -25.87 -31.67
CA LEU B 37 25.27 -24.81 -32.41
C LEU B 37 23.86 -24.55 -31.91
N LYS B 38 23.13 -25.62 -31.60
CA LYS B 38 21.78 -25.49 -31.06
C LYS B 38 21.79 -24.67 -29.77
N ARG B 39 22.66 -25.03 -28.83
CA ARG B 39 22.74 -24.31 -27.58
C ARG B 39 23.18 -22.86 -27.79
N SER B 40 24.14 -22.64 -28.69
CA SER B 40 24.63 -21.28 -28.93
C SER B 40 23.54 -20.39 -29.51
N GLU B 41 22.79 -20.91 -30.48
CA GLU B 41 21.71 -20.12 -31.08
C GLU B 41 20.61 -19.83 -30.06
N ASN B 42 20.22 -20.85 -29.29
CA ASN B 42 19.21 -20.63 -28.27
C ASN B 42 19.67 -19.59 -27.25
N SER B 43 20.93 -19.67 -26.83
CA SER B 43 21.46 -18.70 -25.87
C SER B 43 21.47 -17.30 -26.45
N ARG B 44 21.89 -17.14 -27.71
CA ARG B 44 21.88 -15.82 -28.32
C ARG B 44 20.48 -15.23 -28.33
N ILE B 45 19.49 -16.02 -28.76
CA ILE B 45 18.14 -15.49 -28.85
C ILE B 45 17.60 -15.13 -27.48
N ILE B 46 17.83 -15.99 -26.48
CA ILE B 46 17.26 -15.72 -25.16
C ILE B 46 17.95 -14.52 -24.51
N ARG B 47 19.27 -14.39 -24.69
CA ARG B 47 19.96 -13.22 -24.16
C ARG B 47 19.45 -11.94 -24.80
N ALA B 48 19.25 -11.96 -26.12
CA ALA B 48 18.72 -10.78 -26.79
C ALA B 48 17.33 -10.44 -26.29
N ILE B 49 16.49 -11.46 -26.06
CA ILE B 49 15.14 -11.22 -25.56
C ILE B 49 15.19 -10.59 -24.18
N CYS B 50 16.06 -11.11 -23.30
CA CYS B 50 16.17 -10.55 -21.95
C CYS B 50 16.64 -9.11 -21.99
N ALA B 51 17.64 -8.82 -22.83
CA ALA B 51 18.14 -7.46 -22.93
C ALA B 51 17.06 -6.51 -23.45
N LEU B 52 16.31 -6.94 -24.45
CA LEU B 52 15.24 -6.10 -24.98
C LEU B 52 14.13 -5.88 -23.96
N LEU B 53 13.82 -6.92 -23.18
CA LEU B 53 12.81 -6.78 -22.15
C LEU B 53 13.23 -5.78 -21.08
N ASN B 54 14.50 -5.83 -20.68
CA ASN B 54 14.99 -4.92 -19.65
C ASN B 54 15.47 -3.58 -20.20
N SER B 55 15.40 -3.36 -21.50
CA SER B 55 15.90 -2.13 -22.10
C SER B 55 14.83 -1.40 -22.91
N GLY B 56 13.56 -1.63 -22.60
CA GLY B 56 12.48 -0.89 -23.22
C GLY B 56 11.80 -1.55 -24.40
N GLY B 57 12.32 -2.67 -24.89
CA GLY B 57 11.72 -3.35 -26.01
C GLY B 57 12.49 -3.13 -27.30
N GLY B 58 12.19 -3.95 -28.30
CA GLY B 58 12.89 -3.86 -29.56
C GLY B 58 12.48 -4.98 -30.51
N VAL B 59 13.33 -5.20 -31.49
CA VAL B 59 13.11 -6.21 -32.53
C VAL B 59 14.36 -7.08 -32.63
N ILE B 60 14.17 -8.38 -32.82
CA ILE B 60 15.25 -9.33 -33.02
C ILE B 60 15.20 -9.78 -34.47
N LYS B 61 16.32 -9.67 -35.17
CA LYS B 61 16.40 -10.01 -36.58
C LYS B 61 17.28 -11.24 -36.76
N ALA B 62 16.66 -12.35 -37.18
CA ALA B 62 17.35 -13.61 -37.40
C ALA B 62 17.22 -14.02 -38.85
N GLU B 63 18.34 -14.34 -39.48
CA GLU B 63 18.35 -14.76 -40.88
C GLU B 63 18.17 -16.27 -40.95
N ILE B 64 17.14 -16.70 -41.67
CA ILE B 64 16.75 -18.11 -41.68
C ILE B 64 17.69 -18.90 -42.57
N ASP B 65 18.23 -20.00 -42.04
CA ASP B 65 19.15 -20.83 -42.81
C ASP B 65 18.47 -21.44 -44.03
N ASP B 66 17.34 -22.10 -43.82
CA ASP B 66 16.63 -22.75 -44.91
C ASP B 66 15.90 -21.72 -45.76
N LYS B 67 16.09 -21.81 -47.07
CA LYS B 67 15.42 -20.91 -48.00
C LYS B 67 13.98 -21.32 -48.28
N THR B 68 13.60 -22.53 -47.88
CA THR B 68 12.25 -23.04 -48.08
C THR B 68 11.43 -23.07 -46.79
N TYR B 69 11.76 -22.20 -45.84
CA TYR B 69 11.12 -22.22 -44.53
C TYR B 69 9.96 -21.25 -44.49
N SER B 70 8.78 -21.76 -44.12
CA SER B 70 7.59 -20.95 -43.93
C SER B 70 7.13 -21.10 -42.49
N TYR B 71 6.90 -19.97 -41.82
CA TYR B 71 6.57 -20.01 -40.40
C TYR B 71 5.25 -20.73 -40.16
N GLN B 72 4.26 -20.52 -41.03
CA GLN B 72 2.96 -21.12 -40.83
C GLN B 72 3.03 -22.64 -40.93
N CYS B 73 3.74 -23.15 -41.95
CA CYS B 73 3.78 -24.58 -42.16
C CYS B 73 4.69 -25.28 -41.14
N HIS B 74 5.84 -24.68 -40.83
CA HIS B 74 6.86 -25.36 -40.04
C HIS B 74 6.74 -25.06 -38.55
N GLY B 75 6.90 -23.81 -38.15
CA GLY B 75 6.84 -23.44 -36.76
C GLY B 75 8.10 -22.73 -36.31
N LEU B 76 8.33 -22.75 -35.01
CA LEU B 76 9.45 -22.05 -34.41
C LEU B 76 10.53 -22.96 -33.86
N GLY B 77 10.19 -23.88 -32.96
CA GLY B 77 11.18 -24.75 -32.36
C GLY B 77 10.84 -25.07 -30.92
N GLN B 78 11.06 -26.33 -30.51
CA GLN B 78 10.66 -26.75 -29.17
C GLN B 78 11.61 -26.20 -28.11
N ASP B 79 12.92 -26.25 -28.36
CA ASP B 79 13.88 -25.76 -27.38
C ASP B 79 13.73 -24.25 -27.17
N LEU B 80 13.55 -23.51 -28.26
CA LEU B 80 13.34 -22.07 -28.16
C LEU B 80 12.06 -21.75 -27.40
N GLU B 81 10.99 -22.49 -27.66
CA GLU B 81 9.75 -22.28 -26.93
C GLU B 81 9.90 -22.56 -25.44
N THR B 82 10.59 -23.64 -25.09
CA THR B 82 10.82 -23.94 -23.68
C THR B 82 11.66 -22.86 -23.02
N SER B 83 12.69 -22.35 -23.71
CA SER B 83 13.47 -21.27 -23.16
C SER B 83 12.64 -20.02 -22.96
N PHE B 84 11.77 -19.69 -23.92
CA PHE B 84 10.91 -18.52 -23.79
C PHE B 84 10.00 -18.67 -22.58
N GLN B 85 9.40 -19.85 -22.41
CA GLN B 85 8.47 -20.04 -21.31
C GLN B 85 9.20 -20.12 -19.98
N LYS B 86 10.50 -20.44 -20.00
CA LYS B 86 11.31 -20.36 -18.79
C LYS B 86 11.60 -18.91 -18.42
N LEU B 87 11.93 -18.09 -19.41
CA LEU B 87 12.25 -16.69 -19.13
C LEU B 87 11.03 -15.92 -18.68
N LEU B 88 9.87 -16.21 -19.26
CA LEU B 88 8.62 -15.49 -18.97
C LEU B 88 7.61 -16.49 -18.42
N PRO B 89 7.61 -16.71 -17.10
CA PRO B 89 6.64 -17.66 -16.53
C PRO B 89 5.20 -17.20 -16.66
N SER B 90 4.97 -15.89 -16.65
CA SER B 90 3.60 -15.37 -16.74
C SER B 90 2.97 -15.70 -18.08
N GLY B 91 3.68 -15.41 -19.16
CA GLY B 91 3.18 -15.70 -20.49
C GLY B 91 4.05 -15.09 -21.58
N SER B 92 4.31 -15.85 -22.63
CA SER B 92 5.17 -15.35 -23.71
C SER B 92 4.40 -14.56 -24.75
N GLN B 93 3.08 -14.69 -24.79
CA GLN B 93 2.31 -13.98 -25.81
C GLN B 93 2.20 -12.51 -25.49
N LYS B 94 2.26 -12.14 -24.22
CA LYS B 94 2.13 -10.74 -23.85
C LYS B 94 3.35 -9.91 -24.21
N TYR B 95 4.49 -10.56 -24.49
CA TYR B 95 5.73 -9.85 -24.71
C TYR B 95 6.41 -10.16 -26.03
N LEU B 96 6.17 -11.34 -26.61
CA LEU B 96 6.88 -11.78 -27.80
C LEU B 96 5.90 -12.01 -28.94
N ASP B 97 6.15 -11.38 -30.08
CA ASP B 97 5.39 -11.59 -31.29
C ASP B 97 6.35 -11.91 -32.43
N TYR B 98 5.99 -12.89 -33.24
CA TYR B 98 6.85 -13.41 -34.29
C TYR B 98 6.29 -13.00 -35.64
N MET B 99 7.18 -12.82 -36.61
CA MET B 99 6.78 -12.42 -37.94
C MET B 99 7.90 -12.78 -38.90
N GLN B 100 7.53 -13.25 -40.08
CA GLN B 100 8.50 -13.62 -41.11
C GLN B 100 8.29 -12.70 -42.31
N GLN B 101 9.29 -11.89 -42.62
CA GLN B 101 9.32 -11.14 -43.86
C GLN B 101 10.61 -11.47 -44.58
N GLY B 102 10.50 -11.80 -45.86
CA GLY B 102 11.66 -12.21 -46.62
C GLY B 102 12.28 -13.47 -46.04
N HIS B 103 13.60 -13.44 -45.89
CA HIS B 103 14.34 -14.55 -45.30
C HIS B 103 14.67 -14.31 -43.83
N ASN B 104 14.07 -13.30 -43.22
CA ASN B 104 14.35 -12.93 -41.85
C ASN B 104 13.14 -13.23 -40.98
N LEU B 105 13.38 -13.80 -39.80
CA LEU B 105 12.34 -13.99 -38.80
C LEU B 105 12.53 -12.93 -37.73
N LEU B 106 11.47 -12.15 -37.47
CA LEU B 106 11.52 -11.04 -36.55
C LEU B 106 10.76 -11.42 -35.28
N ILE B 107 11.38 -11.17 -34.13
CA ILE B 107 10.73 -11.33 -32.85
C ILE B 107 10.56 -9.97 -32.21
N PHE B 108 9.31 -9.60 -31.94
CA PHE B 108 8.98 -8.30 -31.39
C PHE B 108 8.84 -8.42 -29.88
N VAL B 109 9.72 -7.75 -29.15
CA VAL B 109 9.82 -7.90 -27.71
C VAL B 109 9.26 -6.65 -27.05
N LYS B 110 8.20 -6.82 -26.27
CA LYS B 110 7.62 -5.74 -25.50
C LYS B 110 8.47 -5.47 -24.26
N SER B 111 8.44 -4.23 -23.79
CA SER B 111 9.15 -3.86 -22.59
C SER B 111 8.54 -4.55 -21.37
N TRP B 112 9.40 -4.99 -20.47
CA TRP B 112 8.96 -5.66 -19.25
C TRP B 112 8.41 -4.62 -18.30
N SER B 113 7.10 -4.39 -18.37
CA SER B 113 6.42 -3.60 -17.38
C SER B 113 5.83 -4.55 -16.35
N PRO B 114 6.19 -4.42 -15.08
CA PRO B 114 5.65 -5.36 -14.07
C PRO B 114 4.15 -5.17 -13.94
N ASP B 115 3.43 -6.27 -14.04
CA ASP B 115 1.97 -6.21 -14.01
C ASP B 115 1.49 -5.65 -12.69
N VAL B 116 0.41 -4.86 -12.74
CA VAL B 116 -0.15 -4.28 -11.53
C VAL B 116 -0.57 -5.38 -10.57
N PHE B 117 -1.01 -6.51 -11.10
CA PHE B 117 -1.37 -7.65 -10.25
C PHE B 117 -0.14 -8.44 -9.82
N SER B 118 1.02 -8.15 -10.40
CA SER B 118 2.21 -8.95 -10.19
C SER B 118 2.95 -8.55 -8.93
N LEU B 119 3.93 -9.37 -8.56
CA LEU B 119 4.95 -8.93 -7.63
C LEU B 119 5.90 -7.96 -8.34
N PRO B 120 6.33 -6.90 -7.67
CA PRO B 120 7.12 -5.89 -8.39
C PRO B 120 8.50 -6.39 -8.82
N LEU B 121 8.49 -7.24 -9.85
CA LEU B 121 9.71 -7.73 -10.47
C LEU B 121 10.14 -6.72 -11.51
N ARG B 122 11.10 -5.86 -11.16
CA ARG B 122 11.46 -4.76 -12.03
C ARG B 122 12.07 -5.24 -13.33
N ILE B 123 12.91 -6.27 -13.28
CA ILE B 123 13.61 -6.75 -14.46
C ILE B 123 13.45 -8.27 -14.57
N CYS B 124 13.69 -8.77 -15.78
CA CYS B 124 13.57 -10.19 -16.08
C CYS B 124 14.96 -10.82 -16.10
N SER B 125 15.08 -12.03 -15.55
CA SER B 125 16.35 -12.74 -15.46
C SER B 125 16.13 -14.21 -15.74
N LEU B 126 17.03 -14.80 -16.52
CA LEU B 126 16.99 -16.24 -16.76
C LEU B 126 17.14 -17.01 -15.46
N ARG B 127 18.20 -16.71 -14.71
CA ARG B 127 18.54 -17.42 -13.50
C ARG B 127 19.13 -16.43 -12.52
N SER B 128 18.71 -16.49 -11.26
CA SER B 128 19.25 -15.60 -10.25
C SER B 128 20.71 -15.92 -9.95
N ASN B 129 21.08 -17.20 -10.12
CA ASN B 129 22.36 -17.77 -9.71
C ASN B 129 22.54 -17.65 -8.20
N LEU B 130 21.49 -17.27 -7.48
CA LEU B 130 21.45 -17.32 -6.04
C LEU B 130 20.89 -18.68 -5.63
N TYR B 131 21.67 -19.44 -4.87
CA TYR B 131 21.26 -20.78 -4.48
C TYR B 131 20.80 -20.80 -3.02
N ARG B 132 19.72 -21.53 -2.79
CA ARG B 132 19.18 -21.75 -1.47
C ARG B 132 18.99 -23.24 -1.31
N ARG B 133 19.59 -23.81 -0.26
CA ARG B 133 19.63 -25.26 -0.11
C ARG B 133 18.40 -25.75 0.64
N ASP B 134 17.45 -26.31 -0.09
CA ASP B 134 16.56 -27.28 0.52
C ASP B 134 17.37 -28.52 0.87
N VAL B 135 16.88 -29.27 1.85
CA VAL B 135 17.62 -30.46 2.27
C VAL B 135 17.80 -31.40 1.09
N THR B 136 19.04 -31.86 0.89
CA THR B 136 19.49 -32.79 -0.15
C THR B 136 19.66 -32.12 -1.52
N SER B 137 19.15 -30.90 -1.72
CA SER B 137 19.22 -30.30 -3.05
C SER B 137 19.52 -28.81 -2.98
N ALA B 138 20.38 -28.32 -3.87
CA ALA B 138 20.67 -26.90 -3.99
C ALA B 138 19.96 -26.36 -5.23
N ILE B 139 19.10 -25.36 -5.03
CA ILE B 139 18.19 -24.88 -6.07
C ILE B 139 18.60 -23.48 -6.49
N ASN B 140 18.76 -23.31 -7.80
CA ASN B 140 18.94 -21.97 -8.39
C ASN B 140 17.64 -21.21 -8.27
N LEU B 141 17.61 -20.21 -7.39
CA LEU B 141 16.38 -19.50 -7.10
C LEU B 141 15.88 -18.77 -8.34
N SER B 142 14.56 -18.71 -8.49
CA SER B 142 13.97 -17.93 -9.54
C SER B 142 14.07 -16.44 -9.20
N ALA B 143 13.64 -15.60 -10.14
CA ALA B 143 13.69 -14.16 -9.93
C ALA B 143 12.82 -13.75 -8.75
N SER B 144 11.61 -14.31 -8.65
CA SER B 144 10.71 -13.96 -7.56
C SER B 144 11.28 -14.40 -6.21
N SER B 145 11.78 -15.63 -6.13
CA SER B 145 12.37 -16.11 -4.89
C SER B 145 13.64 -15.33 -4.56
N ALA B 146 14.40 -14.94 -5.58
CA ALA B 146 15.56 -14.10 -5.34
C ALA B 146 15.17 -12.76 -4.75
N LEU B 147 14.08 -12.16 -5.26
CA LEU B 147 13.59 -10.92 -4.67
C LEU B 147 13.15 -11.12 -3.23
N GLU B 148 12.48 -12.24 -2.95
CA GLU B 148 12.09 -12.56 -1.58
C GLU B 148 13.30 -12.64 -0.66
N LEU B 149 14.34 -13.36 -1.09
CA LEU B 149 15.55 -13.50 -0.27
C LEU B 149 16.24 -12.16 -0.08
N LEU B 150 16.33 -11.37 -1.15
CA LEU B 150 16.98 -10.06 -1.04
C LEU B 150 16.23 -9.15 -0.07
N ARG B 151 14.90 -9.14 -0.14
CA ARG B 151 14.13 -8.32 0.77
C ARG B 151 14.26 -8.81 2.21
N GLU B 152 14.27 -10.13 2.42
CA GLU B 152 14.44 -10.65 3.77
C GLU B 152 15.80 -10.25 4.34
N LYS B 153 16.87 -10.40 3.56
CA LYS B 153 18.20 -10.05 4.05
C LYS B 153 18.31 -8.55 4.28
N GLY B 154 17.70 -7.74 3.42
CA GLY B 154 17.72 -6.30 3.63
C GLY B 154 17.01 -5.88 4.88
N PHE B 155 15.83 -6.45 5.14
CA PHE B 155 15.11 -6.14 6.37
C PHE B 155 15.89 -6.59 7.59
N ARG B 156 16.51 -7.77 7.52
CA ARG B 156 17.31 -8.25 8.64
C ARG B 156 18.49 -7.34 8.93
N ALA B 157 19.18 -6.87 7.87
CA ALA B 157 20.33 -6.01 8.06
C ALA B 157 19.93 -4.63 8.55
N GLN B 158 18.83 -4.09 8.04
CA GLN B 158 18.36 -2.79 8.47
C GLN B 158 17.88 -2.83 9.92
N ARG B 159 17.22 -3.92 10.32
CA ARG B 159 16.74 -4.04 11.69
C ARG B 159 17.90 -4.07 12.67
N GLY B 160 18.97 -4.78 12.35
CA GLY B 160 20.13 -4.85 13.21
C GLY B 160 20.32 -6.22 13.85
N GLN B 178 16.46 -32.14 17.31
CA GLN B 178 16.26 -31.87 15.90
C GLN B 178 17.14 -32.78 15.04
N GLU B 179 16.52 -33.49 14.10
CA GLU B 179 17.28 -34.41 13.26
C GLU B 179 18.17 -33.66 12.28
N GLU B 180 17.76 -32.47 11.85
CA GLU B 180 18.67 -31.61 11.10
C GLU B 180 19.88 -31.23 11.95
N GLU B 181 19.61 -30.86 13.22
CA GLU B 181 20.71 -30.58 14.13
C GLU B 181 21.54 -31.82 14.40
N ASP B 182 20.90 -33.00 14.40
CA ASP B 182 21.65 -34.25 14.53
C ASP B 182 22.59 -34.46 13.36
N MET B 183 22.11 -34.20 12.14
CA MET B 183 22.97 -34.24 10.96
C MET B 183 24.16 -33.31 11.13
N ARG B 184 23.89 -32.08 11.58
CA ARG B 184 24.96 -31.11 11.77
C ARG B 184 25.96 -31.59 12.81
N ILE B 185 25.48 -32.19 13.90
CA ILE B 185 26.37 -32.67 14.95
C ILE B 185 27.25 -33.80 14.44
N LEU B 186 26.67 -34.75 13.70
CA LEU B 186 27.49 -35.83 13.17
C LEU B 186 28.50 -35.31 12.14
N ALA B 187 28.10 -34.33 11.33
CA ALA B 187 29.05 -33.73 10.40
C ALA B 187 30.18 -33.01 11.13
N SER B 188 29.86 -32.34 12.24
CA SER B 188 30.89 -31.68 13.02
C SER B 188 31.83 -32.69 13.65
N GLU B 189 31.30 -33.81 14.14
CA GLU B 189 32.16 -34.86 14.68
C GLU B 189 33.07 -35.43 13.61
N PHE B 190 32.55 -35.59 12.39
CA PHE B 190 33.38 -36.02 11.27
C PHE B 190 34.47 -35.00 10.98
N PHE B 191 34.14 -33.71 11.08
CA PHE B 191 35.11 -32.66 10.86
C PHE B 191 36.23 -32.71 11.91
N LYS B 192 35.87 -32.96 13.17
CA LYS B 192 36.86 -32.92 14.24
C LYS B 192 37.84 -34.08 14.14
N LYS B 193 37.43 -35.20 13.55
CA LYS B 193 38.28 -36.38 13.47
C LYS B 193 39.54 -36.07 12.68
N ASP B 194 40.67 -36.58 13.17
CA ASP B 194 41.97 -36.32 12.56
C ASP B 194 42.44 -37.42 11.63
N LYS B 195 41.77 -38.57 11.63
CA LYS B 195 42.21 -39.70 10.82
C LYS B 195 40.99 -40.46 10.33
N LEU B 196 41.16 -41.19 9.24
CA LEU B 196 40.07 -41.93 8.63
C LEU B 196 40.55 -43.31 8.22
N MET B 197 39.61 -44.25 8.14
CA MET B 197 39.89 -45.62 7.74
C MET B 197 39.26 -45.92 6.39
N TYR B 198 39.93 -46.75 5.62
CA TYR B 198 39.44 -47.11 4.29
C TYR B 198 38.19 -47.97 4.41
N LYS B 199 37.19 -47.65 3.58
CA LYS B 199 35.85 -48.23 3.65
C LYS B 199 35.18 -47.99 4.99
N GLU B 200 35.49 -46.91 5.68
CA GLU B 200 34.75 -46.55 6.88
C GLU B 200 33.39 -45.99 6.50
N LYS B 201 32.35 -46.54 7.11
CA LYS B 201 30.98 -46.19 6.76
C LYS B 201 30.54 -44.94 7.51
N LEU B 202 30.09 -43.94 6.78
CA LEU B 202 29.54 -42.75 7.40
C LEU B 202 28.22 -43.07 8.07
N ASN B 203 28.01 -42.50 9.24
CA ASN B 203 26.79 -42.72 10.02
C ASN B 203 25.71 -41.68 9.73
N PHE B 204 25.93 -40.83 8.74
CA PHE B 204 24.97 -39.79 8.39
C PHE B 204 24.86 -39.68 6.87
N THR B 205 23.69 -39.22 6.42
CA THR B 205 23.47 -38.88 5.03
C THR B 205 23.36 -37.37 4.91
N GLU B 206 23.05 -36.92 3.70
CA GLU B 206 23.03 -35.48 3.45
C GLU B 206 21.77 -34.82 4.00
N SER B 207 21.93 -33.55 4.33
CA SER B 207 20.87 -32.74 4.91
C SER B 207 21.09 -31.31 4.45
N THR B 208 20.42 -30.37 5.11
CA THR B 208 20.64 -28.96 4.81
C THR B 208 22.07 -28.53 5.13
N HIS B 209 22.78 -29.32 5.92
CA HIS B 209 24.10 -28.95 6.41
C HIS B 209 25.23 -29.88 5.96
N VAL B 210 24.97 -30.78 5.02
CA VAL B 210 26.00 -31.68 4.51
C VAL B 210 25.61 -32.15 3.11
N ALA B 211 26.60 -32.22 2.22
CA ALA B 211 26.37 -32.61 0.83
C ALA B 211 27.63 -33.25 0.28
N PHE B 212 27.50 -34.46 -0.29
CA PHE B 212 28.67 -35.12 -0.83
C PHE B 212 28.45 -35.92 -2.12
N LYS B 213 27.29 -35.82 -2.77
CA LYS B 213 27.05 -36.55 -4.02
C LYS B 213 27.83 -35.92 -5.16
N ARG B 214 28.20 -36.74 -6.13
CA ARG B 214 28.76 -36.33 -7.41
C ARG B 214 30.08 -35.60 -7.23
N PHE B 215 30.75 -35.76 -6.09
CA PHE B 215 31.96 -35.01 -5.75
C PHE B 215 33.23 -35.81 -5.93
N THR B 216 33.15 -37.11 -6.14
CA THR B 216 34.32 -37.97 -6.31
C THR B 216 34.46 -38.34 -7.78
N THR B 217 35.55 -37.91 -8.41
CA THR B 217 35.78 -38.20 -9.81
C THR B 217 37.22 -38.64 -10.02
N LYS B 218 37.54 -39.00 -11.25
CA LYS B 218 38.92 -39.33 -11.60
C LYS B 218 39.82 -38.11 -11.51
N LYS B 219 39.38 -36.99 -12.08
CA LYS B 219 40.08 -35.70 -11.97
C LYS B 219 39.19 -34.79 -11.14
N VAL B 220 39.55 -34.61 -9.86
CA VAL B 220 38.66 -33.93 -8.94
C VAL B 220 38.60 -32.43 -9.24
N ILE B 221 39.72 -31.86 -9.71
CA ILE B 221 39.80 -30.40 -9.82
C ILE B 221 38.76 -29.81 -10.76
N PRO B 222 38.56 -30.33 -11.98
CA PRO B 222 37.51 -29.72 -12.84
C PRO B 222 36.13 -29.83 -12.24
N ARG B 223 35.79 -30.97 -11.65
CA ARG B 223 34.47 -31.15 -11.05
C ARG B 223 34.27 -30.18 -9.90
N ILE B 224 35.30 -29.97 -9.09
CA ILE B 224 35.22 -29.00 -8.01
C ILE B 224 35.00 -27.60 -8.58
N LYS B 225 35.83 -27.20 -9.54
CA LYS B 225 35.69 -25.88 -10.15
C LYS B 225 34.28 -25.68 -10.69
N GLU B 226 33.66 -26.76 -11.17
CA GLU B 226 32.34 -26.63 -11.80
C GLU B 226 31.23 -26.55 -10.76
N MET B 227 31.29 -27.39 -9.72
CA MET B 227 30.14 -27.58 -8.85
C MET B 227 30.25 -26.87 -7.50
N LEU B 228 31.45 -26.65 -6.96
CA LEU B 228 31.61 -26.05 -5.65
C LEU B 228 30.91 -24.71 -5.47
N PRO B 229 30.93 -23.79 -6.46
CA PRO B 229 30.24 -22.51 -6.24
C PRO B 229 28.78 -22.66 -5.90
N HIS B 230 28.08 -23.61 -6.52
CA HIS B 230 26.68 -23.83 -6.24
C HIS B 230 26.47 -24.15 -4.76
N TYR B 231 27.23 -25.10 -4.24
CA TYR B 231 27.03 -25.53 -2.86
C TYR B 231 27.51 -24.49 -1.86
N VAL B 232 28.56 -23.75 -2.21
CA VAL B 232 29.02 -22.68 -1.32
C VAL B 232 27.97 -21.59 -1.23
N SER B 233 27.39 -21.20 -2.36
CA SER B 233 26.31 -20.21 -2.33
C SER B 233 25.10 -20.72 -1.56
N ALA B 234 24.74 -21.98 -1.77
CA ALA B 234 23.59 -22.54 -1.06
C ALA B 234 23.82 -22.56 0.44
N PHE B 235 25.03 -22.91 0.86
CA PHE B 235 25.34 -22.97 2.29
C PHE B 235 25.41 -21.58 2.91
N ALA B 236 26.00 -20.62 2.20
CA ALA B 236 26.11 -19.27 2.74
C ALA B 236 24.74 -18.61 2.86
N ASN B 237 23.90 -18.76 1.84
CA ASN B 237 22.58 -18.14 1.88
C ASN B 237 21.70 -18.76 2.96
N THR B 238 21.72 -20.07 3.07
CA THR B 238 21.03 -20.77 4.14
C THR B 238 21.94 -20.76 5.37
N GLN B 239 21.65 -21.58 6.37
CA GLN B 239 22.47 -21.65 7.58
C GLN B 239 23.47 -22.79 7.46
N GLY B 240 24.76 -22.45 7.52
CA GLY B 240 25.81 -23.42 7.70
C GLY B 240 26.01 -24.34 6.52
N GLY B 241 26.84 -25.35 6.75
CA GLY B 241 27.06 -26.40 5.76
C GLY B 241 28.44 -27.02 5.76
N TYR B 242 28.49 -28.29 5.40
CA TYR B 242 29.74 -29.02 5.21
C TYR B 242 29.74 -29.68 3.83
N VAL B 243 30.86 -29.58 3.12
CA VAL B 243 31.04 -30.23 1.83
C VAL B 243 32.09 -31.32 2.01
N LEU B 244 31.74 -32.54 1.63
CA LEU B 244 32.63 -33.70 1.78
C LEU B 244 33.10 -34.14 0.40
N ILE B 245 34.41 -34.36 0.28
CA ILE B 245 35.03 -34.76 -0.97
C ILE B 245 35.77 -36.07 -0.73
N GLY B 246 35.36 -37.12 -1.42
CA GLY B 246 35.97 -38.42 -1.26
C GLY B 246 35.07 -39.50 -0.67
N VAL B 247 33.75 -39.33 -0.74
CA VAL B 247 32.80 -40.31 -0.23
C VAL B 247 32.01 -40.86 -1.41
N ASP B 248 31.97 -42.18 -1.53
CA ASP B 248 31.24 -42.81 -2.63
C ASP B 248 29.75 -42.60 -2.47
N ASP B 249 29.06 -42.36 -3.58
CA ASP B 249 27.66 -41.94 -3.52
C ASP B 249 26.77 -43.04 -2.98
N LYS B 250 26.87 -44.25 -3.56
CA LYS B 250 25.89 -45.29 -3.27
C LYS B 250 26.13 -45.93 -1.91
N SER B 251 27.39 -46.18 -1.55
CA SER B 251 27.68 -47.02 -0.40
C SER B 251 28.09 -46.23 0.84
N LYS B 252 28.32 -44.92 0.71
CA LYS B 252 28.56 -44.04 1.86
C LYS B 252 29.79 -44.46 2.66
N GLU B 253 30.87 -44.75 1.97
CA GLU B 253 32.14 -45.08 2.60
C GLU B 253 33.24 -44.16 2.08
N VAL B 254 34.30 -44.05 2.87
CA VAL B 254 35.37 -43.07 2.60
C VAL B 254 36.31 -43.73 1.61
N VAL B 255 36.00 -43.57 0.32
CA VAL B 255 36.85 -44.11 -0.72
C VAL B 255 38.15 -43.32 -0.80
N GLY B 256 38.09 -42.01 -0.62
CA GLY B 256 39.25 -41.16 -0.64
C GLY B 256 39.74 -40.87 -2.04
N CYS B 257 40.54 -39.82 -2.14
CA CYS B 257 41.15 -39.41 -3.41
C CYS B 257 42.61 -39.85 -3.41
N LYS B 258 43.04 -40.43 -4.52
CA LYS B 258 44.41 -40.92 -4.63
C LYS B 258 45.39 -39.79 -4.37
N TRP B 259 46.44 -40.09 -3.59
CA TRP B 259 47.42 -39.05 -3.26
C TRP B 259 48.21 -38.64 -4.48
N GLU B 260 48.48 -39.58 -5.39
CA GLU B 260 49.29 -39.29 -6.56
C GLU B 260 48.55 -38.40 -7.55
N LYS B 261 47.22 -38.47 -7.57
CA LYS B 261 46.45 -37.72 -8.55
C LYS B 261 46.56 -36.22 -8.31
N VAL B 262 46.45 -35.78 -7.06
CA VAL B 262 46.50 -34.36 -6.72
C VAL B 262 46.89 -34.21 -5.27
N ASN B 263 47.80 -33.28 -5.00
CA ASN B 263 48.24 -33.05 -3.64
C ASN B 263 47.20 -32.24 -2.86
N PRO B 264 47.17 -32.37 -1.54
CA PRO B 264 46.19 -31.60 -0.76
C PRO B 264 46.35 -30.08 -0.88
N ASP B 265 47.59 -29.59 -0.99
CA ASP B 265 47.81 -28.16 -1.01
C ASP B 265 47.25 -27.52 -2.27
N LEU B 266 47.42 -28.17 -3.42
CA LEU B 266 46.87 -27.66 -4.66
C LEU B 266 45.35 -27.62 -4.62
N LEU B 267 44.73 -28.67 -4.08
CA LEU B 267 43.28 -28.67 -3.94
C LEU B 267 42.81 -27.57 -3.01
N LYS B 268 43.52 -27.36 -1.90
CA LYS B 268 43.16 -26.29 -0.98
C LYS B 268 43.25 -24.93 -1.65
N LYS B 269 44.31 -24.68 -2.43
CA LYS B 269 44.47 -23.39 -3.06
C LYS B 269 43.42 -23.18 -4.15
N GLU B 270 43.06 -24.25 -4.86
CA GLU B 270 41.98 -24.13 -5.84
C GLU B 270 40.65 -23.82 -5.16
N ILE B 271 40.38 -24.44 -4.01
CA ILE B 271 39.15 -24.15 -3.28
C ILE B 271 39.13 -22.69 -2.83
N GLU B 272 40.26 -22.20 -2.31
CA GLU B 272 40.30 -20.80 -1.88
C GLU B 272 40.10 -19.85 -3.06
N ASN B 273 40.73 -20.16 -4.20
CA ASN B 273 40.54 -19.32 -5.38
C ASN B 273 39.07 -19.31 -5.81
N CYS B 274 38.44 -20.49 -5.84
CA CYS B 274 37.06 -20.59 -6.27
C CYS B 274 36.15 -19.78 -5.36
N ILE B 275 36.33 -19.91 -4.04
CA ILE B 275 35.46 -19.20 -3.11
C ILE B 275 35.70 -17.70 -3.18
N GLU B 276 36.96 -17.27 -3.36
CA GLU B 276 37.24 -15.84 -3.45
C GLU B 276 36.64 -15.23 -4.71
N LYS B 277 36.60 -15.99 -5.81
CA LYS B 277 36.06 -15.44 -7.06
C LYS B 277 34.57 -15.20 -6.98
N LEU B 278 33.90 -15.71 -5.95
CA LEU B 278 32.44 -15.65 -5.90
C LEU B 278 31.95 -14.22 -5.72
N PRO B 279 30.99 -13.76 -6.53
CA PRO B 279 30.43 -12.42 -6.32
C PRO B 279 29.60 -12.37 -5.05
N THR B 280 29.51 -11.18 -4.47
CA THR B 280 28.78 -10.96 -3.23
C THR B 280 28.19 -9.56 -3.23
N PHE B 281 27.05 -9.41 -2.55
CA PHE B 281 26.43 -8.11 -2.35
C PHE B 281 26.10 -7.97 -0.88
N HIS B 282 26.39 -6.81 -0.31
CA HIS B 282 26.30 -6.61 1.14
C HIS B 282 25.26 -5.54 1.46
N PHE B 283 24.37 -5.87 2.40
CA PHE B 283 23.38 -4.95 2.93
C PHE B 283 23.83 -4.27 4.20
N CYS B 284 25.03 -4.60 4.68
CA CYS B 284 25.54 -4.12 5.96
C CYS B 284 26.79 -3.29 5.76
N CYS B 285 27.22 -2.61 6.83
CA CYS B 285 28.36 -1.70 6.72
C CYS B 285 29.68 -2.42 6.95
N GLU B 286 29.67 -3.54 7.69
CA GLU B 286 30.90 -4.22 8.03
C GLU B 286 31.59 -4.79 6.79
N LYS B 287 30.81 -5.31 5.85
CA LYS B 287 31.29 -5.95 4.63
C LYS B 287 32.25 -7.11 4.89
N PRO B 288 31.88 -8.12 5.68
CA PRO B 288 32.76 -9.26 5.86
C PRO B 288 32.84 -10.10 4.60
N LYS B 289 33.98 -10.74 4.40
CA LYS B 289 34.12 -11.73 3.34
C LYS B 289 33.53 -13.06 3.79
N VAL B 290 33.26 -13.92 2.82
CA VAL B 290 32.73 -15.24 3.13
C VAL B 290 33.81 -16.05 3.83
N ASN B 291 33.48 -16.59 5.00
CA ASN B 291 34.43 -17.32 5.82
C ASN B 291 34.19 -18.82 5.67
N PHE B 292 35.27 -19.59 5.66
CA PHE B 292 35.21 -21.03 5.45
C PHE B 292 36.50 -21.66 5.97
N THR B 293 36.40 -22.90 6.42
CA THR B 293 37.54 -23.67 6.89
C THR B 293 37.68 -24.91 6.03
N THR B 294 38.87 -25.11 5.46
CA THR B 294 39.19 -26.30 4.68
C THR B 294 40.16 -27.15 5.47
N LYS B 295 39.77 -28.38 5.76
CA LYS B 295 40.59 -29.32 6.52
C LYS B 295 40.76 -30.59 5.70
N ILE B 296 41.98 -31.11 5.69
CA ILE B 296 42.33 -32.25 4.86
C ILE B 296 42.52 -33.46 5.77
N LEU B 297 41.80 -34.54 5.50
CA LEU B 297 41.82 -35.74 6.31
C LEU B 297 42.50 -36.87 5.55
N ASN B 298 43.32 -37.63 6.26
CA ASN B 298 44.12 -38.70 5.68
C ASN B 298 43.47 -40.04 5.97
N VAL B 299 43.41 -40.91 4.97
CA VAL B 299 42.83 -42.24 5.11
C VAL B 299 43.95 -43.28 5.06
N TYR B 300 43.94 -44.19 6.02
CA TYR B 300 44.96 -45.23 6.14
C TYR B 300 44.29 -46.59 6.15
N GLN B 301 44.73 -47.48 5.25
CA GLN B 301 44.32 -48.88 5.28
C GLN B 301 45.48 -49.69 5.84
N LYS B 302 45.29 -50.24 7.05
CA LYS B 302 46.35 -50.94 7.77
C LYS B 302 47.58 -50.05 7.97
N ASP B 303 47.33 -48.78 8.32
CA ASP B 303 48.33 -47.80 8.74
C ASP B 303 49.25 -47.34 7.64
N VAL B 304 49.07 -47.79 6.40
CA VAL B 304 49.83 -47.27 5.27
C VAL B 304 48.94 -46.30 4.51
N LEU B 305 49.50 -45.17 4.11
CA LEU B 305 48.70 -44.10 3.51
C LEU B 305 48.15 -44.52 2.16
N ASP B 306 46.86 -44.22 1.94
CA ASP B 306 46.20 -44.55 0.69
C ASP B 306 45.65 -43.34 -0.05
N GLY B 307 45.31 -42.26 0.65
CA GLY B 307 44.70 -41.12 0.01
C GLY B 307 44.33 -40.07 1.05
N TYR B 308 43.35 -39.25 0.67
CA TYR B 308 42.94 -38.13 1.50
C TYR B 308 41.51 -37.71 1.16
N VAL B 309 40.88 -37.04 2.12
CA VAL B 309 39.50 -36.57 1.99
C VAL B 309 39.43 -35.12 2.43
N CYS B 310 38.78 -34.29 1.64
CA CYS B 310 38.69 -32.85 1.87
C CYS B 310 37.30 -32.50 2.39
N VAL B 311 37.25 -31.72 3.46
CA VAL B 311 36.00 -31.24 4.04
C VAL B 311 36.03 -29.72 4.09
N ILE B 312 35.00 -29.09 3.55
CA ILE B 312 34.89 -27.64 3.51
C ILE B 312 33.70 -27.22 4.35
N GLN B 313 33.93 -26.30 5.28
CA GLN B 313 32.90 -25.82 6.19
C GLN B 313 32.56 -24.38 5.85
N VAL B 314 31.29 -24.10 5.58
CA VAL B 314 30.82 -22.76 5.30
C VAL B 314 29.84 -22.35 6.38
N GLU B 315 30.12 -21.25 7.04
CA GLU B 315 29.25 -20.72 8.08
C GLU B 315 28.17 -19.83 7.49
N PRO B 316 27.04 -19.65 8.18
CA PRO B 316 26.02 -18.73 7.70
C PRO B 316 26.60 -17.35 7.49
N PHE B 317 26.21 -16.72 6.39
CA PHE B 317 26.82 -15.47 5.98
C PHE B 317 25.72 -14.42 5.90
N CYS B 318 26.04 -13.21 6.35
CA CYS B 318 25.01 -12.22 6.65
C CYS B 318 24.18 -11.86 5.43
N CYS B 319 24.82 -11.69 4.28
CA CYS B 319 24.16 -11.20 3.08
C CYS B 319 24.07 -12.30 2.03
N VAL B 320 23.73 -11.92 0.82
CA VAL B 320 23.57 -12.86 -0.28
C VAL B 320 24.91 -13.12 -0.95
N VAL B 321 25.14 -14.36 -1.36
CA VAL B 321 26.35 -14.77 -2.04
C VAL B 321 25.95 -15.45 -3.35
N PHE B 322 26.55 -15.00 -4.45
CA PHE B 322 26.21 -15.48 -5.78
C PHE B 322 27.17 -16.58 -6.21
N ALA B 323 26.63 -17.65 -6.79
CA ALA B 323 27.49 -18.67 -7.38
C ALA B 323 28.29 -18.10 -8.55
N GLU B 324 27.65 -17.28 -9.37
CA GLU B 324 28.33 -16.55 -10.43
C GLU B 324 27.47 -15.34 -10.77
N ALA B 325 27.95 -14.55 -11.73
CA ALA B 325 27.22 -13.34 -12.09
C ALA B 325 25.84 -13.72 -12.59
N PRO B 326 24.79 -13.09 -12.06
CA PRO B 326 23.43 -13.46 -12.47
C PRO B 326 23.21 -13.19 -13.96
N ASP B 327 22.73 -14.20 -14.67
CA ASP B 327 22.58 -14.12 -16.11
C ASP B 327 21.29 -13.38 -16.46
N SER B 328 21.31 -12.08 -16.21
CA SER B 328 20.32 -11.14 -16.68
C SER B 328 21.06 -10.09 -17.50
N TRP B 329 20.51 -9.75 -18.66
CA TRP B 329 21.19 -8.88 -19.60
C TRP B 329 20.43 -7.57 -19.77
N ILE B 330 21.17 -6.51 -20.09
CA ILE B 330 20.61 -5.23 -20.48
C ILE B 330 21.26 -4.81 -21.78
N MET B 331 20.88 -3.64 -22.26
CA MET B 331 21.45 -3.06 -23.46
C MET B 331 22.33 -1.88 -23.06
N LYS B 332 23.59 -1.90 -23.50
CA LYS B 332 24.53 -0.83 -23.22
C LYS B 332 25.46 -0.69 -24.41
N ASP B 333 25.39 0.47 -25.08
CA ASP B 333 26.24 0.78 -26.23
C ASP B 333 26.03 -0.20 -27.37
N ASN B 334 24.77 -0.35 -27.79
CA ASN B 334 24.41 -1.22 -28.91
C ASN B 334 24.86 -2.66 -28.70
N SER B 335 24.90 -3.11 -27.44
CA SER B 335 25.42 -4.44 -27.15
C SER B 335 24.62 -5.07 -26.03
N VAL B 336 24.51 -6.39 -26.08
CA VAL B 336 23.90 -7.16 -25.00
C VAL B 336 24.93 -7.37 -23.91
N THR B 337 24.69 -6.78 -22.74
CA THR B 337 25.64 -6.77 -21.66
C THR B 337 25.09 -7.51 -20.46
N ARG B 338 25.89 -8.40 -19.88
CA ARG B 338 25.50 -9.09 -18.67
C ARG B 338 25.49 -8.13 -17.49
N LEU B 339 24.57 -8.39 -16.56
CA LEU B 339 24.45 -7.60 -15.34
C LEU B 339 25.32 -8.19 -14.25
N THR B 340 26.17 -7.35 -13.66
CA THR B 340 26.94 -7.76 -12.50
C THR B 340 26.01 -7.90 -11.29
N ALA B 341 26.53 -8.50 -10.23
CA ALA B 341 25.72 -8.73 -9.03
C ALA B 341 25.23 -7.42 -8.44
N GLU B 342 26.10 -6.43 -8.31
CA GLU B 342 25.71 -5.14 -7.75
C GLU B 342 24.63 -4.47 -8.59
N GLN B 343 24.85 -4.42 -9.90
CA GLN B 343 23.87 -3.82 -10.79
C GLN B 343 22.55 -4.55 -10.73
N TRP B 344 22.58 -5.88 -10.73
CA TRP B 344 21.36 -6.68 -10.68
C TRP B 344 20.58 -6.42 -9.40
N VAL B 345 21.26 -6.41 -8.26
CA VAL B 345 20.55 -6.23 -6.99
C VAL B 345 19.99 -4.82 -6.89
N VAL B 346 20.75 -3.81 -7.35
CA VAL B 346 20.24 -2.44 -7.34
C VAL B 346 19.01 -2.33 -8.25
N MET B 347 19.08 -2.93 -9.43
CA MET B 347 18.00 -2.80 -10.39
C MET B 347 16.77 -3.59 -9.97
N MET B 348 16.96 -4.65 -9.18
CA MET B 348 15.85 -5.48 -8.78
C MET B 348 15.17 -4.96 -7.52
N LEU B 349 15.94 -4.44 -6.57
CA LEU B 349 15.35 -3.89 -5.37
C LEU B 349 14.98 -2.42 -5.50
N ASP B 350 15.37 -1.77 -6.60
CA ASP B 350 15.07 -0.35 -6.83
C ASP B 350 15.56 0.51 -5.67
N THR B 351 16.77 0.21 -5.20
CA THR B 351 17.35 0.95 -4.09
C THR B 351 18.60 1.72 -4.54
N TYR B 379 7.65 12.77 -11.04
CA TYR B 379 6.50 13.52 -11.52
C TYR B 379 5.34 13.43 -10.53
N PRO B 380 4.57 14.50 -10.41
CA PRO B 380 3.53 14.56 -9.38
C PRO B 380 2.54 13.41 -9.48
N ILE B 381 2.15 12.87 -8.32
CA ILE B 381 1.15 11.82 -8.26
C ILE B 381 -0.20 12.35 -8.71
N LYS B 382 -0.44 13.64 -8.50
CA LYS B 382 -1.72 14.23 -8.90
C LYS B 382 -1.94 14.11 -10.40
N VAL B 383 -0.87 14.09 -11.19
CA VAL B 383 -1.01 13.86 -12.62
C VAL B 383 -1.62 12.48 -12.87
N HIS B 384 -1.13 11.46 -12.19
CA HIS B 384 -1.65 10.12 -12.39
C HIS B 384 -3.04 9.97 -11.77
N LYS B 385 -3.39 10.86 -10.84
CA LYS B 385 -4.74 10.85 -10.31
C LYS B 385 -5.74 11.49 -11.27
N PHE B 386 -5.33 12.55 -11.97
CA PHE B 386 -6.23 13.36 -12.77
C PHE B 386 -6.11 13.11 -14.27
N LYS B 387 -5.25 12.17 -14.69
CA LYS B 387 -5.06 11.95 -16.13
C LYS B 387 -6.33 11.45 -16.80
N GLU B 388 -7.13 10.63 -16.12
CA GLU B 388 -8.34 10.12 -16.73
C GLU B 388 -9.32 11.25 -17.02
N ALA B 389 -9.54 12.12 -16.04
CA ALA B 389 -10.42 13.27 -16.25
C ALA B 389 -9.85 14.20 -17.31
N LEU B 390 -8.53 14.39 -17.32
CA LEU B 390 -7.93 15.27 -18.31
C LEU B 390 -8.12 14.73 -19.72
N GLN B 391 -7.97 13.42 -19.92
CA GLN B 391 -8.14 12.86 -21.24
C GLN B 391 -9.60 12.82 -21.64
N ARG B 392 -10.51 12.66 -20.68
CA ARG B 392 -11.92 12.68 -21.02
C ARG B 392 -12.39 14.08 -21.39
N HIS B 393 -11.79 15.11 -20.77
CA HIS B 393 -12.14 16.48 -21.13
C HIS B 393 -11.50 16.91 -22.43
N LEU B 394 -10.24 16.52 -22.66
CA LEU B 394 -9.48 17.12 -23.75
C LEU B 394 -9.32 16.21 -24.95
N PHE B 395 -9.21 14.90 -24.74
CA PHE B 395 -9.04 13.94 -25.83
C PHE B 395 -10.10 12.85 -25.72
N PRO B 396 -11.36 13.18 -25.96
CA PRO B 396 -12.42 12.18 -25.81
C PRO B 396 -12.49 11.24 -27.01
N VAL B 397 -12.72 9.97 -26.72
CA VAL B 397 -12.91 8.97 -27.77
C VAL B 397 -14.39 8.95 -28.14
N THR B 398 -14.68 9.19 -29.41
CA THR B 398 -16.04 9.27 -29.91
C THR B 398 -16.09 8.68 -31.30
N GLN B 399 -17.29 8.34 -31.75
CA GLN B 399 -17.51 7.81 -33.08
C GLN B 399 -17.58 8.92 -34.13
N GLU B 400 -17.32 10.16 -33.75
CA GLU B 400 -17.40 11.29 -34.65
C GLU B 400 -16.21 11.31 -35.60
N GLU B 401 -16.26 12.26 -36.53
CA GLU B 401 -15.21 12.43 -37.52
C GLU B 401 -13.94 12.92 -36.83
N VAL B 402 -12.79 12.58 -37.43
CA VAL B 402 -11.50 12.76 -36.78
C VAL B 402 -11.32 14.19 -36.30
N GLN B 403 -10.73 14.35 -35.13
CA GLN B 403 -10.57 15.65 -34.50
C GLN B 403 -9.12 16.10 -34.61
N PHE B 404 -8.92 17.38 -34.93
CA PHE B 404 -7.60 17.96 -35.04
C PHE B 404 -7.34 18.81 -33.80
N LYS B 405 -6.29 18.45 -33.06
CA LYS B 405 -5.93 19.10 -31.81
C LYS B 405 -4.44 19.44 -31.80
N PRO B 406 -4.03 20.48 -31.06
CA PRO B 406 -4.84 21.46 -30.34
C PRO B 406 -5.43 22.49 -31.29
N GLU B 407 -6.50 23.17 -30.89
CA GLU B 407 -7.22 24.04 -31.82
C GLU B 407 -6.39 25.24 -32.23
N SER B 408 -5.60 25.79 -31.30
CA SER B 408 -4.83 27.00 -31.60
C SER B 408 -3.78 26.72 -32.68
N LEU B 409 -2.96 25.69 -32.48
CA LEU B 409 -1.93 25.37 -33.45
C LEU B 409 -2.54 24.93 -34.77
N CYS B 410 -3.65 24.20 -34.72
CA CYS B 410 -4.33 23.80 -35.94
C CYS B 410 -4.79 25.01 -36.74
N LYS B 411 -5.39 25.99 -36.06
CA LYS B 411 -5.79 27.22 -36.74
C LYS B 411 -4.60 27.93 -37.36
N LYS B 412 -3.51 28.07 -36.61
CA LYS B 412 -2.34 28.77 -37.13
C LYS B 412 -1.78 28.06 -38.36
N LEU B 413 -1.63 26.74 -38.26
CA LEU B 413 -1.05 25.97 -39.35
C LEU B 413 -1.94 25.98 -40.59
N PHE B 414 -3.26 25.86 -40.40
CA PHE B 414 -4.17 25.80 -41.53
C PHE B 414 -4.33 27.17 -42.17
N SER B 415 -4.22 28.24 -41.39
CA SER B 415 -4.27 29.58 -41.96
C SER B 415 -3.00 29.88 -42.74
N ASP B 416 -1.85 29.46 -42.21
CA ASP B 416 -0.59 29.73 -42.91
C ASP B 416 -0.44 28.84 -44.13
N HIS B 417 -0.94 27.62 -44.09
CA HIS B 417 -0.86 26.66 -45.19
C HIS B 417 -2.25 26.12 -45.46
N LYS B 418 -2.81 26.47 -46.62
CA LYS B 418 -4.20 26.15 -46.91
C LYS B 418 -4.37 24.68 -47.28
N GLU B 419 -3.37 24.08 -47.92
CA GLU B 419 -3.49 22.72 -48.41
C GLU B 419 -3.33 21.68 -47.31
N LEU B 420 -2.94 22.09 -46.10
CA LEU B 420 -2.64 21.12 -45.05
C LEU B 420 -3.88 20.38 -44.60
N GLU B 421 -5.01 21.08 -44.48
CA GLU B 421 -6.27 20.44 -44.11
C GLU B 421 -6.60 19.32 -45.10
N GLY B 422 -6.60 19.64 -46.39
CA GLY B 422 -6.93 18.64 -47.38
C GLY B 422 -5.94 17.50 -47.42
N LEU B 423 -4.65 17.80 -47.29
CA LEU B 423 -3.64 16.75 -47.32
C LEU B 423 -3.83 15.79 -46.17
N MET B 424 -4.10 16.30 -44.96
CA MET B 424 -4.30 15.43 -43.82
C MET B 424 -5.61 14.65 -43.95
N LYS B 425 -6.67 15.27 -44.45
CA LYS B 425 -7.91 14.54 -44.66
C LYS B 425 -7.71 13.39 -45.64
N THR B 426 -6.93 13.61 -46.70
CA THR B 426 -6.64 12.55 -47.65
C THR B 426 -5.81 11.44 -47.03
N LEU B 427 -4.75 11.80 -46.30
CA LEU B 427 -3.87 10.79 -45.74
C LEU B 427 -4.57 9.94 -44.68
N ILE B 428 -5.39 10.57 -43.84
CA ILE B 428 -6.05 9.83 -42.77
C ILE B 428 -7.02 8.80 -43.33
N HIS B 429 -7.67 9.12 -44.44
CA HIS B 429 -8.68 8.23 -45.01
C HIS B 429 -8.04 6.90 -45.41
N PRO B 430 -8.71 5.77 -45.15
CA PRO B 430 -9.94 5.50 -44.51
C PRO B 430 -10.01 5.39 -42.98
N CYS B 431 -10.51 6.45 -42.33
CA CYS B 431 -10.59 6.48 -40.88
C CYS B 431 -11.64 7.51 -40.49
N SER B 432 -12.55 7.12 -39.60
CA SER B 432 -13.55 8.05 -39.09
C SER B 432 -13.28 8.43 -37.64
N GLN B 433 -13.04 7.44 -36.78
CA GLN B 433 -12.77 7.67 -35.37
C GLN B 433 -11.27 7.90 -35.17
N GLY B 434 -10.94 8.91 -34.38
CA GLY B 434 -9.54 9.15 -34.07
C GLY B 434 -9.28 10.60 -33.73
N ILE B 435 -8.06 10.85 -33.25
CA ILE B 435 -7.58 12.18 -32.93
C ILE B 435 -6.23 12.38 -33.60
N VAL B 436 -6.03 13.55 -34.19
CA VAL B 436 -4.75 13.94 -34.75
C VAL B 436 -4.21 15.08 -33.91
N ILE B 437 -3.10 14.85 -33.22
CA ILE B 437 -2.52 15.84 -32.33
C ILE B 437 -1.32 16.48 -33.02
N PHE B 438 -1.39 17.78 -33.23
CA PHE B 438 -0.40 18.52 -33.99
C PHE B 438 0.61 19.16 -33.05
N SER B 439 1.87 19.17 -33.47
CA SER B 439 2.91 19.88 -32.74
C SER B 439 3.87 20.49 -33.75
N ARG B 440 4.40 21.67 -33.42
CA ARG B 440 5.45 22.23 -34.26
C ARG B 440 6.69 21.35 -34.24
N SER B 441 6.97 20.71 -33.11
CA SER B 441 8.06 19.75 -33.00
C SER B 441 7.73 18.79 -31.87
N TRP B 442 7.32 17.57 -32.22
CA TRP B 442 7.12 16.56 -31.19
C TRP B 442 8.43 16.21 -30.51
N ALA B 443 9.54 16.25 -31.26
CA ALA B 443 10.84 16.00 -30.67
C ALA B 443 11.16 17.02 -29.59
N GLY B 444 10.86 18.29 -29.84
CA GLY B 444 11.01 19.29 -28.81
C GLY B 444 10.06 19.08 -27.65
N ASP B 445 8.85 18.58 -27.94
CA ASP B 445 7.87 18.36 -26.89
C ASP B 445 8.23 17.19 -25.99
N VAL B 446 9.08 16.27 -26.46
CA VAL B 446 9.57 15.19 -25.59
C VAL B 446 10.97 15.47 -25.08
N GLY B 447 11.45 16.71 -25.19
CA GLY B 447 12.70 17.11 -24.59
C GLY B 447 13.89 17.11 -25.51
N PHE B 448 13.74 16.71 -26.76
CA PHE B 448 14.87 16.55 -27.66
C PHE B 448 14.96 17.73 -28.62
N ARG B 449 15.87 17.63 -29.59
CA ARG B 449 16.20 18.76 -30.45
C ARG B 449 15.03 19.11 -31.36
N LYS B 450 14.95 20.41 -31.68
CA LYS B 450 13.95 20.94 -32.60
C LYS B 450 14.63 21.20 -33.93
N GLU B 451 13.99 20.76 -35.02
CA GLU B 451 14.53 20.93 -36.35
C GLU B 451 13.75 21.99 -37.11
N GLN B 452 14.47 22.93 -37.72
CA GLN B 452 13.82 24.01 -38.44
C GLN B 452 13.17 23.53 -39.72
N ASN B 453 13.74 22.50 -40.35
CA ASN B 453 13.23 22.03 -41.63
C ASN B 453 11.94 21.24 -41.50
N VAL B 454 11.50 20.95 -40.28
CA VAL B 454 10.26 20.22 -40.05
C VAL B 454 9.15 21.23 -39.80
N LEU B 455 8.18 21.27 -40.71
CA LEU B 455 7.09 22.23 -40.59
C LEU B 455 6.21 21.93 -39.38
N CYS B 456 5.76 20.69 -39.26
CA CYS B 456 4.95 20.28 -38.12
C CYS B 456 4.91 18.76 -38.09
N ASP B 457 4.50 18.23 -36.94
CA ASP B 457 4.32 16.81 -36.76
C ASP B 457 2.88 16.51 -36.33
N ALA B 458 2.28 15.51 -36.96
CA ALA B 458 0.94 15.08 -36.65
C ALA B 458 0.97 13.66 -36.13
N LEU B 459 0.32 13.44 -34.99
CA LEU B 459 0.25 12.13 -34.37
C LEU B 459 -1.18 11.63 -34.48
N LEU B 460 -1.38 10.56 -35.23
CA LEU B 460 -2.70 9.99 -35.48
C LEU B 460 -2.92 8.82 -34.54
N ILE B 461 -3.95 8.92 -33.70
CA ILE B 461 -4.35 7.86 -32.80
C ILE B 461 -5.75 7.43 -33.19
N ALA B 462 -5.94 6.15 -33.44
CA ALA B 462 -7.23 5.65 -33.90
C ALA B 462 -7.41 4.21 -33.46
N VAL B 463 -8.66 3.76 -33.43
CA VAL B 463 -8.96 2.38 -33.08
C VAL B 463 -8.80 1.51 -34.32
N ASN B 464 -8.24 0.32 -34.12
CA ASN B 464 -7.94 -0.62 -35.21
C ASN B 464 -6.98 0.01 -36.22
N SER B 465 -6.08 0.85 -35.74
CA SER B 465 -5.07 1.46 -36.56
C SER B 465 -3.79 1.59 -35.75
N PRO B 466 -2.63 1.50 -36.37
CA PRO B 466 -1.40 1.83 -35.67
C PRO B 466 -1.29 3.33 -35.46
N VAL B 467 -0.53 3.70 -34.44
CA VAL B 467 -0.21 5.10 -34.19
C VAL B 467 0.77 5.53 -35.27
N VAL B 468 0.45 6.61 -35.97
CA VAL B 468 1.24 7.08 -37.10
C VAL B 468 1.70 8.50 -36.81
N LEU B 469 2.98 8.75 -37.02
CA LEU B 469 3.58 10.07 -36.79
C LEU B 469 3.93 10.67 -38.15
N TYR B 470 3.25 11.73 -38.53
CA TYR B 470 3.44 12.39 -39.81
C TYR B 470 4.36 13.58 -39.61
N THR B 471 5.49 13.59 -40.32
CA THR B 471 6.43 14.69 -40.28
C THR B 471 6.36 15.43 -41.61
N ILE B 472 5.92 16.68 -41.56
CA ILE B 472 5.78 17.50 -42.75
C ILE B 472 7.03 18.33 -42.93
N LEU B 473 7.58 18.31 -44.15
CA LEU B 473 8.83 18.96 -44.48
C LEU B 473 8.59 20.14 -45.40
N ILE B 474 9.28 21.25 -45.14
CA ILE B 474 9.17 22.41 -46.02
C ILE B 474 9.82 22.13 -47.36
N ASP B 475 11.04 21.60 -47.35
CA ASP B 475 11.76 21.23 -48.56
C ASP B 475 11.91 19.71 -48.61
N PRO B 476 11.29 19.03 -49.57
CA PRO B 476 11.39 17.56 -49.60
C PRO B 476 12.80 17.04 -49.83
N ASN B 477 13.71 17.86 -50.33
CA ASN B 477 15.07 17.42 -50.61
C ASN B 477 15.96 17.42 -49.38
N TRP B 478 15.40 17.60 -48.19
CA TRP B 478 16.21 17.61 -46.98
C TRP B 478 16.65 16.19 -46.63
N PRO B 479 17.95 15.93 -46.53
CA PRO B 479 18.41 14.54 -46.33
C PRO B 479 17.95 13.90 -45.02
N GLY B 480 17.81 14.68 -43.94
CA GLY B 480 17.65 14.11 -42.63
C GLY B 480 16.23 13.88 -42.16
N GLY B 481 15.27 13.86 -43.08
CA GLY B 481 13.89 13.68 -42.69
C GLY B 481 13.59 12.31 -42.11
N LEU B 482 14.11 11.26 -42.76
CA LEU B 482 13.82 9.91 -42.31
C LEU B 482 14.41 9.64 -40.93
N GLU B 483 15.65 10.08 -40.70
CA GLU B 483 16.26 9.92 -39.39
C GLU B 483 15.50 10.69 -38.33
N TYR B 484 15.06 11.90 -38.66
CA TYR B 484 14.26 12.67 -37.71
C TYR B 484 12.98 11.94 -37.35
N ALA B 485 12.27 11.41 -38.35
CA ALA B 485 11.02 10.71 -38.06
C ALA B 485 11.26 9.47 -37.23
N ARG B 486 12.28 8.69 -37.57
CA ARG B 486 12.56 7.46 -36.83
C ARG B 486 12.92 7.76 -35.38
N ASN B 487 13.82 8.72 -35.17
CA ASN B 487 14.24 9.04 -33.82
C ASN B 487 13.09 9.62 -33.01
N THR B 488 12.27 10.46 -33.63
CA THR B 488 11.12 11.03 -32.92
C THR B 488 10.15 9.96 -32.50
N ALA B 489 9.85 9.00 -33.39
CA ALA B 489 8.95 7.92 -33.01
C ALA B 489 9.52 7.08 -31.89
N HIS B 490 10.83 6.76 -31.97
CA HIS B 490 11.47 5.99 -30.92
C HIS B 490 11.39 6.71 -29.57
N GLN B 491 11.74 7.99 -29.57
CA GLN B 491 11.77 8.75 -28.32
C GLN B 491 10.37 8.91 -27.75
N LEU B 492 9.37 9.11 -28.61
CA LEU B 492 8.00 9.24 -28.14
C LEU B 492 7.50 7.95 -27.53
N LYS B 493 7.78 6.80 -28.15
CA LYS B 493 7.37 5.53 -27.56
C LYS B 493 8.06 5.28 -26.24
N GLN B 494 9.37 5.58 -26.17
CA GLN B 494 10.10 5.37 -24.92
C GLN B 494 9.55 6.28 -23.82
N LYS B 495 9.25 7.53 -24.15
CA LYS B 495 8.65 8.44 -23.17
C LYS B 495 7.30 7.93 -22.71
N LEU B 496 6.48 7.45 -23.63
CA LEU B 496 5.18 6.90 -23.24
C LEU B 496 5.35 5.77 -22.25
N GLN B 497 6.19 4.79 -22.58
CA GLN B 497 6.38 3.63 -21.70
C GLN B 497 6.96 4.04 -20.34
N THR B 498 7.96 4.92 -20.35
CA THR B 498 8.68 5.26 -19.11
C THR B 498 7.89 6.26 -18.26
N VAL B 499 7.68 7.47 -18.79
CA VAL B 499 6.99 8.50 -18.03
C VAL B 499 5.50 8.20 -17.95
N GLY B 500 4.87 7.91 -19.09
CA GLY B 500 3.42 7.79 -19.11
C GLY B 500 2.90 6.56 -18.39
N GLY B 501 3.71 5.53 -18.32
CA GLY B 501 3.31 4.29 -17.69
C GLY B 501 2.50 3.36 -18.57
N TYR B 502 2.61 3.50 -19.89
CA TYR B 502 1.86 2.62 -20.79
C TYR B 502 2.37 1.20 -20.69
N THR B 503 1.45 0.26 -20.49
CA THR B 503 1.76 -1.16 -20.42
C THR B 503 0.93 -1.86 -21.50
N GLY B 504 1.45 -1.85 -22.72
CA GLY B 504 0.74 -2.42 -23.85
C GLY B 504 1.57 -2.29 -25.10
N LYS B 505 1.13 -2.97 -26.15
CA LYS B 505 1.84 -2.99 -27.42
C LYS B 505 1.37 -1.83 -28.27
N VAL B 506 2.29 -0.91 -28.57
CA VAL B 506 2.00 0.25 -29.40
C VAL B 506 3.13 0.39 -30.41
N CYS B 507 2.74 0.69 -31.66
CA CYS B 507 3.70 0.94 -32.72
C CYS B 507 3.48 2.35 -33.26
N ILE B 508 4.52 3.15 -33.25
CA ILE B 508 4.49 4.48 -33.82
C ILE B 508 5.24 4.40 -35.15
N ILE B 509 4.52 4.55 -36.24
CA ILE B 509 5.06 4.32 -37.58
C ILE B 509 5.48 5.66 -38.15
N PRO B 510 6.76 5.87 -38.43
CA PRO B 510 7.21 7.15 -38.99
C PRO B 510 6.81 7.26 -40.46
N ARG B 511 6.06 8.30 -40.79
CA ARG B 511 5.67 8.56 -42.17
C ARG B 511 6.01 10.01 -42.51
N LEU B 512 6.67 10.19 -43.64
CA LEU B 512 7.21 11.48 -44.06
C LEU B 512 6.39 12.00 -45.24
N ILE B 513 5.90 13.23 -45.12
CA ILE B 513 5.07 13.84 -46.16
C ILE B 513 5.61 15.22 -46.48
N HIS B 514 5.17 15.74 -47.62
CA HIS B 514 5.63 17.04 -48.11
C HIS B 514 4.42 17.81 -48.63
N LEU B 515 4.32 19.08 -48.28
CA LEU B 515 3.23 19.91 -48.78
C LEU B 515 3.37 20.18 -50.27
N SER B 516 4.60 20.43 -50.73
CA SER B 516 4.81 20.79 -52.12
C SER B 516 4.43 19.65 -53.06
N SER B 517 4.62 18.42 -52.62
CA SER B 517 4.25 17.27 -53.43
C SER B 517 2.76 17.27 -53.72
N THR B 518 2.41 17.09 -54.99
CA THR B 518 1.02 17.10 -55.42
C THR B 518 0.33 15.79 -55.10
N ILE B 525 5.67 2.16 -48.09
CA ILE B 525 6.22 2.03 -46.75
C ILE B 525 6.32 0.56 -46.36
N PRO B 526 7.54 0.10 -46.09
CA PRO B 526 7.75 -1.32 -45.74
C PRO B 526 7.69 -1.65 -44.25
N LEU B 527 7.23 -0.72 -43.40
CA LEU B 527 7.18 -0.98 -41.98
C LEU B 527 5.97 -1.81 -41.63
N ARG B 528 6.21 -3.07 -41.25
CA ARG B 528 5.16 -4.02 -40.89
C ARG B 528 5.33 -4.39 -39.44
N TYR B 529 4.25 -4.29 -38.68
CA TYR B 529 4.18 -4.68 -37.29
C TYR B 529 3.12 -5.75 -37.13
N PRO B 530 3.19 -6.55 -36.07
CA PRO B 530 2.11 -7.51 -35.81
C PRO B 530 0.80 -6.79 -35.55
N ARG B 531 -0.30 -7.48 -35.85
CA ARG B 531 -1.62 -6.91 -35.67
C ARG B 531 -1.89 -6.58 -34.20
N SER B 532 -1.19 -7.25 -33.29
CA SER B 532 -1.36 -6.97 -31.87
C SER B 532 -0.78 -5.61 -31.47
N TYR B 533 0.00 -4.97 -32.35
CA TYR B 533 0.62 -3.71 -31.99
C TYR B 533 -0.29 -2.53 -32.27
N ARG B 534 -1.33 -2.73 -33.08
CA ARG B 534 -2.30 -1.67 -33.30
C ARG B 534 -3.33 -1.65 -32.17
N LEU B 535 -3.90 -0.47 -31.94
CA LEU B 535 -4.91 -0.32 -30.90
C LEU B 535 -6.14 -1.13 -31.25
N ALA B 536 -6.69 -1.84 -30.26
CA ALA B 536 -7.75 -2.79 -30.50
C ALA B 536 -9.12 -2.31 -30.06
N ASP B 537 -9.21 -1.52 -29.00
CA ASP B 537 -10.49 -1.09 -28.46
C ASP B 537 -10.43 0.39 -28.12
N GLU B 538 -11.57 0.92 -27.69
CA GLU B 538 -11.59 2.29 -27.18
C GLU B 538 -10.84 2.40 -25.86
N GLU B 539 -10.83 1.33 -25.06
CA GLU B 539 -10.10 1.36 -23.80
C GLU B 539 -8.60 1.49 -24.02
N GLU B 540 -8.06 0.80 -25.02
CA GLU B 540 -6.64 0.93 -25.33
C GLU B 540 -6.31 2.35 -25.80
N MET B 541 -7.19 2.93 -26.62
CA MET B 541 -7.00 4.31 -27.05
C MET B 541 -7.03 5.26 -25.86
N GLU B 542 -7.94 5.04 -24.92
CA GLU B 542 -8.01 5.87 -23.73
C GLU B 542 -6.73 5.75 -22.90
N ASP B 543 -6.21 4.53 -22.75
CA ASP B 543 -4.97 4.35 -21.99
C ASP B 543 -3.80 5.04 -22.66
N LEU B 544 -3.69 4.93 -23.99
CA LEU B 544 -2.62 5.64 -24.69
C LEU B 544 -2.76 7.14 -24.55
N LEU B 545 -4.00 7.65 -24.59
CA LEU B 545 -4.21 9.08 -24.45
C LEU B 545 -3.87 9.56 -23.03
N GLN B 546 -4.16 8.75 -22.03
CA GLN B 546 -3.76 9.08 -20.66
C GLN B 546 -2.25 9.10 -20.51
N ALA B 547 -1.56 8.14 -21.13
CA ALA B 547 -0.11 8.15 -21.13
C ALA B 547 0.42 9.41 -21.80
N LEU B 548 -0.18 9.81 -22.92
CA LEU B 548 0.23 11.04 -23.60
C LEU B 548 -0.01 12.26 -22.73
N VAL B 549 -1.11 12.27 -21.98
CA VAL B 549 -1.39 13.38 -21.08
C VAL B 549 -0.30 13.49 -20.03
N VAL B 550 0.09 12.36 -19.44
CA VAL B 550 1.16 12.37 -18.45
C VAL B 550 2.47 12.86 -19.07
N VAL B 551 2.80 12.34 -20.26
CA VAL B 551 4.05 12.71 -20.90
C VAL B 551 4.10 14.20 -21.18
N SER B 552 3.01 14.78 -21.68
CA SER B 552 3.04 16.20 -22.03
C SER B 552 2.97 17.08 -20.80
N LEU B 553 2.24 16.67 -19.75
CA LEU B 553 2.30 17.41 -18.49
C LEU B 553 3.67 17.33 -17.85
N SER B 554 4.49 16.35 -18.23
CA SER B 554 5.85 16.24 -17.74
C SER B 554 6.87 16.93 -18.64
N SER B 555 6.43 17.82 -19.52
CA SER B 555 7.32 18.47 -20.48
C SER B 555 6.90 19.91 -20.69
N ARG B 556 7.61 20.60 -21.59
CA ARG B 556 7.38 22.00 -21.88
C ARG B 556 6.94 22.15 -23.33
N SER B 557 5.69 22.56 -23.53
CA SER B 557 5.13 22.75 -24.85
C SER B 557 3.82 23.52 -24.72
N LEU B 558 3.21 23.83 -25.86
CA LEU B 558 1.91 24.50 -25.84
C LEU B 558 0.83 23.57 -25.28
N LEU B 559 0.80 22.33 -25.76
CA LEU B 559 -0.15 21.36 -25.22
C LEU B 559 0.12 21.11 -23.75
N SER B 560 1.40 21.13 -23.36
CA SER B 560 1.77 21.04 -21.96
C SER B 560 1.14 22.16 -21.15
N ASP B 561 1.21 23.39 -21.67
CA ASP B 561 0.65 24.53 -20.95
C ASP B 561 -0.87 24.45 -20.86
N GLN B 562 -1.54 24.01 -21.93
CA GLN B 562 -3.00 23.96 -21.89
C GLN B 562 -3.48 22.88 -20.93
N MET B 563 -2.89 21.68 -20.98
CA MET B 563 -3.26 20.69 -19.99
C MET B 563 -2.81 21.09 -18.59
N GLY B 564 -1.77 21.92 -18.48
CA GLY B 564 -1.41 22.45 -17.18
C GLY B 564 -2.50 23.35 -16.61
N CYS B 565 -3.10 24.18 -17.47
CA CYS B 565 -4.20 25.02 -17.02
C CYS B 565 -5.40 24.18 -16.58
N GLU B 566 -5.74 23.14 -17.35
CA GLU B 566 -6.86 22.29 -16.93
C GLU B 566 -6.54 21.53 -15.64
N PHE B 567 -5.30 21.04 -15.52
CA PHE B 567 -4.84 20.39 -14.30
C PHE B 567 -4.94 21.31 -13.10
N PHE B 568 -4.55 22.57 -13.28
CA PHE B 568 -4.63 23.53 -12.19
C PHE B 568 -6.07 23.83 -11.83
N ASN B 569 -6.97 23.83 -12.82
CA ASN B 569 -8.39 23.99 -12.51
C ASN B 569 -8.89 22.85 -11.63
N LEU B 570 -8.52 21.61 -11.97
CA LEU B 570 -8.94 20.48 -11.15
C LEU B 570 -8.34 20.55 -9.75
N LEU B 571 -7.07 20.94 -9.65
CA LEU B 571 -6.41 21.06 -8.35
C LEU B 571 -7.08 22.14 -7.50
N ILE B 572 -7.46 23.25 -8.13
CA ILE B 572 -8.13 24.33 -7.40
C ILE B 572 -9.50 23.89 -6.94
N MET B 573 -10.19 23.09 -7.76
CA MET B 573 -11.45 22.51 -7.30
C MET B 573 -11.25 21.67 -6.05
N GLU B 574 -10.20 20.84 -6.05
CA GLU B 574 -9.95 19.99 -4.87
C GLU B 574 -9.59 20.83 -3.65
N GLN B 575 -8.72 21.81 -3.80
CA GLN B 575 -8.40 22.69 -2.66
C GLN B 575 -9.60 23.47 -2.18
N SER B 576 -10.44 23.97 -3.08
CA SER B 576 -11.61 24.71 -2.66
C SER B 576 -12.55 23.81 -1.87
N GLN B 577 -12.73 22.58 -2.32
CA GLN B 577 -13.56 21.65 -1.57
C GLN B 577 -12.97 21.39 -0.18
N LEU B 578 -11.66 21.23 -0.09
CA LEU B 578 -11.03 20.99 1.21
C LEU B 578 -11.15 22.19 2.13
N LEU B 579 -10.97 23.40 1.59
CA LEU B 579 -11.01 24.61 2.39
C LEU B 579 -12.43 24.97 2.81
N SER B 580 -13.42 24.57 2.01
CA SER B 580 -14.80 24.92 2.31
C SER B 580 -15.28 24.28 3.59
N GLU B 581 -14.58 23.27 4.09
CA GLU B 581 -14.95 22.65 5.35
C GLU B 581 -14.83 23.62 6.52
N SER B 582 -14.08 24.71 6.34
CA SER B 582 -13.93 25.68 7.41
C SER B 582 -15.11 26.61 7.51
N LEU B 583 -16.01 26.59 6.52
CA LEU B 583 -17.19 27.44 6.56
C LEU B 583 -18.11 27.03 7.71
N GLN B 584 -18.13 25.74 8.04
CA GLN B 584 -18.98 25.23 9.10
C GLN B 584 -18.33 25.31 10.47
N LYS B 585 -17.05 25.65 10.55
CA LYS B 585 -16.33 25.69 11.80
C LYS B 585 -15.87 27.08 12.20
N THR B 586 -15.77 28.01 11.27
CA THR B 586 -15.33 29.36 11.58
C THR B 586 -16.25 30.36 10.91
N ARG B 587 -16.33 31.54 11.49
CA ARG B 587 -17.06 32.67 10.91
C ARG B 587 -16.15 33.81 10.50
N GLU B 588 -15.17 34.15 11.32
CA GLU B 588 -14.16 35.13 10.98
C GLU B 588 -12.82 34.41 10.91
N LEU B 589 -12.16 34.49 9.76
CA LEU B 589 -10.91 33.77 9.54
C LEU B 589 -9.90 34.67 8.85
N PHE B 590 -8.65 34.55 9.26
CA PHE B 590 -7.54 35.25 8.63
C PHE B 590 -6.70 34.23 7.89
N ILE B 591 -6.78 34.24 6.56
CA ILE B 591 -6.10 33.27 5.73
C ILE B 591 -4.76 33.84 5.31
N TYR B 592 -3.69 33.15 5.71
CA TYR B 592 -2.34 33.55 5.34
C TYR B 592 -1.87 32.71 4.16
N CYS B 593 -1.41 33.38 3.11
CA CYS B 593 -1.10 32.71 1.86
C CYS B 593 0.36 32.92 1.51
N PHE B 594 1.03 31.84 1.14
CA PHE B 594 2.35 31.94 0.55
C PHE B 594 2.26 32.62 -0.81
N PRO B 595 3.37 33.15 -1.32
CA PRO B 595 3.36 33.65 -2.69
C PRO B 595 2.98 32.55 -3.67
N GLY B 596 2.09 32.91 -4.60
CA GLY B 596 1.66 31.97 -5.63
C GLY B 596 0.52 31.06 -5.25
N VAL B 597 -0.28 31.42 -4.24
CA VAL B 597 -1.38 30.57 -3.79
C VAL B 597 -2.61 30.69 -4.67
N ARG B 598 -2.70 31.74 -5.49
CA ARG B 598 -3.88 31.99 -6.32
C ARG B 598 -5.12 32.19 -5.45
N LYS B 599 -5.09 33.26 -4.67
CA LYS B 599 -6.13 33.54 -3.69
C LYS B 599 -7.48 33.77 -4.37
N THR B 600 -7.48 34.33 -5.57
CA THR B 600 -8.72 34.78 -6.19
C THR B 600 -9.61 33.61 -6.61
N ALA B 601 -9.03 32.58 -7.20
CA ALA B 601 -9.81 31.42 -7.59
C ALA B 601 -10.40 30.73 -6.37
N LEU B 602 -9.60 30.59 -5.32
CA LEU B 602 -10.10 30.03 -4.07
C LEU B 602 -11.23 30.88 -3.52
N ALA B 603 -11.10 32.21 -3.60
CA ALA B 603 -12.15 33.09 -3.12
C ALA B 603 -13.45 32.91 -3.90
N ILE B 604 -13.35 32.79 -5.23
CA ILE B 604 -14.54 32.62 -6.05
C ILE B 604 -15.25 31.32 -5.69
N LYS B 605 -14.49 30.24 -5.58
CA LYS B 605 -15.12 28.95 -5.29
C LYS B 605 -15.65 28.92 -3.85
N ILE B 606 -14.99 29.65 -2.94
CA ILE B 606 -15.50 29.73 -1.58
C ILE B 606 -16.81 30.51 -1.53
N MET B 607 -16.93 31.55 -2.37
CA MET B 607 -18.21 32.24 -2.47
C MET B 607 -19.31 31.31 -2.94
N GLU B 608 -19.01 30.52 -3.97
CA GLU B 608 -20.01 29.56 -4.45
C GLU B 608 -20.40 28.60 -3.33
N LYS B 609 -19.42 28.13 -2.57
CA LYS B 609 -19.73 27.20 -1.47
C LYS B 609 -20.53 27.88 -0.37
N ILE B 610 -20.27 29.16 -0.10
CA ILE B 610 -21.08 29.91 0.86
C ILE B 610 -22.52 29.97 0.40
N LYS B 611 -22.72 30.29 -0.88
CA LYS B 611 -24.08 30.37 -1.42
C LYS B 611 -24.79 29.03 -1.32
N ASP B 612 -24.07 27.94 -1.59
CA ASP B 612 -24.67 26.62 -1.47
C ASP B 612 -25.02 26.28 -0.03
N LEU B 613 -24.12 26.57 0.91
CA LEU B 613 -24.28 26.10 2.28
C LEU B 613 -25.34 26.91 3.02
N PHE B 614 -25.32 28.23 2.90
CA PHE B 614 -26.21 29.07 3.67
C PHE B 614 -27.51 29.40 2.95
N HIS B 615 -27.70 28.89 1.73
CA HIS B 615 -28.92 29.09 0.96
C HIS B 615 -29.29 30.56 0.85
N CYS B 616 -28.28 31.40 0.58
CA CYS B 616 -28.49 32.82 0.44
C CYS B 616 -28.46 33.23 -1.03
N LYS B 617 -29.05 34.38 -1.31
CA LYS B 617 -29.04 34.91 -2.67
C LYS B 617 -27.63 35.32 -3.06
N PRO B 618 -27.28 35.21 -4.34
CA PRO B 618 -25.91 35.57 -4.76
C PRO B 618 -25.52 36.99 -4.41
N LYS B 619 -26.47 37.92 -4.38
CA LYS B 619 -26.15 39.31 -4.11
C LYS B 619 -25.99 39.62 -2.63
N GLU B 620 -26.16 38.64 -1.75
CA GLU B 620 -25.93 38.81 -0.33
C GLU B 620 -24.48 38.54 0.08
N ILE B 621 -23.65 38.05 -0.83
CA ILE B 621 -22.24 37.80 -0.58
C ILE B 621 -21.43 38.86 -1.29
N LEU B 622 -20.47 39.46 -0.58
CA LEU B 622 -19.73 40.60 -1.08
C LEU B 622 -18.24 40.28 -1.17
N TYR B 623 -17.61 40.68 -2.27
CA TYR B 623 -16.18 40.62 -2.46
C TYR B 623 -15.60 42.02 -2.42
N VAL B 624 -14.62 42.24 -1.57
CA VAL B 624 -13.93 43.52 -1.43
C VAL B 624 -12.48 43.32 -1.82
N CYS B 625 -12.03 44.05 -2.84
CA CYS B 625 -10.64 44.03 -3.28
C CYS B 625 -10.13 45.46 -3.30
N GLU B 626 -8.85 45.60 -3.62
CA GLU B 626 -8.24 46.92 -3.67
C GLU B 626 -8.11 47.48 -5.08
N SER B 627 -7.95 46.63 -6.08
CA SER B 627 -7.71 47.06 -7.45
C SER B 627 -8.97 46.91 -8.28
N ASP B 628 -9.17 47.86 -9.20
CA ASP B 628 -10.34 47.81 -10.08
C ASP B 628 -10.24 46.67 -11.07
N SER B 629 -9.03 46.34 -11.52
CA SER B 629 -8.86 45.28 -12.50
C SER B 629 -9.33 43.94 -11.95
N LEU B 630 -8.92 43.61 -10.72
CA LEU B 630 -9.39 42.37 -10.10
C LEU B 630 -10.88 42.44 -9.82
N LYS B 631 -11.41 43.63 -9.55
CA LYS B 631 -12.84 43.77 -9.36
C LYS B 631 -13.60 43.38 -10.63
N ASP B 632 -13.14 43.86 -11.78
CA ASP B 632 -13.78 43.51 -13.04
C ASP B 632 -13.63 42.02 -13.33
N PHE B 633 -12.44 41.47 -13.10
CA PHE B 633 -12.22 40.04 -13.31
C PHE B 633 -13.19 39.21 -12.48
N VAL B 634 -13.27 39.48 -11.17
CA VAL B 634 -14.15 38.71 -10.30
C VAL B 634 -15.61 38.95 -10.66
N THR B 635 -15.95 40.17 -11.07
CA THR B 635 -17.33 40.46 -11.47
C THR B 635 -17.73 39.57 -12.63
N GLN B 636 -16.84 39.36 -13.59
CA GLN B 636 -17.17 38.45 -14.68
C GLN B 636 -17.19 37.00 -14.21
N GLN B 637 -16.28 36.60 -13.32
CA GLN B 637 -16.21 35.19 -12.96
C GLN B 637 -17.29 34.77 -11.96
N THR B 638 -17.93 35.71 -11.25
CA THR B 638 -18.87 35.32 -10.21
C THR B 638 -20.15 36.14 -10.30
N THR B 639 -21.24 35.55 -9.81
CA THR B 639 -22.51 36.26 -9.77
C THR B 639 -22.65 37.07 -8.48
N CYS B 640 -21.84 36.76 -7.48
CA CYS B 640 -21.89 37.50 -6.23
C CYS B 640 -21.36 38.92 -6.43
N GLN B 641 -21.79 39.80 -5.55
CA GLN B 641 -21.40 41.21 -5.66
C GLN B 641 -19.91 41.38 -5.41
N ALA B 642 -19.27 42.21 -6.22
CA ALA B 642 -17.85 42.48 -6.12
C ALA B 642 -17.61 43.97 -6.25
N VAL B 643 -17.06 44.57 -5.19
CA VAL B 643 -16.76 46.00 -5.17
C VAL B 643 -15.33 46.18 -4.68
N THR B 644 -14.77 47.36 -4.93
CA THR B 644 -13.47 47.71 -4.41
C THR B 644 -13.61 48.37 -3.05
N ARG B 645 -12.47 48.61 -2.40
CA ARG B 645 -12.49 49.14 -1.04
C ARG B 645 -13.07 50.55 -0.99
N LYS B 646 -12.74 51.38 -1.98
CA LYS B 646 -13.31 52.71 -2.04
C LYS B 646 -14.83 52.66 -2.19
N THR B 647 -15.32 51.81 -3.08
CA THR B 647 -16.77 51.64 -3.22
C THR B 647 -17.37 51.06 -1.95
N PHE B 648 -16.66 50.13 -1.30
CA PHE B 648 -17.16 49.53 -0.08
C PHE B 648 -17.34 50.59 1.01
N MET B 649 -16.36 51.47 1.17
CA MET B 649 -16.42 52.43 2.27
C MET B 649 -17.38 53.57 1.95
N GLN B 650 -17.40 54.03 0.70
CA GLN B 650 -18.37 55.07 0.34
C GLN B 650 -19.80 54.57 0.43
N GLY B 651 -20.05 53.35 -0.05
CA GLY B 651 -21.41 52.85 -0.10
C GLY B 651 -21.89 52.30 1.22
N GLU B 652 -23.18 51.96 1.24
CA GLU B 652 -23.82 51.35 2.40
C GLU B 652 -24.44 50.03 1.96
N PHE B 653 -24.22 48.99 2.76
CA PHE B 653 -24.53 47.61 2.35
C PHE B 653 -25.48 47.00 3.39
N LEU B 654 -26.79 47.15 3.15
CA LEU B 654 -27.77 46.64 4.09
C LEU B 654 -28.01 45.15 3.90
N LYS B 655 -28.06 44.69 2.65
CA LYS B 655 -28.43 43.31 2.37
C LYS B 655 -27.25 42.35 2.36
N ILE B 656 -26.05 42.83 2.62
CA ILE B 656 -24.86 41.96 2.60
C ILE B 656 -24.85 41.13 3.87
N LYS B 657 -24.79 39.81 3.71
CA LYS B 657 -24.75 38.89 4.85
C LYS B 657 -23.39 38.27 5.09
N HIS B 658 -22.57 38.11 4.05
CA HIS B 658 -21.23 37.55 4.17
C HIS B 658 -20.27 38.42 3.38
N ILE B 659 -19.02 38.51 3.86
CA ILE B 659 -18.00 39.32 3.21
C ILE B 659 -16.74 38.48 3.06
N VAL B 660 -16.18 38.46 1.85
CA VAL B 660 -14.89 37.85 1.58
C VAL B 660 -14.00 38.94 1.00
N MET B 661 -12.84 39.14 1.63
CA MET B 661 -11.93 40.22 1.28
C MET B 661 -10.61 39.65 0.80
N ASP B 662 -10.11 40.18 -0.30
CA ASP B 662 -8.84 39.77 -0.89
C ASP B 662 -7.97 41.01 -1.11
N GLU B 663 -6.67 40.79 -1.24
CA GLU B 663 -5.68 41.86 -1.31
C GLU B 663 -5.75 42.74 -0.06
N THR B 664 -5.96 42.10 1.09
CA THR B 664 -6.23 42.84 2.32
C THR B 664 -4.97 43.53 2.84
N GLU B 665 -3.80 43.12 2.38
CA GLU B 665 -2.56 43.73 2.86
C GLU B 665 -2.36 45.14 2.31
N ASN B 666 -2.95 45.44 1.16
CA ASN B 666 -2.78 46.74 0.53
C ASN B 666 -3.84 47.76 0.93
N PHE B 667 -4.74 47.40 1.84
CA PHE B 667 -5.81 48.31 2.23
C PHE B 667 -5.25 49.48 3.03
N CYS B 668 -5.85 50.65 2.81
CA CYS B 668 -5.44 51.88 3.49
C CYS B 668 -6.57 52.34 4.40
N SER B 669 -6.21 52.76 5.61
CA SER B 669 -7.17 53.19 6.61
C SER B 669 -7.42 54.70 6.61
N LYS B 670 -6.85 55.43 5.65
CA LYS B 670 -7.04 56.87 5.60
C LYS B 670 -8.51 57.24 5.38
N TYR B 671 -9.19 56.49 4.50
CA TYR B 671 -10.62 56.73 4.29
C TYR B 671 -11.41 56.42 5.56
N GLY B 672 -11.04 55.37 6.27
CA GLY B 672 -11.73 55.00 7.49
C GLY B 672 -11.33 53.59 7.88
N ASN B 673 -12.10 53.04 8.81
CA ASN B 673 -11.81 51.71 9.35
C ASN B 673 -12.73 50.72 8.64
N TRP B 674 -12.18 50.06 7.61
CA TRP B 674 -12.97 49.09 6.86
C TRP B 674 -13.24 47.83 7.66
N TYR B 675 -12.33 47.47 8.56
CA TYR B 675 -12.52 46.27 9.37
C TYR B 675 -13.73 46.40 10.27
N MET B 676 -13.92 47.57 10.88
CA MET B 676 -15.08 47.77 11.73
C MET B 676 -16.37 47.69 10.92
N LYS B 677 -16.37 48.26 9.71
CA LYS B 677 -17.54 48.16 8.85
C LYS B 677 -17.85 46.71 8.51
N ALA B 678 -16.82 45.94 8.15
CA ALA B 678 -17.03 44.53 7.83
C ALA B 678 -17.57 43.78 9.04
N LYS B 679 -17.03 44.06 10.22
CA LYS B 679 -17.52 43.40 11.43
C LYS B 679 -18.98 43.76 11.70
N ASN B 680 -19.35 45.03 11.55
CA ASN B 680 -20.73 45.43 11.79
C ASN B 680 -21.68 44.77 10.80
N ILE B 681 -21.29 44.68 9.53
CA ILE B 681 -22.15 44.02 8.55
C ILE B 681 -22.27 42.53 8.84
N THR B 682 -21.16 41.90 9.25
CA THR B 682 -21.18 40.45 9.45
C THR B 682 -21.61 40.07 10.86
N HIS B 683 -21.24 40.87 11.86
CA HIS B 683 -21.57 40.58 13.25
C HIS B 683 -22.49 41.67 13.79
N PRO B 684 -23.81 41.50 13.70
CA PRO B 684 -24.71 42.56 14.16
C PRO B 684 -25.07 42.44 15.63
N LYS B 685 -24.99 43.54 16.36
CA LYS B 685 -25.37 43.53 17.77
C LYS B 685 -26.87 43.34 17.92
N ALA B 686 -27.26 42.56 18.94
CA ALA B 686 -28.66 42.28 19.18
C ALA B 686 -29.40 43.56 19.57
N LYS B 687 -30.61 43.73 19.04
CA LYS B 687 -31.44 44.89 19.32
C LYS B 687 -32.70 44.43 20.04
N GLY B 688 -32.61 44.32 21.37
CA GLY B 688 -33.75 43.88 22.16
C GLY B 688 -34.21 42.49 21.78
N THR B 689 -35.53 42.33 21.66
CA THR B 689 -36.14 41.06 21.32
C THR B 689 -36.60 40.99 19.86
N GLY B 690 -36.18 41.95 19.02
CA GLY B 690 -36.62 41.95 17.64
C GLY B 690 -36.13 40.75 16.87
N SER B 691 -34.87 40.37 17.06
CA SER B 691 -34.27 39.24 16.37
C SER B 691 -34.34 38.02 17.28
N GLU B 692 -35.23 37.08 16.94
CA GLU B 692 -35.34 35.85 17.73
C GLU B 692 -34.07 35.01 17.64
N ASN B 693 -33.48 34.91 16.44
CA ASN B 693 -32.26 34.13 16.21
C ASN B 693 -31.31 34.99 15.38
N LEU B 694 -30.46 35.75 16.08
CA LEU B 694 -29.47 36.57 15.39
C LEU B 694 -28.45 35.70 14.68
N HIS B 695 -28.03 36.15 13.50
CA HIS B 695 -27.10 35.39 12.67
C HIS B 695 -25.74 36.09 12.64
N HIS B 696 -24.69 35.28 12.57
CA HIS B 696 -23.33 35.77 12.39
C HIS B 696 -22.86 35.36 11.01
N GLY B 697 -22.31 36.33 10.26
CA GLY B 697 -21.90 36.10 8.90
C GLY B 697 -20.47 35.60 8.80
N ILE B 698 -19.99 35.54 7.57
CA ILE B 698 -18.65 35.09 7.24
C ILE B 698 -17.80 36.31 6.90
N LEU B 699 -16.70 36.48 7.60
CA LEU B 699 -15.72 37.51 7.29
C LEU B 699 -14.38 36.81 7.09
N TRP B 700 -14.08 36.48 5.84
CA TRP B 700 -12.85 35.80 5.48
C TRP B 700 -11.90 36.79 4.84
N LEU B 701 -10.71 36.93 5.41
CA LEU B 701 -9.71 37.86 4.93
C LEU B 701 -8.52 37.07 4.39
N PHE B 702 -8.16 37.35 3.15
CA PHE B 702 -7.03 36.70 2.50
C PHE B 702 -5.83 37.63 2.57
N LEU B 703 -4.76 37.18 3.21
CA LEU B 703 -3.59 37.99 3.49
C LEU B 703 -2.36 37.40 2.82
N ASP B 704 -1.53 38.26 2.24
CA ASP B 704 -0.22 37.88 1.72
C ASP B 704 0.82 38.73 2.43
N PRO B 705 1.44 38.24 3.50
CA PRO B 705 2.39 39.07 4.24
C PRO B 705 3.59 39.50 3.43
N PHE B 706 4.02 38.70 2.46
CA PHE B 706 5.24 38.99 1.73
C PHE B 706 5.05 40.15 0.76
N GLN B 707 3.90 40.21 0.11
CA GLN B 707 3.65 41.23 -0.93
C GLN B 707 2.84 42.39 -0.35
N ILE B 708 3.48 43.11 0.57
CA ILE B 708 2.92 44.33 1.14
C ILE B 708 3.56 45.50 0.44
N HIS B 709 2.75 46.31 -0.25
CA HIS B 709 3.24 47.47 -0.96
C HIS B 709 2.72 48.78 -0.39
N HIS B 710 2.03 48.74 0.74
CA HIS B 710 1.52 49.95 1.38
C HIS B 710 2.17 50.06 2.76
N ALA B 711 3.06 51.04 2.92
CA ALA B 711 3.79 51.19 4.17
C ALA B 711 2.88 51.62 5.30
N ASP B 712 1.77 52.29 4.98
CA ASP B 712 0.85 52.74 6.00
C ASP B 712 0.19 51.56 6.70
N VAL B 713 -0.41 51.84 7.86
CA VAL B 713 -1.11 50.80 8.60
C VAL B 713 -2.28 50.30 7.79
N ASN B 714 -2.46 48.98 7.77
CA ASN B 714 -3.51 48.38 6.94
C ASN B 714 -4.89 48.70 7.49
N GLY B 715 -5.01 48.87 8.80
CA GLY B 715 -6.30 48.92 9.47
C GLY B 715 -6.73 47.61 10.07
N LEU B 716 -5.96 46.55 9.85
CA LEU B 716 -6.24 45.26 10.44
C LEU B 716 -6.03 45.32 11.95
N PRO B 717 -6.62 44.39 12.69
CA PRO B 717 -6.25 44.23 14.09
C PRO B 717 -4.81 43.78 14.19
N PRO B 718 -4.14 44.05 15.30
CA PRO B 718 -2.73 43.67 15.45
C PRO B 718 -2.57 42.17 15.27
N PRO B 719 -1.36 41.71 14.90
CA PRO B 719 -1.17 40.28 14.64
C PRO B 719 -1.54 39.39 15.81
N SER B 720 -1.50 39.90 17.04
CA SER B 720 -1.96 39.12 18.18
C SER B 720 -3.47 38.95 18.22
N ALA B 721 -4.22 39.81 17.54
CA ALA B 721 -5.67 39.72 17.47
C ALA B 721 -6.16 39.09 16.18
N GLN B 722 -5.24 38.63 15.33
CA GLN B 722 -5.60 38.02 14.05
C GLN B 722 -5.82 36.52 14.22
N PHE B 723 -6.89 36.18 14.90
CA PHE B 723 -7.26 34.80 15.18
C PHE B 723 -8.76 34.63 15.03
N PRO B 724 -9.23 33.46 14.61
CA PRO B 724 -8.49 32.26 14.22
C PRO B 724 -7.83 32.43 12.86
N ARG B 725 -6.77 31.70 12.58
CA ARG B 725 -6.00 31.88 11.36
C ARG B 725 -5.76 30.54 10.68
N LYS B 726 -5.58 30.59 9.37
CA LYS B 726 -5.26 29.43 8.55
C LYS B 726 -4.18 29.81 7.56
N THR B 727 -3.20 28.94 7.40
CA THR B 727 -2.12 29.14 6.45
C THR B 727 -2.30 28.16 5.30
N ILE B 728 -2.46 28.68 4.09
CA ILE B 728 -2.70 27.86 2.90
C ILE B 728 -1.37 27.71 2.18
N THR B 729 -0.94 26.46 2.02
CA THR B 729 0.31 26.13 1.37
C THR B 729 0.10 25.45 0.02
N SER B 730 -0.93 24.64 -0.11
CA SER B 730 -1.16 23.82 -1.29
C SER B 730 -1.89 24.55 -2.41
N GLY B 731 -1.78 25.88 -2.49
CA GLY B 731 -2.37 26.61 -3.58
C GLY B 731 -1.42 26.99 -4.71
N ILE B 732 -0.18 26.51 -4.67
CA ILE B 732 0.83 26.95 -5.63
C ILE B 732 0.55 26.30 -6.98
N HIS B 733 0.27 27.12 -7.99
CA HIS B 733 -0.01 26.65 -9.34
C HIS B 733 0.85 27.45 -10.31
N CYS B 734 2.09 27.00 -10.49
CA CYS B 734 3.01 27.64 -11.41
C CYS B 734 4.11 26.64 -11.76
N ALA B 735 5.08 27.12 -12.54
CA ALA B 735 6.21 26.28 -12.92
C ALA B 735 7.13 26.04 -11.73
N LEU B 736 7.97 25.00 -11.86
CA LEU B 736 9.01 24.77 -10.86
C LEU B 736 9.97 25.94 -10.76
N GLU B 737 10.35 26.51 -11.91
CA GLU B 737 11.33 27.58 -11.92
C GLU B 737 10.80 28.85 -11.26
N ILE B 738 9.55 29.20 -11.54
CA ILE B 738 8.94 30.37 -10.91
C ILE B 738 8.83 30.15 -9.41
N ALA B 739 8.46 28.94 -8.99
CA ALA B 739 8.40 28.64 -7.57
C ALA B 739 9.78 28.73 -6.92
N LYS B 740 10.82 28.31 -7.63
CA LYS B 740 12.18 28.42 -7.10
C LYS B 740 12.57 29.88 -6.91
N VAL B 741 12.25 30.73 -7.89
CA VAL B 741 12.53 32.16 -7.76
C VAL B 741 11.80 32.73 -6.56
N MET B 742 10.53 32.35 -6.39
CA MET B 742 9.73 32.87 -5.29
C MET B 742 10.28 32.39 -3.95
N LYS B 743 10.74 31.14 -3.88
CA LYS B 743 11.33 30.65 -2.65
C LYS B 743 12.63 31.37 -2.30
N GLU B 744 13.46 31.63 -3.31
CA GLU B 744 14.68 32.39 -3.05
C GLU B 744 14.37 33.78 -2.53
N GLU B 745 13.39 34.45 -3.14
CA GLU B 745 13.00 35.77 -2.64
C GLU B 745 12.41 35.67 -1.23
N MET B 746 11.70 34.58 -0.94
CA MET B 746 11.15 34.38 0.39
C MET B 746 12.25 34.25 1.44
N LYS B 747 13.29 33.47 1.13
CA LYS B 747 14.42 33.36 2.03
C LYS B 747 15.12 34.70 2.21
N ARG B 748 15.30 35.45 1.12
CA ARG B 748 15.94 36.75 1.22
C ARG B 748 15.15 37.70 2.11
N ILE B 749 13.82 37.67 1.98
CA ILE B 749 12.97 38.55 2.80
C ILE B 749 13.01 38.11 4.27
N LYS B 750 12.93 36.81 4.53
CA LYS B 750 12.94 36.33 5.90
C LYS B 750 14.27 36.65 6.59
N GLU B 751 15.37 36.53 5.86
CA GLU B 751 16.68 36.81 6.46
C GLU B 751 16.81 38.27 6.86
N ASN B 752 16.33 39.19 6.03
CA ASN B 752 16.37 40.63 6.30
C ASN B 752 14.97 41.21 6.16
N PRO B 753 14.10 41.00 7.15
CA PRO B 753 12.73 41.49 7.05
C PRO B 753 12.69 43.01 7.01
N PRO B 754 11.84 43.59 6.17
CA PRO B 754 11.72 45.05 6.13
C PRO B 754 10.90 45.59 7.29
N SER B 755 10.67 46.90 7.25
CA SER B 755 10.04 47.57 8.38
C SER B 755 8.57 47.18 8.52
N ASN B 756 7.83 47.22 7.41
CA ASN B 756 6.38 47.06 7.50
C ASN B 756 5.97 45.67 7.99
N MET B 757 6.64 44.62 7.53
CA MET B 757 6.33 43.30 8.03
C MET B 757 6.89 43.10 9.43
N SER B 758 6.31 42.14 10.15
CA SER B 758 6.63 41.85 11.53
C SER B 758 7.15 40.42 11.65
N PRO B 759 8.00 40.12 12.64
CA PRO B 759 8.55 38.76 12.76
C PRO B 759 7.49 37.68 12.92
N ASP B 760 6.40 37.97 13.63
CA ASP B 760 5.38 36.95 13.85
C ASP B 760 4.74 36.54 12.53
N THR B 761 4.50 37.49 11.63
CA THR B 761 3.91 37.17 10.34
C THR B 761 4.86 36.34 9.49
N LEU B 762 6.17 36.62 9.57
CA LEU B 762 7.13 35.85 8.79
C LEU B 762 7.39 34.49 9.41
N ALA B 763 7.02 34.31 10.68
CA ALA B 763 7.34 33.06 11.37
C ALA B 763 6.57 31.88 10.82
N LEU B 764 5.34 32.09 10.33
CA LEU B 764 4.51 30.96 9.93
C LEU B 764 4.95 30.33 8.61
N PHE B 765 5.81 31.01 7.84
CA PHE B 765 6.18 30.55 6.51
C PHE B 765 7.53 29.83 6.56
N SER B 766 7.49 28.51 6.38
CA SER B 766 8.68 27.66 6.39
C SER B 766 8.94 27.13 4.99
N GLU B 767 10.22 26.93 4.65
CA GLU B 767 10.57 26.46 3.32
C GLU B 767 10.30 24.98 3.13
N THR B 768 10.24 24.20 4.20
CA THR B 768 9.90 22.79 4.05
C THR B 768 8.51 22.62 3.46
N ALA B 769 7.54 23.38 3.96
CA ALA B 769 6.20 23.33 3.41
C ALA B 769 6.18 23.81 1.96
N TYR B 770 6.96 24.84 1.65
CA TYR B 770 6.98 25.37 0.29
C TYR B 770 7.56 24.36 -0.70
N GLU B 771 8.64 23.68 -0.31
CA GLU B 771 9.16 22.59 -1.14
C GLU B 771 8.15 21.46 -1.29
N GLU B 772 7.48 21.07 -0.20
CA GLU B 772 6.50 19.99 -0.33
C GLU B 772 5.40 20.38 -1.31
N ALA B 773 4.88 21.61 -1.21
CA ALA B 773 3.83 22.06 -2.11
C ALA B 773 4.33 22.15 -3.54
N THR B 774 5.50 22.75 -3.76
CA THR B 774 6.02 22.90 -5.12
C THR B 774 6.23 21.55 -5.77
N SER B 775 6.77 20.59 -5.02
CA SER B 775 6.91 19.24 -5.57
C SER B 775 5.55 18.62 -5.84
N ALA B 776 4.55 18.93 -5.01
CA ALA B 776 3.26 18.25 -5.14
C ALA B 776 2.46 18.75 -6.33
N GLN B 777 2.51 20.05 -6.63
CA GLN B 777 1.52 20.64 -7.52
C GLN B 777 2.08 21.60 -8.55
N ALA B 778 3.39 21.64 -8.76
CA ALA B 778 3.96 22.49 -9.79
C ALA B 778 4.39 21.64 -10.98
N LEU B 779 4.45 22.27 -12.14
CA LEU B 779 4.67 21.62 -13.42
C LEU B 779 5.86 22.24 -14.13
N PRO B 780 6.52 21.51 -15.01
CA PRO B 780 7.70 22.05 -15.68
C PRO B 780 7.40 23.29 -16.50
N GLY B 781 8.33 24.23 -16.49
CA GLY B 781 8.14 25.50 -17.15
C GLY B 781 9.46 26.18 -17.45
N VAL B 782 9.38 27.48 -17.70
CA VAL B 782 10.51 28.28 -18.17
C VAL B 782 10.59 29.56 -17.35
N CYS B 783 11.78 29.85 -16.82
CA CYS B 783 12.08 31.14 -16.20
C CYS B 783 13.46 31.58 -16.64
N GLU B 784 13.57 32.79 -17.16
CA GLU B 784 14.82 33.28 -17.71
C GLU B 784 15.04 34.71 -17.27
N THR B 785 16.31 35.10 -17.20
CA THR B 785 16.70 36.43 -16.77
C THR B 785 17.79 36.97 -17.69
N LYS B 786 17.57 38.17 -18.21
CA LYS B 786 18.58 38.86 -19.01
C LYS B 786 18.89 40.18 -18.34
N THR B 787 20.16 40.57 -18.37
CA THR B 787 20.63 41.73 -17.64
C THR B 787 21.49 42.57 -18.56
N ASN B 788 21.46 43.89 -18.34
CA ASN B 788 22.33 44.85 -19.01
C ASN B 788 21.98 44.96 -20.50
N LEU B 789 20.69 45.12 -20.78
CA LEU B 789 20.18 45.31 -22.13
C LEU B 789 19.61 46.72 -22.26
N THR B 790 19.78 47.32 -23.43
CA THR B 790 19.14 48.60 -23.69
C THR B 790 17.71 48.40 -24.17
N THR B 791 17.02 49.52 -24.40
CA THR B 791 15.59 49.47 -24.66
C THR B 791 15.26 48.74 -25.97
N GLU B 792 16.03 48.99 -27.03
CA GLU B 792 15.71 48.34 -28.30
C GLU B 792 16.09 46.87 -28.28
N GLN B 793 17.12 46.51 -27.50
CA GLN B 793 17.41 45.09 -27.32
C GLN B 793 16.29 44.39 -26.58
N ILE B 794 15.72 45.04 -25.55
CA ILE B 794 14.59 44.46 -24.84
C ILE B 794 13.39 44.31 -25.78
N ALA B 795 13.14 45.33 -26.59
CA ALA B 795 12.02 45.25 -27.53
C ALA B 795 12.23 44.13 -28.53
N ASN B 796 13.44 43.99 -29.07
CA ASN B 796 13.71 42.94 -30.03
C ASN B 796 13.57 41.57 -29.39
N TYR B 797 14.06 41.41 -28.16
CA TYR B 797 13.92 40.13 -27.47
C TYR B 797 12.45 39.77 -27.29
N VAL B 798 11.65 40.73 -26.83
CA VAL B 798 10.23 40.44 -26.60
C VAL B 798 9.53 40.12 -27.91
N ALA B 799 9.83 40.88 -28.98
CA ALA B 799 9.20 40.62 -30.26
C ALA B 799 9.56 39.25 -30.80
N ARG B 800 10.84 38.89 -30.72
CA ARG B 800 11.27 37.59 -31.21
C ARG B 800 10.66 36.45 -30.42
N LYS B 801 10.62 36.59 -29.08
CA LYS B 801 10.04 35.54 -28.27
C LYS B 801 8.55 35.40 -28.53
N CYS B 802 7.84 36.53 -28.69
CA CYS B 802 6.42 36.47 -28.99
C CYS B 802 6.16 35.82 -30.33
N HIS B 803 6.98 36.14 -31.34
CA HIS B 803 6.81 35.50 -32.65
C HIS B 803 7.06 34.01 -32.56
N SER B 804 8.09 33.60 -31.82
CA SER B 804 8.36 32.18 -31.66
C SER B 804 7.22 31.46 -30.95
N LEU B 805 6.64 32.10 -29.93
CA LEU B 805 5.54 31.48 -29.21
C LEU B 805 4.28 31.41 -30.08
N PHE B 806 4.02 32.45 -30.87
CA PHE B 806 2.86 32.44 -31.75
C PHE B 806 2.99 31.36 -32.82
N GLN B 807 4.19 31.19 -33.37
CA GLN B 807 4.40 30.13 -34.35
C GLN B 807 4.18 28.75 -33.75
N SER B 808 4.40 28.61 -32.44
CA SER B 808 4.21 27.34 -31.76
C SER B 808 2.78 27.13 -31.28
N GLY B 809 1.89 28.09 -31.55
CA GLY B 809 0.48 27.94 -31.23
C GLY B 809 -0.01 28.74 -30.04
N TYR B 810 0.83 29.57 -29.44
CA TYR B 810 0.38 30.42 -28.34
C TYR B 810 -0.47 31.56 -28.87
N LEU B 811 -1.58 31.82 -28.20
CA LEU B 811 -2.46 32.91 -28.56
C LEU B 811 -1.99 34.20 -27.90
N PRO B 812 -2.36 35.35 -28.46
CA PRO B 812 -1.96 36.62 -27.84
C PRO B 812 -2.52 36.82 -26.44
N LYS B 813 -3.58 36.12 -26.07
CA LYS B 813 -4.15 36.27 -24.74
C LYS B 813 -3.30 35.62 -23.65
N ASP B 814 -2.25 34.91 -24.02
CA ASP B 814 -1.35 34.28 -23.05
C ASP B 814 -0.11 35.11 -22.77
N ILE B 815 0.05 36.27 -23.39
CA ILE B 815 1.23 37.11 -23.23
C ILE B 815 0.84 38.32 -22.42
N ALA B 816 1.64 38.62 -21.39
CA ALA B 816 1.46 39.81 -20.57
C ALA B 816 2.81 40.48 -20.38
N ILE B 817 2.95 41.69 -20.90
CA ILE B 817 4.18 42.46 -20.78
C ILE B 817 3.98 43.48 -19.68
N LEU B 818 4.71 43.32 -18.58
CA LEU B 818 4.53 44.12 -17.38
C LEU B 818 5.80 44.89 -17.09
N CYS B 819 5.65 46.17 -16.79
CA CYS B 819 6.78 47.03 -16.46
C CYS B 819 6.62 47.56 -15.04
N ARG B 820 7.71 47.50 -14.27
CA ARG B 820 7.68 47.98 -12.89
C ARG B 820 7.31 49.45 -12.81
N ARG B 821 8.02 50.30 -13.55
CA ARG B 821 7.79 51.74 -13.50
C ARG B 821 6.71 52.11 -14.51
N GLY B 822 5.64 52.73 -14.01
CA GLY B 822 4.50 53.02 -14.84
C GLY B 822 4.73 54.10 -15.88
N GLU B 823 5.71 54.98 -15.66
CA GLU B 823 5.94 56.06 -16.60
C GLU B 823 6.73 55.60 -17.82
N ASP B 824 7.18 54.35 -17.83
CA ASP B 824 7.87 53.78 -18.98
C ASP B 824 6.94 53.07 -19.95
N ARG B 825 5.63 53.11 -19.70
CA ARG B 825 4.70 52.36 -20.53
C ARG B 825 4.70 52.86 -21.97
N GLY B 826 4.73 54.18 -22.18
CA GLY B 826 4.71 54.71 -23.53
C GLY B 826 5.98 54.38 -24.30
N ARG B 827 7.13 54.55 -23.66
CA ARG B 827 8.39 54.23 -24.31
C ARG B 827 8.47 52.75 -24.69
N TYR B 828 8.09 51.88 -23.75
CA TYR B 828 8.10 50.46 -24.05
C TYR B 828 7.10 50.11 -25.13
N ARG B 829 5.94 50.77 -25.14
CA ARG B 829 4.95 50.51 -26.18
C ARG B 829 5.47 50.88 -27.56
N LEU B 830 6.11 52.05 -27.67
CA LEU B 830 6.67 52.44 -28.96
C LEU B 830 7.76 51.48 -29.41
N ALA B 831 8.68 51.12 -28.50
CA ALA B 831 9.76 50.23 -28.86
C ALA B 831 9.24 48.85 -29.27
N LEU B 832 8.25 48.34 -28.54
CA LEU B 832 7.70 47.02 -28.85
C LEU B 832 6.95 47.05 -30.18
N LEU B 833 6.22 48.13 -30.46
CA LEU B 833 5.54 48.23 -31.74
C LEU B 833 6.54 48.25 -32.89
N LYS B 834 7.64 49.00 -32.74
CA LYS B 834 8.67 49.03 -33.77
C LYS B 834 9.28 47.64 -33.96
N ALA B 835 9.61 46.97 -32.86
CA ALA B 835 10.22 45.65 -32.95
C ALA B 835 9.28 44.65 -33.61
N MET B 836 8.00 44.69 -33.25
CA MET B 836 7.05 43.73 -33.80
C MET B 836 6.75 44.00 -35.25
N GLU B 837 6.73 45.27 -35.67
CA GLU B 837 6.54 45.56 -37.09
C GLU B 837 7.76 45.15 -37.90
N LEU B 838 8.96 45.24 -37.32
CA LEU B 838 10.15 44.80 -38.03
C LEU B 838 10.18 43.27 -38.15
N ILE B 839 9.85 42.57 -37.06
CA ILE B 839 9.88 41.11 -37.09
C ILE B 839 8.82 40.57 -38.04
N GLU B 840 7.57 41.03 -37.90
CA GLU B 840 6.47 40.53 -38.72
C GLU B 840 6.49 41.24 -40.07
N THR B 841 7.39 40.78 -40.94
CA THR B 841 7.49 41.33 -42.29
C THR B 841 6.21 41.07 -43.08
N HIS B 842 5.62 39.89 -42.91
CA HIS B 842 4.34 39.60 -43.55
C HIS B 842 3.24 40.53 -43.06
N ARG B 843 3.20 40.78 -41.75
CA ARG B 843 2.28 41.74 -41.12
C ARG B 843 0.84 41.41 -41.48
N PRO B 844 0.27 40.33 -40.94
CA PRO B 844 -1.11 39.98 -41.27
C PRO B 844 -2.13 40.91 -40.63
N SER B 845 -1.93 41.25 -39.35
CA SER B 845 -2.86 42.09 -38.62
C SER B 845 -2.08 43.07 -37.75
N GLU B 846 -2.74 44.16 -37.37
CA GLU B 846 -2.11 45.16 -36.53
C GLU B 846 -1.85 44.60 -35.14
N VAL B 847 -0.77 45.05 -34.52
CA VAL B 847 -0.43 44.65 -33.16
C VAL B 847 -1.19 45.56 -32.21
N VAL B 848 -2.00 44.96 -31.34
CA VAL B 848 -2.84 45.70 -30.41
C VAL B 848 -2.46 45.32 -29.00
N PHE B 849 -2.17 46.32 -28.17
CA PHE B 849 -1.85 46.14 -26.76
C PHE B 849 -2.99 46.66 -25.91
N SER B 850 -3.40 45.88 -24.94
CA SER B 850 -4.54 46.27 -24.14
C SER B 850 -4.10 46.60 -22.71
N PRO B 851 -4.75 47.57 -22.07
CA PRO B 851 -4.50 47.83 -20.65
C PRO B 851 -4.83 46.61 -19.81
N ALA B 852 -4.40 46.66 -18.55
CA ALA B 852 -4.59 45.53 -17.65
C ALA B 852 -6.07 45.28 -17.35
N THR B 853 -6.95 46.23 -17.67
CA THR B 853 -8.37 45.98 -17.53
C THR B 853 -8.81 44.86 -18.46
N GLY B 854 -8.32 44.84 -19.69
CA GLY B 854 -8.70 43.83 -20.65
C GLY B 854 -7.92 42.55 -20.56
N VAL B 855 -7.90 41.93 -19.38
CA VAL B 855 -7.26 40.63 -19.23
C VAL B 855 -8.06 39.56 -19.97
N TRP B 856 -9.39 39.58 -19.84
CA TRP B 856 -10.25 38.62 -20.51
C TRP B 856 -10.20 38.73 -22.02
N GLY B 857 -9.75 39.86 -22.56
CA GLY B 857 -9.74 40.02 -24.00
C GLY B 857 -8.61 39.27 -24.67
N SER B 858 -8.66 39.24 -25.99
CA SER B 858 -7.67 38.53 -26.80
C SER B 858 -6.63 39.50 -27.34
N HIS B 859 -5.84 40.07 -26.44
CA HIS B 859 -4.78 40.99 -26.81
C HIS B 859 -3.65 40.88 -25.81
N ILE B 860 -2.46 41.32 -26.24
CA ILE B 860 -1.32 41.39 -25.33
C ILE B 860 -1.54 42.51 -24.34
N VAL B 861 -1.19 42.26 -23.08
CA VAL B 861 -1.38 43.22 -22.01
C VAL B 861 -0.06 43.94 -21.78
N LEU B 862 -0.09 45.26 -21.89
CA LEU B 862 1.06 46.11 -21.61
C LEU B 862 0.67 47.12 -20.55
N ASP B 863 1.00 46.83 -19.29
CA ASP B 863 0.62 47.68 -18.18
C ASP B 863 1.59 47.45 -17.04
N SER B 864 1.45 48.28 -16.01
CA SER B 864 2.33 48.19 -14.85
C SER B 864 1.95 47.01 -13.96
N ILE B 865 2.87 46.65 -13.06
CA ILE B 865 2.60 45.56 -12.14
C ILE B 865 1.50 45.93 -11.16
N GLN B 866 1.43 47.21 -10.77
CA GLN B 866 0.38 47.65 -9.87
C GLN B 866 -0.99 47.48 -10.51
N GLN B 867 -1.10 47.76 -11.80
CA GLN B 867 -2.37 47.60 -12.50
C GLN B 867 -2.71 46.14 -12.78
N PHE B 868 -1.75 45.23 -12.65
CA PHE B 868 -1.96 43.83 -12.93
C PHE B 868 -2.11 43.00 -11.66
N SER B 869 -2.40 43.63 -10.54
CA SER B 869 -2.45 42.92 -9.26
C SER B 869 -3.59 41.92 -9.24
N GLY B 870 -3.29 40.70 -8.81
CA GLY B 870 -4.29 39.66 -8.68
C GLY B 870 -4.59 38.91 -9.95
N LEU B 871 -3.99 39.28 -11.07
CA LEU B 871 -4.24 38.64 -12.36
C LEU B 871 -2.99 37.93 -12.85
N GLU B 872 -3.20 36.87 -13.62
CA GLU B 872 -2.10 36.06 -14.12
C GLU B 872 -2.30 35.74 -15.60
N ARG B 873 -1.19 35.49 -16.28
CA ARG B 873 -1.19 34.97 -17.64
C ARG B 873 -0.03 34.00 -17.79
N THR B 874 -0.11 33.17 -18.83
CA THR B 874 0.84 32.08 -18.99
C THR B 874 2.26 32.59 -19.17
N VAL B 875 2.44 33.63 -19.99
CA VAL B 875 3.75 34.19 -20.28
C VAL B 875 3.77 35.62 -19.76
N VAL B 876 4.78 35.95 -18.96
CA VAL B 876 4.93 37.28 -18.39
C VAL B 876 6.32 37.79 -18.72
N PHE B 877 6.37 38.99 -19.29
CA PHE B 877 7.62 39.69 -19.57
C PHE B 877 7.77 40.80 -18.54
N GLY B 878 8.89 40.78 -17.81
CA GLY B 878 9.12 41.79 -16.80
C GLY B 878 10.18 42.79 -17.21
N LEU B 879 9.76 43.99 -17.60
CA LEU B 879 10.68 45.04 -18.04
C LEU B 879 10.88 46.02 -16.89
N SER B 880 12.05 45.96 -16.27
CA SER B 880 12.38 46.80 -15.13
C SER B 880 13.79 47.34 -15.26
N PRO B 881 14.09 48.48 -14.66
CA PRO B 881 15.45 49.00 -14.69
C PRO B 881 16.36 48.21 -13.77
N GLU B 882 17.64 48.55 -13.81
CA GLU B 882 18.64 47.87 -12.99
C GLU B 882 18.29 47.98 -11.52
N CYS B 883 18.35 46.85 -10.82
CA CYS B 883 17.95 46.77 -9.41
C CYS B 883 19.12 46.25 -8.58
N ASP B 884 19.33 46.88 -7.43
CA ASP B 884 20.36 46.44 -6.49
C ASP B 884 19.79 45.34 -5.59
N GLN B 885 20.55 44.98 -4.57
CA GLN B 885 20.12 43.90 -3.67
C GLN B 885 18.87 44.30 -2.89
N SER B 886 18.76 45.58 -2.54
CA SER B 886 17.59 46.05 -1.77
C SER B 886 16.31 45.93 -2.59
N GLU B 887 16.38 46.24 -3.88
CA GLU B 887 15.20 46.29 -4.74
C GLU B 887 14.94 44.98 -5.48
N GLU B 888 15.69 43.93 -5.19
CA GLU B 888 15.48 42.65 -5.86
C GLU B 888 14.20 41.95 -5.41
N PHE B 889 13.51 42.50 -4.41
CA PHE B 889 12.31 41.84 -3.88
C PHE B 889 11.18 41.78 -4.88
N HIS B 890 11.25 42.55 -5.97
CA HIS B 890 10.14 42.59 -6.93
C HIS B 890 10.14 41.43 -7.91
N LYS B 891 11.16 40.57 -7.88
CA LYS B 891 11.05 39.30 -8.59
C LYS B 891 9.83 38.52 -8.10
N LEU B 892 9.52 38.62 -6.80
CA LEU B 892 8.33 37.97 -6.27
C LEU B 892 7.07 38.53 -6.89
N CYS B 893 6.99 39.86 -6.99
CA CYS B 893 5.81 40.50 -7.59
C CYS B 893 5.65 40.10 -9.05
N PHE B 894 6.76 40.05 -9.79
CA PHE B 894 6.71 39.64 -11.19
C PHE B 894 6.33 38.17 -11.32
N ALA B 895 6.83 37.31 -10.43
CA ALA B 895 6.60 35.89 -10.56
C ALA B 895 5.18 35.51 -10.17
N SER B 896 4.58 36.24 -9.24
CA SER B 896 3.21 35.92 -8.84
C SER B 896 2.22 36.15 -9.97
N ARG B 897 2.63 36.84 -11.03
CA ARG B 897 1.76 37.11 -12.16
C ARG B 897 1.92 36.11 -13.29
N ALA B 898 2.91 35.22 -13.22
CA ALA B 898 3.22 34.29 -14.30
C ALA B 898 2.83 32.88 -13.90
N ILE B 899 2.26 32.14 -14.84
CA ILE B 899 1.85 30.77 -14.58
C ILE B 899 2.91 29.77 -15.03
N LYS B 900 3.42 29.90 -16.26
CA LYS B 900 4.40 28.93 -16.75
C LYS B 900 5.62 29.53 -17.41
N HIS B 901 5.60 30.80 -17.79
CA HIS B 901 6.75 31.44 -18.42
C HIS B 901 7.03 32.76 -17.74
N LEU B 902 8.30 33.05 -17.50
CA LEU B 902 8.70 34.31 -16.88
C LEU B 902 10.04 34.75 -17.45
N TYR B 903 10.06 35.89 -18.12
CA TYR B 903 11.25 36.43 -18.79
C TYR B 903 11.54 37.79 -18.18
N LEU B 904 12.38 37.81 -17.15
CA LEU B 904 12.74 39.07 -16.52
C LEU B 904 13.87 39.74 -17.30
N LEU B 905 13.63 40.98 -17.72
CA LEU B 905 14.59 41.73 -18.51
C LEU B 905 14.92 43.02 -17.76
N TYR B 906 16.21 43.32 -17.65
CA TYR B 906 16.68 44.46 -16.88
C TYR B 906 17.38 45.45 -17.80
N GLU B 907 16.97 46.70 -17.74
CA GLU B 907 17.51 47.74 -18.61
C GLU B 907 18.85 48.23 -18.09
N LYS B 908 19.65 48.80 -19.00
CA LYS B 908 20.94 49.36 -18.64
C LYS B 908 20.77 50.56 -17.71
N ARG B 909 21.79 50.78 -16.87
CA ARG B 909 21.78 51.93 -15.99
C ARG B 909 21.80 53.23 -16.80
N ALA B 910 20.98 54.19 -16.39
CA ALA B 910 20.92 55.47 -17.08
C ALA B 910 22.21 56.25 -16.89
N ALA B 911 22.64 56.92 -17.96
CA ALA B 911 23.85 57.73 -17.95
C ALA B 911 23.46 59.21 -17.94
N TYR B 912 24.04 59.96 -17.02
CA TYR B 912 23.74 61.38 -16.88
C TYR B 912 24.97 62.23 -17.17
ZN ZN C . -18.04 -14.61 -16.77
ZN ZN D . 26.76 -8.46 4.89
#